data_2GAR
# 
_entry.id   2GAR 
# 
_audit_conform.dict_name       mmcif_pdbx.dic 
_audit_conform.dict_version    5.392 
_audit_conform.dict_location   http://mmcif.pdb.org/dictionaries/ascii/mmcif_pdbx.dic 
# 
loop_
_database_2.database_id 
_database_2.database_code 
_database_2.pdbx_database_accession 
_database_2.pdbx_DOI 
PDB   2GAR         pdb_00002gar 10.2210/pdb2gar/pdb 
WWPDB D_1000178120 ?            ?                   
# 
loop_
_pdbx_audit_revision_history.ordinal 
_pdbx_audit_revision_history.data_content_type 
_pdbx_audit_revision_history.major_revision 
_pdbx_audit_revision_history.minor_revision 
_pdbx_audit_revision_history.revision_date 
1 'Structure model' 1 0 1998-08-12 
2 'Structure model' 1 1 2008-03-05 
3 'Structure model' 1 2 2011-07-13 
4 'Structure model' 1 3 2021-11-03 
5 'Structure model' 1 4 2023-08-09 
6 'Structure model' 1 5 2024-05-29 
# 
_pdbx_audit_revision_details.ordinal             1 
_pdbx_audit_revision_details.revision_ordinal    1 
_pdbx_audit_revision_details.data_content_type   'Structure model' 
_pdbx_audit_revision_details.provider            repository 
_pdbx_audit_revision_details.type                'Initial release' 
_pdbx_audit_revision_details.description         ? 
_pdbx_audit_revision_details.details             ? 
# 
loop_
_pdbx_audit_revision_group.ordinal 
_pdbx_audit_revision_group.revision_ordinal 
_pdbx_audit_revision_group.data_content_type 
_pdbx_audit_revision_group.group 
1 2 'Structure model' 'Version format compliance' 
2 3 'Structure model' 'Version format compliance' 
3 4 'Structure model' 'Database references'       
4 4 'Structure model' 'Derived calculations'      
5 4 'Structure model' Other                       
6 5 'Structure model' 'Refinement description'    
7 6 'Structure model' 'Data collection'           
# 
loop_
_pdbx_audit_revision_category.ordinal 
_pdbx_audit_revision_category.revision_ordinal 
_pdbx_audit_revision_category.data_content_type 
_pdbx_audit_revision_category.category 
1 4 'Structure model' database_2                    
2 4 'Structure model' pdbx_database_status          
3 4 'Structure model' struct_ref_seq_dif            
4 4 'Structure model' struct_site                   
5 5 'Structure model' pdbx_initial_refinement_model 
6 6 'Structure model' chem_comp_atom                
7 6 'Structure model' chem_comp_bond                
# 
loop_
_pdbx_audit_revision_item.ordinal 
_pdbx_audit_revision_item.revision_ordinal 
_pdbx_audit_revision_item.data_content_type 
_pdbx_audit_revision_item.item 
1 4 'Structure model' '_database_2.pdbx_DOI'                
2 4 'Structure model' '_database_2.pdbx_database_accession' 
3 4 'Structure model' '_pdbx_database_status.process_site'  
4 4 'Structure model' '_struct_ref_seq_dif.details'         
5 4 'Structure model' '_struct_site.pdbx_auth_asym_id'      
6 4 'Structure model' '_struct_site.pdbx_auth_comp_id'      
7 4 'Structure model' '_struct_site.pdbx_auth_seq_id'       
# 
_pdbx_database_status.status_code                     REL 
_pdbx_database_status.entry_id                        2GAR 
_pdbx_database_status.recvd_initial_deposition_date   1998-05-13 
_pdbx_database_status.deposit_site                    ? 
_pdbx_database_status.process_site                    BNL 
_pdbx_database_status.SG_entry                        . 
_pdbx_database_status.pdb_format_compatible           Y 
_pdbx_database_status.status_code_mr                  ? 
_pdbx_database_status.status_code_sf                  ? 
_pdbx_database_status.status_code_cs                  ? 
_pdbx_database_status.status_code_nmr_data            ? 
_pdbx_database_status.methods_development_category    ? 
# 
loop_
_audit_author.name 
_audit_author.pdbx_ordinal 
'Su, Y.'          1 
'Yamashita, M.M.' 2 
'Greasley, S.E.'  3 
'Mullen, C.A.'    4 
'Shim, J.H.'      5 
'Jennings, P.A.'  6 
'Benkovic, S.J.'  7 
'Wilson, I.A.'    8 
# 
loop_
_citation.id 
_citation.title 
_citation.journal_abbrev 
_citation.journal_volume 
_citation.page_first 
_citation.page_last 
_citation.year 
_citation.journal_id_ASTM 
_citation.country 
_citation.journal_id_ISSN 
_citation.journal_id_CSD 
_citation.book_publisher 
_citation.pdbx_database_id_PubMed 
_citation.pdbx_database_id_DOI 
primary 
;A pH-dependent stabilization of an active site loop observed from low and high pH crystal structures of mutant monomeric glycinamide ribonucleotide transformylase at 1.8 to 1.9 A.
;
J.Mol.Biol.            281 485  499 1998 JMOBAK UK 0022-2836 0070 ? 9698564 10.1006/jmbi.1998.1931 
1       
;Towards Structure-Based Drug Design: Crystal Structure of a Multisubstrate Adduct Complex of Glycinamide Ribonucleotide Transformylase at 1.96 A Resolution
;
J.Mol.Biol.            249 153  ?   1995 JMOBAK UK 0022-2836 0070 ? ?       ?                      
2       'Structures of Apo and Complexed Escherichia Coli Glycinamide Ribonucleotide Transformylase' Proc.Natl.Acad.Sci.USA 89  
6114 ?   1992 PNASA6 US 0027-8424 0040 ? ?       ?                      
3       
;Crystal Structure of Glycinamide Ribonucleotide Transformylase from Escherichia Coli at 3.0 A Resolution. A Target Enzyme for Chemotherapy
;
J.Mol.Biol.            227 283  ?   1992 JMOBAK UK 0022-2836 0070 ? ?       ?                      
# 
loop_
_citation_author.citation_id 
_citation_author.name 
_citation_author.ordinal 
_citation_author.identifier_ORCID 
primary 'Su, Y.'             1  ? 
primary 'Yamashita, M.M.'    2  ? 
primary 'Greasley, S.E.'     3  ? 
primary 'Mullen, C.A.'       4  ? 
primary 'Shim, J.H.'         5  ? 
primary 'Jennings, P.A.'     6  ? 
primary 'Benkovic, S.J.'     7  ? 
primary 'Wilson, I.A.'       8  ? 
1       'Klein, C.'          9  ? 
1       'Chen, P.'           10 ? 
1       'Arevalo, J.H.'      11 ? 
1       'Stura, E.A.'        12 ? 
1       'Marolewski, A.'     13 ? 
1       'Warren, M.S.'       14 ? 
1       'Benkovic, S.J.'     15 ? 
1       'Wilson, I.A.'       16 ? 
2       'Almassy, R.J.'      17 ? 
2       'Janson, C.A.'       18 ? 
2       'Kan, C.C.'          19 ? 
2       'Hostomska, Z.'      20 ? 
3       'Chen, P.'           21 ? 
3       'Schulze-Gahmen, U.' 22 ? 
3       'Stura, E.A.'        23 ? 
3       'Inglese, J.'        24 ? 
3       'Johnson, D.L.'      25 ? 
3       'Marolewski, A.'     26 ? 
3       'Benkovic, S.J.'     27 ? 
3       'Wilson, I.A.'       28 ? 
# 
loop_
_entity.id 
_entity.type 
_entity.src_method 
_entity.pdbx_description 
_entity.formula_weight 
_entity.pdbx_number_of_molecules 
_entity.pdbx_ec 
_entity.pdbx_mutation 
_entity.pdbx_fragment 
_entity.details 
1 polymer     man 'GLYCINAMIDE RIBONUCLEOTIDE TRANSFORMYLASE' 23208.217 1   2.1.2.2 E70A ? ? 
2 non-polymer syn 'PHOSPHATE ION'                             94.971    1   ?       ?    ? ? 
3 water       nat water                                       18.015    124 ?       ?    ? ? 
# 
_entity_name_com.entity_id   1 
_entity_name_com.name        GARTFASE 
# 
_entity_poly.entity_id                      1 
_entity_poly.type                           'polypeptide(L)' 
_entity_poly.nstd_linkage                   no 
_entity_poly.nstd_monomer                   no 
_entity_poly.pdbx_seq_one_letter_code       
;MNIVVLISGNGSNLQAIIDACKTNKIKGTVRAVFSNKADAFGLERARQAGIATHTLIASAFDSREAYDRALIHEIDMYAP
DVVVLAGFMRILSPAFVSHYAGRLLNIHPSLLPKYPGLHTHRQALENGDEEHGTSVHFVTDELDGGPVILQAKVPVFAGD
SEDDITARVQTQEHAIYPLVISWFADGRLKMHENAAWLDGQRLPPQGYAADE
;
_entity_poly.pdbx_seq_one_letter_code_can   
;MNIVVLISGNGSNLQAIIDACKTNKIKGTVRAVFSNKADAFGLERARQAGIATHTLIASAFDSREAYDRALIHEIDMYAP
DVVVLAGFMRILSPAFVSHYAGRLLNIHPSLLPKYPGLHTHRQALENGDEEHGTSVHFVTDELDGGPVILQAKVPVFAGD
SEDDITARVQTQEHAIYPLVISWFADGRLKMHENAAWLDGQRLPPQGYAADE
;
_entity_poly.pdbx_strand_id                 A 
_entity_poly.pdbx_target_identifier         ? 
# 
loop_
_pdbx_entity_nonpoly.entity_id 
_pdbx_entity_nonpoly.name 
_pdbx_entity_nonpoly.comp_id 
2 'PHOSPHATE ION' PO4 
3 water           HOH 
# 
loop_
_entity_poly_seq.entity_id 
_entity_poly_seq.num 
_entity_poly_seq.mon_id 
_entity_poly_seq.hetero 
1 1   MET n 
1 2   ASN n 
1 3   ILE n 
1 4   VAL n 
1 5   VAL n 
1 6   LEU n 
1 7   ILE n 
1 8   SER n 
1 9   GLY n 
1 10  ASN n 
1 11  GLY n 
1 12  SER n 
1 13  ASN n 
1 14  LEU n 
1 15  GLN n 
1 16  ALA n 
1 17  ILE n 
1 18  ILE n 
1 19  ASP n 
1 20  ALA n 
1 21  CYS n 
1 22  LYS n 
1 23  THR n 
1 24  ASN n 
1 25  LYS n 
1 26  ILE n 
1 27  LYS n 
1 28  GLY n 
1 29  THR n 
1 30  VAL n 
1 31  ARG n 
1 32  ALA n 
1 33  VAL n 
1 34  PHE n 
1 35  SER n 
1 36  ASN n 
1 37  LYS n 
1 38  ALA n 
1 39  ASP n 
1 40  ALA n 
1 41  PHE n 
1 42  GLY n 
1 43  LEU n 
1 44  GLU n 
1 45  ARG n 
1 46  ALA n 
1 47  ARG n 
1 48  GLN n 
1 49  ALA n 
1 50  GLY n 
1 51  ILE n 
1 52  ALA n 
1 53  THR n 
1 54  HIS n 
1 55  THR n 
1 56  LEU n 
1 57  ILE n 
1 58  ALA n 
1 59  SER n 
1 60  ALA n 
1 61  PHE n 
1 62  ASP n 
1 63  SER n 
1 64  ARG n 
1 65  GLU n 
1 66  ALA n 
1 67  TYR n 
1 68  ASP n 
1 69  ARG n 
1 70  ALA n 
1 71  LEU n 
1 72  ILE n 
1 73  HIS n 
1 74  GLU n 
1 75  ILE n 
1 76  ASP n 
1 77  MET n 
1 78  TYR n 
1 79  ALA n 
1 80  PRO n 
1 81  ASP n 
1 82  VAL n 
1 83  VAL n 
1 84  VAL n 
1 85  LEU n 
1 86  ALA n 
1 87  GLY n 
1 88  PHE n 
1 89  MET n 
1 90  ARG n 
1 91  ILE n 
1 92  LEU n 
1 93  SER n 
1 94  PRO n 
1 95  ALA n 
1 96  PHE n 
1 97  VAL n 
1 98  SER n 
1 99  HIS n 
1 100 TYR n 
1 101 ALA n 
1 102 GLY n 
1 103 ARG n 
1 104 LEU n 
1 105 LEU n 
1 106 ASN n 
1 107 ILE n 
1 108 HIS n 
1 109 PRO n 
1 110 SER n 
1 111 LEU n 
1 112 LEU n 
1 113 PRO n 
1 114 LYS n 
1 115 TYR n 
1 116 PRO n 
1 117 GLY n 
1 118 LEU n 
1 119 HIS n 
1 120 THR n 
1 121 HIS n 
1 122 ARG n 
1 123 GLN n 
1 124 ALA n 
1 125 LEU n 
1 126 GLU n 
1 127 ASN n 
1 128 GLY n 
1 129 ASP n 
1 130 GLU n 
1 131 GLU n 
1 132 HIS n 
1 133 GLY n 
1 134 THR n 
1 135 SER n 
1 136 VAL n 
1 137 HIS n 
1 138 PHE n 
1 139 VAL n 
1 140 THR n 
1 141 ASP n 
1 142 GLU n 
1 143 LEU n 
1 144 ASP n 
1 145 GLY n 
1 146 GLY n 
1 147 PRO n 
1 148 VAL n 
1 149 ILE n 
1 150 LEU n 
1 151 GLN n 
1 152 ALA n 
1 153 LYS n 
1 154 VAL n 
1 155 PRO n 
1 156 VAL n 
1 157 PHE n 
1 158 ALA n 
1 159 GLY n 
1 160 ASP n 
1 161 SER n 
1 162 GLU n 
1 163 ASP n 
1 164 ASP n 
1 165 ILE n 
1 166 THR n 
1 167 ALA n 
1 168 ARG n 
1 169 VAL n 
1 170 GLN n 
1 171 THR n 
1 172 GLN n 
1 173 GLU n 
1 174 HIS n 
1 175 ALA n 
1 176 ILE n 
1 177 TYR n 
1 178 PRO n 
1 179 LEU n 
1 180 VAL n 
1 181 ILE n 
1 182 SER n 
1 183 TRP n 
1 184 PHE n 
1 185 ALA n 
1 186 ASP n 
1 187 GLY n 
1 188 ARG n 
1 189 LEU n 
1 190 LYS n 
1 191 MET n 
1 192 HIS n 
1 193 GLU n 
1 194 ASN n 
1 195 ALA n 
1 196 ALA n 
1 197 TRP n 
1 198 LEU n 
1 199 ASP n 
1 200 GLY n 
1 201 GLN n 
1 202 ARG n 
1 203 LEU n 
1 204 PRO n 
1 205 PRO n 
1 206 GLN n 
1 207 GLY n 
1 208 TYR n 
1 209 ALA n 
1 210 ALA n 
1 211 ASP n 
1 212 GLU n 
# 
_entity_src_gen.entity_id                          1 
_entity_src_gen.pdbx_src_id                        1 
_entity_src_gen.pdbx_alt_source_flag               sample 
_entity_src_gen.pdbx_seq_type                      ? 
_entity_src_gen.pdbx_beg_seq_num                   ? 
_entity_src_gen.pdbx_end_seq_num                   ? 
_entity_src_gen.gene_src_common_name               ? 
_entity_src_gen.gene_src_genus                     Escherichia 
_entity_src_gen.pdbx_gene_src_gene                 ? 
_entity_src_gen.gene_src_species                   ? 
_entity_src_gen.gene_src_strain                    ? 
_entity_src_gen.gene_src_tissue                    ? 
_entity_src_gen.gene_src_tissue_fraction           ? 
_entity_src_gen.gene_src_details                   ? 
_entity_src_gen.pdbx_gene_src_fragment             ? 
_entity_src_gen.pdbx_gene_src_scientific_name      'Escherichia coli' 
_entity_src_gen.pdbx_gene_src_ncbi_taxonomy_id     562 
_entity_src_gen.pdbx_gene_src_variant              ? 
_entity_src_gen.pdbx_gene_src_cell_line            ? 
_entity_src_gen.pdbx_gene_src_atcc                 ? 
_entity_src_gen.pdbx_gene_src_organ                ? 
_entity_src_gen.pdbx_gene_src_organelle            ? 
_entity_src_gen.pdbx_gene_src_cell                 ? 
_entity_src_gen.pdbx_gene_src_cellular_location    ? 
_entity_src_gen.host_org_common_name               ? 
_entity_src_gen.pdbx_host_org_scientific_name      'Escherichia coli' 
_entity_src_gen.pdbx_host_org_ncbi_taxonomy_id     562 
_entity_src_gen.host_org_genus                     Escherichia 
_entity_src_gen.pdbx_host_org_gene                 ? 
_entity_src_gen.pdbx_host_org_organ                ? 
_entity_src_gen.host_org_species                   ? 
_entity_src_gen.pdbx_host_org_tissue               ? 
_entity_src_gen.pdbx_host_org_tissue_fraction      ? 
_entity_src_gen.pdbx_host_org_strain               ? 
_entity_src_gen.pdbx_host_org_variant              ? 
_entity_src_gen.pdbx_host_org_cell_line            ? 
_entity_src_gen.pdbx_host_org_atcc                 ? 
_entity_src_gen.pdbx_host_org_culture_collection   ? 
_entity_src_gen.pdbx_host_org_cell                 ? 
_entity_src_gen.pdbx_host_org_organelle            ? 
_entity_src_gen.pdbx_host_org_cellular_location    ? 
_entity_src_gen.pdbx_host_org_vector_type          ? 
_entity_src_gen.pdbx_host_org_vector               ? 
_entity_src_gen.host_org_details                   ? 
_entity_src_gen.expression_system_id               ? 
_entity_src_gen.plasmid_name                       ? 
_entity_src_gen.plasmid_details                    ? 
_entity_src_gen.pdbx_description                   ? 
# 
loop_
_chem_comp.id 
_chem_comp.type 
_chem_comp.mon_nstd_flag 
_chem_comp.name 
_chem_comp.pdbx_synonyms 
_chem_comp.formula 
_chem_comp.formula_weight 
ALA 'L-peptide linking' y ALANINE         ? 'C3 H7 N O2'     89.093  
ARG 'L-peptide linking' y ARGININE        ? 'C6 H15 N4 O2 1' 175.209 
ASN 'L-peptide linking' y ASPARAGINE      ? 'C4 H8 N2 O3'    132.118 
ASP 'L-peptide linking' y 'ASPARTIC ACID' ? 'C4 H7 N O4'     133.103 
CYS 'L-peptide linking' y CYSTEINE        ? 'C3 H7 N O2 S'   121.158 
GLN 'L-peptide linking' y GLUTAMINE       ? 'C5 H10 N2 O3'   146.144 
GLU 'L-peptide linking' y 'GLUTAMIC ACID' ? 'C5 H9 N O4'     147.129 
GLY 'peptide linking'   y GLYCINE         ? 'C2 H5 N O2'     75.067  
HIS 'L-peptide linking' y HISTIDINE       ? 'C6 H10 N3 O2 1' 156.162 
HOH non-polymer         . WATER           ? 'H2 O'           18.015  
ILE 'L-peptide linking' y ISOLEUCINE      ? 'C6 H13 N O2'    131.173 
LEU 'L-peptide linking' y LEUCINE         ? 'C6 H13 N O2'    131.173 
LYS 'L-peptide linking' y LYSINE          ? 'C6 H15 N2 O2 1' 147.195 
MET 'L-peptide linking' y METHIONINE      ? 'C5 H11 N O2 S'  149.211 
PHE 'L-peptide linking' y PHENYLALANINE   ? 'C9 H11 N O2'    165.189 
PO4 non-polymer         . 'PHOSPHATE ION' ? 'O4 P -3'        94.971  
PRO 'L-peptide linking' y PROLINE         ? 'C5 H9 N O2'     115.130 
SER 'L-peptide linking' y SERINE          ? 'C3 H7 N O3'     105.093 
THR 'L-peptide linking' y THREONINE       ? 'C4 H9 N O3'     119.119 
TRP 'L-peptide linking' y TRYPTOPHAN      ? 'C11 H12 N2 O2'  204.225 
TYR 'L-peptide linking' y TYROSINE        ? 'C9 H11 N O3'    181.189 
VAL 'L-peptide linking' y VALINE          ? 'C5 H11 N O2'    117.146 
# 
loop_
_pdbx_poly_seq_scheme.asym_id 
_pdbx_poly_seq_scheme.entity_id 
_pdbx_poly_seq_scheme.seq_id 
_pdbx_poly_seq_scheme.mon_id 
_pdbx_poly_seq_scheme.ndb_seq_num 
_pdbx_poly_seq_scheme.pdb_seq_num 
_pdbx_poly_seq_scheme.auth_seq_num 
_pdbx_poly_seq_scheme.pdb_mon_id 
_pdbx_poly_seq_scheme.auth_mon_id 
_pdbx_poly_seq_scheme.pdb_strand_id 
_pdbx_poly_seq_scheme.pdb_ins_code 
_pdbx_poly_seq_scheme.hetero 
A 1 1   MET 1   1   1   MET MET A . n 
A 1 2   ASN 2   2   2   ASN ASN A . n 
A 1 3   ILE 3   3   3   ILE ILE A . n 
A 1 4   VAL 4   4   4   VAL VAL A . n 
A 1 5   VAL 5   5   5   VAL VAL A . n 
A 1 6   LEU 6   6   6   LEU LEU A . n 
A 1 7   ILE 7   7   7   ILE ILE A . n 
A 1 8   SER 8   8   8   SER SER A . n 
A 1 9   GLY 9   9   9   GLY GLY A . n 
A 1 10  ASN 10  10  10  ASN ASN A . n 
A 1 11  GLY 11  11  11  GLY GLY A . n 
A 1 12  SER 12  12  12  SER SER A . n 
A 1 13  ASN 13  13  13  ASN ASN A . n 
A 1 14  LEU 14  14  14  LEU LEU A . n 
A 1 15  GLN 15  15  15  GLN GLN A . n 
A 1 16  ALA 16  16  16  ALA ALA A . n 
A 1 17  ILE 17  17  17  ILE ILE A . n 
A 1 18  ILE 18  18  18  ILE ILE A . n 
A 1 19  ASP 19  19  19  ASP ASP A . n 
A 1 20  ALA 20  20  20  ALA ALA A . n 
A 1 21  CYS 21  21  21  CYS CYS A . n 
A 1 22  LYS 22  22  22  LYS LYS A . n 
A 1 23  THR 23  23  23  THR THR A . n 
A 1 24  ASN 24  24  24  ASN ASN A . n 
A 1 25  LYS 25  25  25  LYS LYS A . n 
A 1 26  ILE 26  26  26  ILE ILE A . n 
A 1 27  LYS 27  27  27  LYS LYS A . n 
A 1 28  GLY 28  28  28  GLY GLY A . n 
A 1 29  THR 29  29  29  THR THR A . n 
A 1 30  VAL 30  30  30  VAL VAL A . n 
A 1 31  ARG 31  31  31  ARG ARG A . n 
A 1 32  ALA 32  32  32  ALA ALA A . n 
A 1 33  VAL 33  33  33  VAL VAL A . n 
A 1 34  PHE 34  34  34  PHE PHE A . n 
A 1 35  SER 35  35  35  SER SER A . n 
A 1 36  ASN 36  36  36  ASN ASN A . n 
A 1 37  LYS 37  37  37  LYS LYS A . n 
A 1 38  ALA 38  38  38  ALA ALA A . n 
A 1 39  ASP 39  39  39  ASP ASP A . n 
A 1 40  ALA 40  40  40  ALA ALA A . n 
A 1 41  PHE 41  41  41  PHE PHE A . n 
A 1 42  GLY 42  42  42  GLY GLY A . n 
A 1 43  LEU 43  43  43  LEU LEU A . n 
A 1 44  GLU 44  44  44  GLU GLU A . n 
A 1 45  ARG 45  45  45  ARG ARG A . n 
A 1 46  ALA 46  46  46  ALA ALA A . n 
A 1 47  ARG 47  47  47  ARG ARG A . n 
A 1 48  GLN 48  48  48  GLN GLN A . n 
A 1 49  ALA 49  49  49  ALA ALA A . n 
A 1 50  GLY 50  50  50  GLY GLY A . n 
A 1 51  ILE 51  51  51  ILE ILE A . n 
A 1 52  ALA 52  52  52  ALA ALA A . n 
A 1 53  THR 53  53  53  THR THR A . n 
A 1 54  HIS 54  54  54  HIS HIS A . n 
A 1 55  THR 55  55  55  THR THR A . n 
A 1 56  LEU 56  56  56  LEU LEU A . n 
A 1 57  ILE 57  57  57  ILE ILE A . n 
A 1 58  ALA 58  58  58  ALA ALA A . n 
A 1 59  SER 59  59  59  SER SER A . n 
A 1 60  ALA 60  60  60  ALA ALA A . n 
A 1 61  PHE 61  61  61  PHE PHE A . n 
A 1 62  ASP 62  62  62  ASP ASP A . n 
A 1 63  SER 63  63  63  SER SER A . n 
A 1 64  ARG 64  64  64  ARG ARG A . n 
A 1 65  GLU 65  65  65  GLU GLU A . n 
A 1 66  ALA 66  66  66  ALA ALA A . n 
A 1 67  TYR 67  67  67  TYR TYR A . n 
A 1 68  ASP 68  68  68  ASP ASP A . n 
A 1 69  ARG 69  69  69  ARG ARG A . n 
A 1 70  ALA 70  70  70  ALA ALA A . n 
A 1 71  LEU 71  71  71  LEU LEU A . n 
A 1 72  ILE 72  72  72  ILE ILE A . n 
A 1 73  HIS 73  73  73  HIS HIS A . n 
A 1 74  GLU 74  74  74  GLU GLU A . n 
A 1 75  ILE 75  75  75  ILE ILE A . n 
A 1 76  ASP 76  76  76  ASP ASP A . n 
A 1 77  MET 77  77  77  MET MET A . n 
A 1 78  TYR 78  78  78  TYR TYR A . n 
A 1 79  ALA 79  79  79  ALA ALA A . n 
A 1 80  PRO 80  80  80  PRO PRO A . n 
A 1 81  ASP 81  81  81  ASP ASP A . n 
A 1 82  VAL 82  82  82  VAL VAL A . n 
A 1 83  VAL 83  83  83  VAL VAL A . n 
A 1 84  VAL 84  84  84  VAL VAL A . n 
A 1 85  LEU 85  85  85  LEU LEU A . n 
A 1 86  ALA 86  86  86  ALA ALA A . n 
A 1 87  GLY 87  87  87  GLY GLY A . n 
A 1 88  PHE 88  88  88  PHE PHE A . n 
A 1 89  MET 89  89  89  MET MET A . n 
A 1 90  ARG 90  90  90  ARG ARG A . n 
A 1 91  ILE 91  91  91  ILE ILE A . n 
A 1 92  LEU 92  92  92  LEU LEU A . n 
A 1 93  SER 93  93  93  SER SER A . n 
A 1 94  PRO 94  94  94  PRO PRO A . n 
A 1 95  ALA 95  95  95  ALA ALA A . n 
A 1 96  PHE 96  96  96  PHE PHE A . n 
A 1 97  VAL 97  97  97  VAL VAL A . n 
A 1 98  SER 98  98  98  SER SER A . n 
A 1 99  HIS 99  99  99  HIS HIS A . n 
A 1 100 TYR 100 100 100 TYR TYR A . n 
A 1 101 ALA 101 101 101 ALA ALA A . n 
A 1 102 GLY 102 102 102 GLY GLY A . n 
A 1 103 ARG 103 103 103 ARG ARG A . n 
A 1 104 LEU 104 104 104 LEU LEU A . n 
A 1 105 LEU 105 105 105 LEU LEU A . n 
A 1 106 ASN 106 106 106 ASN ASN A . n 
A 1 107 ILE 107 107 107 ILE ILE A . n 
A 1 108 HIS 108 108 108 HIS HIS A . n 
A 1 109 PRO 109 109 109 PRO PRO A . n 
A 1 110 SER 110 110 110 SER SER A . n 
A 1 111 LEU 111 111 ?   ?   ?   A . n 
A 1 112 LEU 112 112 ?   ?   ?   A . n 
A 1 113 PRO 113 113 ?   ?   ?   A . n 
A 1 114 LYS 114 114 ?   ?   ?   A . n 
A 1 115 TYR 115 115 ?   ?   ?   A . n 
A 1 116 PRO 116 116 ?   ?   ?   A . n 
A 1 117 GLY 117 117 ?   ?   ?   A . n 
A 1 118 LEU 118 118 ?   ?   ?   A . n 
A 1 119 HIS 119 119 ?   ?   ?   A . n 
A 1 120 THR 120 120 ?   ?   ?   A . n 
A 1 121 HIS 121 121 ?   ?   ?   A . n 
A 1 122 ARG 122 122 ?   ?   ?   A . n 
A 1 123 GLN 123 123 ?   ?   ?   A . n 
A 1 124 ALA 124 124 ?   ?   ?   A . n 
A 1 125 LEU 125 125 ?   ?   ?   A . n 
A 1 126 GLU 126 126 ?   ?   ?   A . n 
A 1 127 ASN 127 127 ?   ?   ?   A . n 
A 1 128 GLY 128 128 ?   ?   ?   A . n 
A 1 129 ASP 129 129 ?   ?   ?   A . n 
A 1 130 GLU 130 130 ?   ?   ?   A . n 
A 1 131 GLU 131 131 ?   ?   ?   A . n 
A 1 132 HIS 132 132 132 HIS HIS A . n 
A 1 133 GLY 133 133 133 GLY GLY A . n 
A 1 134 THR 134 134 134 THR THR A . n 
A 1 135 SER 135 135 135 SER SER A . n 
A 1 136 VAL 136 136 136 VAL VAL A . n 
A 1 137 HIS 137 137 137 HIS HIS A . n 
A 1 138 PHE 138 138 138 PHE PHE A . n 
A 1 139 VAL 139 139 139 VAL VAL A . n 
A 1 140 THR 140 140 140 THR THR A . n 
A 1 141 ASP 141 141 141 ASP ASP A . n 
A 1 142 GLU 142 142 142 GLU GLU A . n 
A 1 143 LEU 143 143 143 LEU LEU A . n 
A 1 144 ASP 144 144 144 ASP ASP A . n 
A 1 145 GLY 145 145 145 GLY GLY A . n 
A 1 146 GLY 146 146 146 GLY GLY A . n 
A 1 147 PRO 147 147 147 PRO PRO A . n 
A 1 148 VAL 148 148 148 VAL VAL A . n 
A 1 149 ILE 149 149 149 ILE ILE A . n 
A 1 150 LEU 150 150 150 LEU LEU A . n 
A 1 151 GLN 151 151 151 GLN GLN A . n 
A 1 152 ALA 152 152 152 ALA ALA A . n 
A 1 153 LYS 153 153 153 LYS LYS A . n 
A 1 154 VAL 154 154 154 VAL VAL A . n 
A 1 155 PRO 155 155 155 PRO PRO A . n 
A 1 156 VAL 156 156 156 VAL VAL A . n 
A 1 157 PHE 157 157 157 PHE PHE A . n 
A 1 158 ALA 158 158 158 ALA ALA A . n 
A 1 159 GLY 159 159 159 GLY GLY A . n 
A 1 160 ASP 160 160 160 ASP ASP A . n 
A 1 161 SER 161 161 161 SER SER A . n 
A 1 162 GLU 162 162 162 GLU GLU A . n 
A 1 163 ASP 163 163 163 ASP ASP A . n 
A 1 164 ASP 164 164 164 ASP ASP A . n 
A 1 165 ILE 165 165 165 ILE ILE A . n 
A 1 166 THR 166 166 166 THR THR A . n 
A 1 167 ALA 167 167 167 ALA ALA A . n 
A 1 168 ARG 168 168 168 ARG ARG A . n 
A 1 169 VAL 169 169 169 VAL VAL A . n 
A 1 170 GLN 170 170 170 GLN GLN A . n 
A 1 171 THR 171 171 171 THR THR A . n 
A 1 172 GLN 172 172 172 GLN GLN A . n 
A 1 173 GLU 173 173 173 GLU GLU A . n 
A 1 174 HIS 174 174 174 HIS HIS A . n 
A 1 175 ALA 175 175 175 ALA ALA A . n 
A 1 176 ILE 176 176 176 ILE ILE A . n 
A 1 177 TYR 177 177 177 TYR TYR A . n 
A 1 178 PRO 178 178 178 PRO PRO A . n 
A 1 179 LEU 179 179 179 LEU LEU A . n 
A 1 180 VAL 180 180 180 VAL VAL A . n 
A 1 181 ILE 181 181 181 ILE ILE A . n 
A 1 182 SER 182 182 182 SER SER A . n 
A 1 183 TRP 183 183 183 TRP TRP A . n 
A 1 184 PHE 184 184 184 PHE PHE A . n 
A 1 185 ALA 185 185 185 ALA ALA A . n 
A 1 186 ASP 186 186 186 ASP ASP A . n 
A 1 187 GLY 187 187 187 GLY GLY A . n 
A 1 188 ARG 188 188 188 ARG ARG A . n 
A 1 189 LEU 189 189 189 LEU LEU A . n 
A 1 190 LYS 190 190 190 LYS LYS A . n 
A 1 191 MET 191 191 191 MET MET A . n 
A 1 192 HIS 192 192 192 HIS HIS A . n 
A 1 193 GLU 193 193 193 GLU GLU A . n 
A 1 194 ASN 194 194 194 ASN ASN A . n 
A 1 195 ALA 195 195 195 ALA ALA A . n 
A 1 196 ALA 196 196 196 ALA ALA A . n 
A 1 197 TRP 197 197 197 TRP TRP A . n 
A 1 198 LEU 198 198 198 LEU LEU A . n 
A 1 199 ASP 199 199 199 ASP ASP A . n 
A 1 200 GLY 200 200 200 GLY GLY A . n 
A 1 201 GLN 201 201 201 GLN GLN A . n 
A 1 202 ARG 202 202 202 ARG ARG A . n 
A 1 203 LEU 203 203 203 LEU LEU A . n 
A 1 204 PRO 204 204 204 PRO PRO A . n 
A 1 205 PRO 205 205 205 PRO PRO A . n 
A 1 206 GLN 206 206 206 GLN GLN A . n 
A 1 207 GLY 207 207 207 GLY GLY A . n 
A 1 208 TYR 208 208 208 TYR TYR A . n 
A 1 209 ALA 209 209 209 ALA ALA A . n 
A 1 210 ALA 210 210 ?   ?   ?   A . n 
A 1 211 ASP 211 211 ?   ?   ?   A . n 
A 1 212 GLU 212 212 ?   ?   ?   A . n 
# 
loop_
_pdbx_nonpoly_scheme.asym_id 
_pdbx_nonpoly_scheme.entity_id 
_pdbx_nonpoly_scheme.mon_id 
_pdbx_nonpoly_scheme.ndb_seq_num 
_pdbx_nonpoly_scheme.pdb_seq_num 
_pdbx_nonpoly_scheme.auth_seq_num 
_pdbx_nonpoly_scheme.pdb_mon_id 
_pdbx_nonpoly_scheme.auth_mon_id 
_pdbx_nonpoly_scheme.pdb_strand_id 
_pdbx_nonpoly_scheme.pdb_ins_code 
B 2 PO4 1   221 221 PO4 PO4 A . 
C 3 HOH 1   501 501 HOH HOH A . 
C 3 HOH 2   502 502 HOH HOH A . 
C 3 HOH 3   503 503 HOH HOH A . 
C 3 HOH 4   504 504 HOH HOH A . 
C 3 HOH 5   505 505 HOH HOH A . 
C 3 HOH 6   506 506 HOH HOH A . 
C 3 HOH 7   507 507 HOH HOH A . 
C 3 HOH 8   508 508 HOH HOH A . 
C 3 HOH 9   509 509 HOH HOH A . 
C 3 HOH 10  510 510 HOH HOH A . 
C 3 HOH 11  511 511 HOH HOH A . 
C 3 HOH 12  512 512 HOH HOH A . 
C 3 HOH 13  513 513 HOH HOH A . 
C 3 HOH 14  514 514 HOH HOH A . 
C 3 HOH 15  515 515 HOH HOH A . 
C 3 HOH 16  516 516 HOH HOH A . 
C 3 HOH 17  517 517 HOH HOH A . 
C 3 HOH 18  518 518 HOH HOH A . 
C 3 HOH 19  519 519 HOH HOH A . 
C 3 HOH 20  520 520 HOH HOH A . 
C 3 HOH 21  521 521 HOH HOH A . 
C 3 HOH 22  522 522 HOH HOH A . 
C 3 HOH 23  523 523 HOH HOH A . 
C 3 HOH 24  524 524 HOH HOH A . 
C 3 HOH 25  525 525 HOH HOH A . 
C 3 HOH 26  526 526 HOH HOH A . 
C 3 HOH 27  527 527 HOH HOH A . 
C 3 HOH 28  528 528 HOH HOH A . 
C 3 HOH 29  529 529 HOH HOH A . 
C 3 HOH 30  530 530 HOH HOH A . 
C 3 HOH 31  531 531 HOH HOH A . 
C 3 HOH 32  532 532 HOH HOH A . 
C 3 HOH 33  533 533 HOH HOH A . 
C 3 HOH 34  534 534 HOH HOH A . 
C 3 HOH 35  535 535 HOH HOH A . 
C 3 HOH 36  536 536 HOH HOH A . 
C 3 HOH 37  537 537 HOH HOH A . 
C 3 HOH 38  538 538 HOH HOH A . 
C 3 HOH 39  539 539 HOH HOH A . 
C 3 HOH 40  540 540 HOH HOH A . 
C 3 HOH 41  541 541 HOH HOH A . 
C 3 HOH 42  542 542 HOH HOH A . 
C 3 HOH 43  543 543 HOH HOH A . 
C 3 HOH 44  544 544 HOH HOH A . 
C 3 HOH 45  545 545 HOH HOH A . 
C 3 HOH 46  546 546 HOH HOH A . 
C 3 HOH 47  547 547 HOH HOH A . 
C 3 HOH 48  548 548 HOH HOH A . 
C 3 HOH 49  549 549 HOH HOH A . 
C 3 HOH 50  550 550 HOH HOH A . 
C 3 HOH 51  551 551 HOH HOH A . 
C 3 HOH 52  552 552 HOH HOH A . 
C 3 HOH 53  553 553 HOH HOH A . 
C 3 HOH 54  554 554 HOH HOH A . 
C 3 HOH 55  555 555 HOH HOH A . 
C 3 HOH 56  556 556 HOH HOH A . 
C 3 HOH 57  557 557 HOH HOH A . 
C 3 HOH 58  558 558 HOH HOH A . 
C 3 HOH 59  559 559 HOH HOH A . 
C 3 HOH 60  561 561 HOH HOH A . 
C 3 HOH 61  562 562 HOH HOH A . 
C 3 HOH 62  563 563 HOH HOH A . 
C 3 HOH 63  564 564 HOH HOH A . 
C 3 HOH 64  565 565 HOH HOH A . 
C 3 HOH 65  566 566 HOH HOH A . 
C 3 HOH 66  567 567 HOH HOH A . 
C 3 HOH 67  568 568 HOH HOH A . 
C 3 HOH 68  569 569 HOH HOH A . 
C 3 HOH 69  570 570 HOH HOH A . 
C 3 HOH 70  571 571 HOH HOH A . 
C 3 HOH 71  572 572 HOH HOH A . 
C 3 HOH 72  573 573 HOH HOH A . 
C 3 HOH 73  574 574 HOH HOH A . 
C 3 HOH 74  575 575 HOH HOH A . 
C 3 HOH 75  576 576 HOH HOH A . 
C 3 HOH 76  577 577 HOH HOH A . 
C 3 HOH 77  578 578 HOH HOH A . 
C 3 HOH 78  579 579 HOH HOH A . 
C 3 HOH 79  580 580 HOH HOH A . 
C 3 HOH 80  581 581 HOH HOH A . 
C 3 HOH 81  582 582 HOH HOH A . 
C 3 HOH 82  583 583 HOH HOH A . 
C 3 HOH 83  585 585 HOH HOH A . 
C 3 HOH 84  586 586 HOH HOH A . 
C 3 HOH 85  587 587 HOH HOH A . 
C 3 HOH 86  588 588 HOH HOH A . 
C 3 HOH 87  589 589 HOH HOH A . 
C 3 HOH 88  590 590 HOH HOH A . 
C 3 HOH 89  591 591 HOH HOH A . 
C 3 HOH 90  592 592 HOH HOH A . 
C 3 HOH 91  593 593 HOH HOH A . 
C 3 HOH 92  594 594 HOH HOH A . 
C 3 HOH 93  595 595 HOH HOH A . 
C 3 HOH 94  596 596 HOH HOH A . 
C 3 HOH 95  597 597 HOH HOH A . 
C 3 HOH 96  598 598 HOH HOH A . 
C 3 HOH 97  599 599 HOH HOH A . 
C 3 HOH 98  600 600 HOH HOH A . 
C 3 HOH 99  601 601 HOH HOH A . 
C 3 HOH 100 602 602 HOH HOH A . 
C 3 HOH 101 603 603 HOH HOH A . 
C 3 HOH 102 604 604 HOH HOH A . 
C 3 HOH 103 605 605 HOH HOH A . 
C 3 HOH 104 606 606 HOH HOH A . 
C 3 HOH 105 608 608 HOH HOH A . 
C 3 HOH 106 609 609 HOH HOH A . 
C 3 HOH 107 610 610 HOH HOH A . 
C 3 HOH 108 611 611 HOH HOH A . 
C 3 HOH 109 612 612 HOH HOH A . 
C 3 HOH 110 613 613 HOH HOH A . 
C 3 HOH 111 614 614 HOH HOH A . 
C 3 HOH 112 615 615 HOH HOH A . 
C 3 HOH 113 616 616 HOH HOH A . 
C 3 HOH 114 617 617 HOH HOH A . 
C 3 HOH 115 618 618 HOH HOH A . 
C 3 HOH 116 619 619 HOH HOH A . 
C 3 HOH 117 620 620 HOH HOH A . 
C 3 HOH 118 621 621 HOH HOH A . 
C 3 HOH 119 622 622 HOH HOH A . 
C 3 HOH 120 624 624 HOH HOH A . 
C 3 HOH 121 625 625 HOH HOH A . 
C 3 HOH 122 626 626 HOH HOH A . 
C 3 HOH 123 627 627 HOH HOH A . 
C 3 HOH 124 628 628 HOH HOH A . 
# 
loop_
_software.name 
_software.classification 
_software.version 
_software.citation_id 
_software.pdbx_ordinal 
X-PLOR    'model building' 3.8 ? 1 
X-PLOR    refinement       3.8 ? 2 
DENZO     'data reduction' .   ? 3 
SCALEPACK 'data scaling'   .   ? 4 
X-PLOR    phasing          3.8 ? 5 
# 
_cell.entry_id           2GAR 
_cell.length_a           45.800 
_cell.length_b           47.800 
_cell.length_c           107.200 
_cell.angle_alpha        90.00 
_cell.angle_beta         90.00 
_cell.angle_gamma        90.00 
_cell.Z_PDB              4 
_cell.pdbx_unique_axis   ? 
# 
_symmetry.entry_id                         2GAR 
_symmetry.space_group_name_H-M             'P 21 21 21' 
_symmetry.pdbx_full_space_group_name_H-M   ? 
_symmetry.cell_setting                     ? 
_symmetry.Int_Tables_number                19 
# 
_exptl.entry_id          2GAR 
_exptl.method            'X-RAY DIFFRACTION' 
_exptl.crystals_number   1 
# 
_exptl_crystal.id                    1 
_exptl_crystal.density_meas          ? 
_exptl_crystal.density_Matthews      2.2 
_exptl_crystal.density_percent_sol   44 
_exptl_crystal.description           ? 
# 
_exptl_crystal_grow.crystal_id      1 
_exptl_crystal_grow.method          ? 
_exptl_crystal_grow.temp            ? 
_exptl_crystal_grow.temp_details    ? 
_exptl_crystal_grow.pH              3.5 
_exptl_crystal_grow.pdbx_pH_range   ? 
_exptl_crystal_grow.pdbx_details    'CRYSTAL GREW FROM A SOLUTION OF 2%(V/V) 15% (W/V) PEG 1500, PH 3.5' 
# 
_diffrn.id                     1 
_diffrn.ambient_temp           90 
_diffrn.ambient_temp_details   ? 
_diffrn.crystal_id             1 
# 
_diffrn_detector.diffrn_id              1 
_diffrn_detector.detector               'IMAGE PLATE' 
_diffrn_detector.type                   MARRESEARCH 
_diffrn_detector.pdbx_collection_date   1997-03 
_diffrn_detector.details                MIRRORS 
# 
_diffrn_radiation.diffrn_id                        1 
_diffrn_radiation.wavelength_id                    1 
_diffrn_radiation.pdbx_monochromatic_or_laue_m_l   M 
_diffrn_radiation.monochromator                    'SI(111)' 
_diffrn_radiation.pdbx_diffrn_protocol             ? 
_diffrn_radiation.pdbx_scattering_type             x-ray 
# 
_diffrn_radiation_wavelength.id           1 
_diffrn_radiation_wavelength.wavelength   1.08 
_diffrn_radiation_wavelength.wt           1.0 
# 
_diffrn_source.diffrn_id                   1 
_diffrn_source.source                      SYNCHROTRON 
_diffrn_source.type                        'SSRL BEAMLINE BL7-1' 
_diffrn_source.pdbx_synchrotron_site       SSRL 
_diffrn_source.pdbx_synchrotron_beamline   BL7-1 
_diffrn_source.pdbx_wavelength             1.08 
_diffrn_source.pdbx_wavelength_list        ? 
# 
_reflns.entry_id                     2GAR 
_reflns.observed_criterion_sigma_I   -2.0 
_reflns.observed_criterion_sigma_F   ? 
_reflns.d_resolution_low             50.0 
_reflns.d_resolution_high            1.8 
_reflns.number_obs                   21864 
_reflns.number_all                   ? 
_reflns.percent_possible_obs         97.0 
_reflns.pdbx_Rmerge_I_obs            0.0500000 
_reflns.pdbx_Rsym_value              0.0500000 
_reflns.pdbx_netI_over_sigmaI        26.3 
_reflns.B_iso_Wilson_estimate        19.0 
_reflns.pdbx_redundancy              4.0 
_reflns.pdbx_diffrn_id               1 
_reflns.pdbx_ordinal                 1 
# 
_reflns_shell.d_res_high             1.8 
_reflns_shell.d_res_low              1.84 
_reflns_shell.percent_possible_all   77.6 
_reflns_shell.Rmerge_I_obs           0.2870000 
_reflns_shell.pdbx_Rsym_value        0.2870000 
_reflns_shell.meanI_over_sigI_obs    3.1 
_reflns_shell.pdbx_redundancy        3.4 
_reflns_shell.pdbx_diffrn_id         ? 
_reflns_shell.pdbx_ordinal           1 
# 
_refine.entry_id                                 2GAR 
_refine.ls_number_reflns_obs                     20923 
_refine.ls_number_reflns_all                     ? 
_refine.pdbx_ls_sigma_I                          ? 
_refine.pdbx_ls_sigma_F                          2.0 
_refine.pdbx_data_cutoff_high_absF               10000000.0 
_refine.pdbx_data_cutoff_low_absF                0.001 
_refine.pdbx_data_cutoff_high_rms_absF           ? 
_refine.ls_d_res_low                             50.0 
_refine.ls_d_res_high                            1.8 
_refine.ls_percent_reflns_obs                    97.0 
_refine.ls_R_factor_obs                          0.2010000 
_refine.ls_R_factor_all                          ? 
_refine.ls_R_factor_R_work                       0.2010000 
_refine.ls_R_factor_R_free                       0.2510000 
_refine.ls_R_factor_R_free_error                 0.006 
_refine.ls_R_factor_R_free_error_details         ? 
_refine.ls_percent_reflns_R_free                 8.6 
_refine.ls_number_reflns_R_free                  1807 
_refine.ls_number_parameters                     ? 
_refine.ls_number_restraints                     ? 
_refine.occupancy_min                            ? 
_refine.occupancy_max                            ? 
_refine.B_iso_mean                               25.0 
_refine.aniso_B[1][1]                            ? 
_refine.aniso_B[2][2]                            ? 
_refine.aniso_B[3][3]                            ? 
_refine.aniso_B[1][2]                            ? 
_refine.aniso_B[1][3]                            ? 
_refine.aniso_B[2][3]                            ? 
_refine.solvent_model_details                    ? 
_refine.solvent_model_param_ksol                 ? 
_refine.solvent_model_param_bsol                 ? 
_refine.pdbx_ls_cross_valid_method               THROUGHOUT 
_refine.details                                  
;RESIDUES 111 - 131 HAVE NO OBSERVABLE ELECTRON DENSITY AND
ARE NOT INCLUDED IN THE FINAL MODEL.  RESIDUES 141 - 145,
AND 158 - 165 ARE LOCATED IN FLEXIBLE LOOPS AND HAVE HIGH
B FACTORS.
;
_refine.pdbx_starting_model                      'PDB ENTRY 1GAR' 
_refine.pdbx_method_to_determine_struct          'MOLECULAR REPLACEMENT' 
_refine.pdbx_isotropic_thermal_model             RESTRAINED 
_refine.pdbx_stereochemistry_target_values       ? 
_refine.pdbx_stereochem_target_val_spec_case     ? 
_refine.pdbx_R_Free_selection_details            RANDOM 
_refine.pdbx_overall_ESU_R                       ? 
_refine.pdbx_overall_ESU_R_Free                  ? 
_refine.overall_SU_ML                            ? 
_refine.overall_SU_B                             ? 
_refine.pdbx_refine_id                           'X-RAY DIFFRACTION' 
_refine.pdbx_diffrn_id                           1 
_refine.pdbx_TLS_residual_ADP_flag               ? 
_refine.correlation_coeff_Fo_to_Fc               ? 
_refine.correlation_coeff_Fo_to_Fc_free          ? 
_refine.pdbx_solvent_vdw_probe_radii             ? 
_refine.pdbx_solvent_ion_probe_radii             ? 
_refine.pdbx_solvent_shrinkage_radii             ? 
_refine.pdbx_overall_phase_error                 ? 
_refine.overall_SU_R_Cruickshank_DPI             ? 
_refine.pdbx_overall_SU_R_free_Cruickshank_DPI   ? 
_refine.pdbx_overall_SU_R_Blow_DPI               ? 
_refine.pdbx_overall_SU_R_free_Blow_DPI          ? 
# 
_refine_analyze.entry_id                        2GAR 
_refine_analyze.Luzzati_coordinate_error_obs    0.22 
_refine_analyze.Luzzati_sigma_a_obs             0.20 
_refine_analyze.Luzzati_d_res_low_obs           5.00 
_refine_analyze.Luzzati_coordinate_error_free   0.26 
_refine_analyze.Luzzati_sigma_a_free            0.16 
_refine_analyze.Luzzati_d_res_low_free          ? 
_refine_analyze.number_disordered_residues      ? 
_refine_analyze.occupancy_sum_hydrogen          ? 
_refine_analyze.occupancy_sum_non_hydrogen      ? 
_refine_analyze.pdbx_refine_id                  'X-RAY DIFFRACTION' 
# 
_refine_hist.pdbx_refine_id                   'X-RAY DIFFRACTION' 
_refine_hist.cycle_id                         LAST 
_refine_hist.pdbx_number_atoms_protein        1439 
_refine_hist.pdbx_number_atoms_nucleic_acid   0 
_refine_hist.pdbx_number_atoms_ligand         0 
_refine_hist.number_atoms_solvent             124 
_refine_hist.number_atoms_total               1563 
_refine_hist.d_res_high                       1.8 
_refine_hist.d_res_low                        50.0 
# 
loop_
_refine_ls_restr.type 
_refine_ls_restr.dev_ideal 
_refine_ls_restr.dev_ideal_target 
_refine_ls_restr.weight 
_refine_ls_restr.number 
_refine_ls_restr.pdbx_refine_id 
_refine_ls_restr.pdbx_restraint_function 
x_bond_d                0.01 ?   ? ? 'X-RAY DIFFRACTION' ? 
x_bond_d_na             ?    ?   ? ? 'X-RAY DIFFRACTION' ? 
x_bond_d_prot           ?    ?   ? ? 'X-RAY DIFFRACTION' ? 
x_angle_d               ?    ?   ? ? 'X-RAY DIFFRACTION' ? 
x_angle_d_na            ?    ?   ? ? 'X-RAY DIFFRACTION' ? 
x_angle_d_prot          ?    ?   ? ? 'X-RAY DIFFRACTION' ? 
x_angle_deg             1.4  ?   ? ? 'X-RAY DIFFRACTION' ? 
x_angle_deg_na          ?    ?   ? ? 'X-RAY DIFFRACTION' ? 
x_angle_deg_prot        ?    ?   ? ? 'X-RAY DIFFRACTION' ? 
x_dihedral_angle_d      26.2 ?   ? ? 'X-RAY DIFFRACTION' ? 
x_dihedral_angle_d_na   ?    ?   ? ? 'X-RAY DIFFRACTION' ? 
x_dihedral_angle_d_prot ?    ?   ? ? 'X-RAY DIFFRACTION' ? 
x_improper_angle_d      0.8  ?   ? ? 'X-RAY DIFFRACTION' ? 
x_improper_angle_d_na   ?    ?   ? ? 'X-RAY DIFFRACTION' ? 
x_improper_angle_d_prot ?    ?   ? ? 'X-RAY DIFFRACTION' ? 
x_mcbond_it             ?    1.5 ? ? 'X-RAY DIFFRACTION' ? 
x_mcangle_it            ?    ?   ? ? 'X-RAY DIFFRACTION' ? 
x_scbond_it             ?    2.0 ? ? 'X-RAY DIFFRACTION' ? 
x_scangle_it            ?    ?   ? ? 'X-RAY DIFFRACTION' ? 
# 
_refine_ls_shell.pdbx_total_number_of_bins_used   8 
_refine_ls_shell.d_res_high                       1.8 
_refine_ls_shell.d_res_low                        1.89 
_refine_ls_shell.number_reflns_R_work             2138 
_refine_ls_shell.R_factor_R_work                  0.2730000 
_refine_ls_shell.percent_reflns_obs               88.3 
_refine_ls_shell.R_factor_R_free                  0.2770000 
_refine_ls_shell.R_factor_R_free_error            0.018 
_refine_ls_shell.percent_reflns_R_free            11.3 
_refine_ls_shell.number_reflns_R_free             241 
_refine_ls_shell.pdbx_refine_id                   'X-RAY DIFFRACTION' 
_refine_ls_shell.number_reflns_all                ? 
_refine_ls_shell.R_factor_all                     ? 
# 
loop_
_pdbx_xplor_file.serial_no 
_pdbx_xplor_file.param_file 
_pdbx_xplor_file.topol_file 
_pdbx_xplor_file.pdbx_refine_id 
1 PROTEIN_REP.PARAM TOPHCSDX.PRO 'X-RAY DIFFRACTION' 
2 PO4.PAR           PO4.PRO      'X-RAY DIFFRACTION' 
# 
_struct.entry_id                  2GAR 
_struct.title                     
;A PH-DEPENDENT STABLIZATION OF AN ACTIVE SITE LOOP OBSERVED FROM LOW AND HIGH PH CRYSTAL STRUCTURES OF MUTANT MONOMERIC GLYCINAMIDE RIBONUCLEOTIDE TRANSFORMYLASE
;
_struct.pdbx_model_details        ? 
_struct.pdbx_CASP_flag            ? 
_struct.pdbx_model_type_details   ? 
# 
_struct_keywords.entry_id        2GAR 
_struct_keywords.pdbx_keywords   'PURINE BIOSYNTHESIS' 
_struct_keywords.text            
'PURINE BIOSYNTHESIS, FOLATE COFACTORS, LOOP FLEXIBILITY, MONOMER-DIMER ASSOCIATION, ENZYME MECHANISM, ANTI-CANCER AGENTS' 
# 
loop_
_struct_asym.id 
_struct_asym.pdbx_blank_PDB_chainid_flag 
_struct_asym.pdbx_modified 
_struct_asym.entity_id 
_struct_asym.details 
A N N 1 ? 
B N N 2 ? 
C N N 3 ? 
# 
_struct_ref.id                         1 
_struct_ref.db_name                    UNP 
_struct_ref.db_code                    PUR3_ECOLI 
_struct_ref.entity_id                  1 
_struct_ref.pdbx_db_accession          P08179 
_struct_ref.pdbx_align_begin           1 
_struct_ref.pdbx_seq_one_letter_code   
;MNIVVLISGNGSNLQAIIDACKTNKIKGTVRAVFSNKADAFGLERARQAGIATHTLIASAFDSREAYDRELIHEIDMYAP
DVVVLAGFMRILSPAFVSHYAGRLLNIHPSLLPKYPGLHTHRQALENGDEEHGTSVHFVTDELDGGPVILQAKVPVFAGD
SEDDITARVQTQEHAIYPLVISWFADGRLKMHENAAWLDGQRLPPQGYAADE
;
_struct_ref.pdbx_db_isoform            ? 
# 
_struct_ref_seq.align_id                      1 
_struct_ref_seq.ref_id                        1 
_struct_ref_seq.pdbx_PDB_id_code              2GAR 
_struct_ref_seq.pdbx_strand_id                A 
_struct_ref_seq.seq_align_beg                 1 
_struct_ref_seq.pdbx_seq_align_beg_ins_code   ? 
_struct_ref_seq.seq_align_end                 212 
_struct_ref_seq.pdbx_seq_align_end_ins_code   ? 
_struct_ref_seq.pdbx_db_accession             P08179 
_struct_ref_seq.db_align_beg                  1 
_struct_ref_seq.pdbx_db_align_beg_ins_code    ? 
_struct_ref_seq.db_align_end                  212 
_struct_ref_seq.pdbx_db_align_end_ins_code    ? 
_struct_ref_seq.pdbx_auth_seq_align_beg       1 
_struct_ref_seq.pdbx_auth_seq_align_end       212 
# 
_struct_ref_seq_dif.align_id                     1 
_struct_ref_seq_dif.pdbx_pdb_id_code             2GAR 
_struct_ref_seq_dif.mon_id                       ALA 
_struct_ref_seq_dif.pdbx_pdb_strand_id           A 
_struct_ref_seq_dif.seq_num                      70 
_struct_ref_seq_dif.pdbx_pdb_ins_code            ? 
_struct_ref_seq_dif.pdbx_seq_db_name             UNP 
_struct_ref_seq_dif.pdbx_seq_db_accession_code   P08179 
_struct_ref_seq_dif.db_mon_id                    GLU 
_struct_ref_seq_dif.pdbx_seq_db_seq_num          70 
_struct_ref_seq_dif.details                      'engineered mutation' 
_struct_ref_seq_dif.pdbx_auth_seq_num            70 
_struct_ref_seq_dif.pdbx_ordinal                 1 
# 
_pdbx_struct_assembly.id                   1 
_pdbx_struct_assembly.details              author_defined_assembly 
_pdbx_struct_assembly.method_details       ? 
_pdbx_struct_assembly.oligomeric_details   monomeric 
_pdbx_struct_assembly.oligomeric_count     1 
# 
_pdbx_struct_assembly_gen.assembly_id       1 
_pdbx_struct_assembly_gen.oper_expression   1 
_pdbx_struct_assembly_gen.asym_id_list      A,B,C 
# 
_pdbx_struct_oper_list.id                   1 
_pdbx_struct_oper_list.type                 'identity operation' 
_pdbx_struct_oper_list.name                 1_555 
_pdbx_struct_oper_list.symmetry_operation   x,y,z 
_pdbx_struct_oper_list.matrix[1][1]         1.0000000000 
_pdbx_struct_oper_list.matrix[1][2]         0.0000000000 
_pdbx_struct_oper_list.matrix[1][3]         0.0000000000 
_pdbx_struct_oper_list.vector[1]            0.0000000000 
_pdbx_struct_oper_list.matrix[2][1]         0.0000000000 
_pdbx_struct_oper_list.matrix[2][2]         1.0000000000 
_pdbx_struct_oper_list.matrix[2][3]         0.0000000000 
_pdbx_struct_oper_list.vector[2]            0.0000000000 
_pdbx_struct_oper_list.matrix[3][1]         0.0000000000 
_pdbx_struct_oper_list.matrix[3][2]         0.0000000000 
_pdbx_struct_oper_list.matrix[3][3]         1.0000000000 
_pdbx_struct_oper_list.vector[3]            0.0000000000 
# 
_struct_biol.id   1 
# 
loop_
_struct_conf.conf_type_id 
_struct_conf.id 
_struct_conf.pdbx_PDB_helix_id 
_struct_conf.beg_label_comp_id 
_struct_conf.beg_label_asym_id 
_struct_conf.beg_label_seq_id 
_struct_conf.pdbx_beg_PDB_ins_code 
_struct_conf.end_label_comp_id 
_struct_conf.end_label_asym_id 
_struct_conf.end_label_seq_id 
_struct_conf.pdbx_end_PDB_ins_code 
_struct_conf.beg_auth_comp_id 
_struct_conf.beg_auth_asym_id 
_struct_conf.beg_auth_seq_id 
_struct_conf.end_auth_comp_id 
_struct_conf.end_auth_asym_id 
_struct_conf.end_auth_seq_id 
_struct_conf.pdbx_PDB_helix_class 
_struct_conf.details 
_struct_conf.pdbx_PDB_helix_length 
HELX_P HELX_P1 1 SER A 12  ? LYS A 22  ? SER A 12  LYS A 22  1 ? 11 
HELX_P HELX_P2 2 PHE A 41  ? GLN A 48  ? PHE A 41  GLN A 48  1 ? 8  
HELX_P HELX_P3 3 ALA A 58  ? ALA A 60  ? ALA A 58  ALA A 60  5 ? 3  
HELX_P HELX_P4 4 ARG A 64  ? TYR A 78  ? ARG A 64  TYR A 78  1 ? 15 
HELX_P HELX_P5 5 PRO A 94  ? HIS A 99  ? PRO A 94  HIS A 99  1 ? 6  
HELX_P HELX_P6 6 GLU A 162 ? ALA A 185 ? GLU A 162 ALA A 185 1 ? 24 
# 
_struct_conf_type.id          HELX_P 
_struct_conf_type.criteria    ? 
_struct_conf_type.reference   ? 
# 
loop_
_struct_sheet.id 
_struct_sheet.type 
_struct_sheet.number_strands 
_struct_sheet.details 
A ? 7 ? 
B ? 2 ? 
# 
loop_
_struct_sheet_order.sheet_id 
_struct_sheet_order.range_id_1 
_struct_sheet_order.range_id_2 
_struct_sheet_order.offset 
_struct_sheet_order.sense 
A 1 2 ? anti-parallel 
A 2 3 ? anti-parallel 
A 3 4 ? parallel      
A 4 5 ? parallel      
A 5 6 ? parallel      
A 6 7 ? parallel      
B 1 2 ? anti-parallel 
# 
loop_
_struct_sheet_range.sheet_id 
_struct_sheet_range.id 
_struct_sheet_range.beg_label_comp_id 
_struct_sheet_range.beg_label_asym_id 
_struct_sheet_range.beg_label_seq_id 
_struct_sheet_range.pdbx_beg_PDB_ins_code 
_struct_sheet_range.end_label_comp_id 
_struct_sheet_range.end_label_asym_id 
_struct_sheet_range.end_label_seq_id 
_struct_sheet_range.pdbx_end_PDB_ins_code 
_struct_sheet_range.beg_auth_comp_id 
_struct_sheet_range.beg_auth_asym_id 
_struct_sheet_range.beg_auth_seq_id 
_struct_sheet_range.end_auth_comp_id 
_struct_sheet_range.end_auth_asym_id 
_struct_sheet_range.end_auth_seq_id 
A 1 VAL A 148 ? LYS A 153 ? VAL A 148 LYS A 153 
A 2 GLY A 133 ? PHE A 138 ? GLY A 133 PHE A 138 
A 3 LEU A 104 ? HIS A 108 ? LEU A 104 HIS A 108 
A 4 VAL A 82  ? LEU A 85  ? VAL A 82  LEU A 85  
A 5 ASN A 2   ? ILE A 7   ? ASN A 2   ILE A 7   
A 6 THR A 29  ? SER A 35  ? THR A 29  SER A 35  
A 7 ALA A 52  ? THR A 55  ? ALA A 52  THR A 55  
B 1 LEU A 189 ? HIS A 192 ? LEU A 189 HIS A 192 
B 2 ALA A 195 ? LEU A 198 ? ALA A 195 LEU A 198 
# 
loop_
_pdbx_struct_sheet_hbond.sheet_id 
_pdbx_struct_sheet_hbond.range_id_1 
_pdbx_struct_sheet_hbond.range_id_2 
_pdbx_struct_sheet_hbond.range_1_label_atom_id 
_pdbx_struct_sheet_hbond.range_1_label_comp_id 
_pdbx_struct_sheet_hbond.range_1_label_asym_id 
_pdbx_struct_sheet_hbond.range_1_label_seq_id 
_pdbx_struct_sheet_hbond.range_1_PDB_ins_code 
_pdbx_struct_sheet_hbond.range_1_auth_atom_id 
_pdbx_struct_sheet_hbond.range_1_auth_comp_id 
_pdbx_struct_sheet_hbond.range_1_auth_asym_id 
_pdbx_struct_sheet_hbond.range_1_auth_seq_id 
_pdbx_struct_sheet_hbond.range_2_label_atom_id 
_pdbx_struct_sheet_hbond.range_2_label_comp_id 
_pdbx_struct_sheet_hbond.range_2_label_asym_id 
_pdbx_struct_sheet_hbond.range_2_label_seq_id 
_pdbx_struct_sheet_hbond.range_2_PDB_ins_code 
_pdbx_struct_sheet_hbond.range_2_auth_atom_id 
_pdbx_struct_sheet_hbond.range_2_auth_comp_id 
_pdbx_struct_sheet_hbond.range_2_auth_asym_id 
_pdbx_struct_sheet_hbond.range_2_auth_seq_id 
A 1 2 O ILE A 149 ? O ILE A 149 N VAL A 136 ? N VAL A 136 
A 2 3 O SER A 135 ? O SER A 135 N HIS A 108 ? N HIS A 108 
A 3 4 O LEU A 105 ? O LEU A 105 N VAL A 83  ? N VAL A 83  
A 4 5 O VAL A 82  ? O VAL A 82  N VAL A 4   ? N VAL A 4   
A 5 6 O ILE A 3   ? O ILE A 3   N THR A 29  ? N THR A 29  
A 6 7 O VAL A 33  ? O VAL A 33  N ALA A 52  ? N ALA A 52  
B 1 2 O LYS A 190 ? O LYS A 190 N TRP A 197 ? N TRP A 197 
# 
_struct_site.id                   AC1 
_struct_site.pdbx_evidence_code   Software 
_struct_site.pdbx_auth_asym_id    A 
_struct_site.pdbx_auth_comp_id    PO4 
_struct_site.pdbx_auth_seq_id     221 
_struct_site.pdbx_auth_ins_code   ? 
_struct_site.pdbx_num_residues    8 
_struct_site.details              'BINDING SITE FOR RESIDUE PO4 A 221' 
# 
loop_
_struct_site_gen.id 
_struct_site_gen.site_id 
_struct_site_gen.pdbx_num_res 
_struct_site_gen.label_comp_id 
_struct_site_gen.label_asym_id 
_struct_site_gen.label_seq_id 
_struct_site_gen.pdbx_auth_ins_code 
_struct_site_gen.auth_comp_id 
_struct_site_gen.auth_asym_id 
_struct_site_gen.auth_seq_id 
_struct_site_gen.label_atom_id 
_struct_site_gen.label_alt_id 
_struct_site_gen.symmetry 
_struct_site_gen.details 
1 AC1 8 ASN A 10 ? ASN A 10  . ? 1_555 ? 
2 AC1 8 GLY A 11 ? GLY A 11  . ? 1_555 ? 
3 AC1 8 SER A 12 ? SER A 12  . ? 1_555 ? 
4 AC1 8 ASN A 13 ? ASN A 13  . ? 1_555 ? 
5 AC1 8 HOH C .  ? HOH A 503 . ? 1_555 ? 
6 AC1 8 HOH C .  ? HOH A 504 . ? 1_555 ? 
7 AC1 8 HOH C .  ? HOH A 536 . ? 1_555 ? 
8 AC1 8 HOH C .  ? HOH A 561 . ? 1_555 ? 
# 
_pdbx_validate_close_contact.id               1 
_pdbx_validate_close_contact.PDB_model_num    1 
_pdbx_validate_close_contact.auth_atom_id_1   O 
_pdbx_validate_close_contact.auth_asym_id_1   A 
_pdbx_validate_close_contact.auth_comp_id_1   HOH 
_pdbx_validate_close_contact.auth_seq_id_1    539 
_pdbx_validate_close_contact.PDB_ins_code_1   ? 
_pdbx_validate_close_contact.label_alt_id_1   ? 
_pdbx_validate_close_contact.auth_atom_id_2   O 
_pdbx_validate_close_contact.auth_asym_id_2   A 
_pdbx_validate_close_contact.auth_comp_id_2   HOH 
_pdbx_validate_close_contact.auth_seq_id_2    616 
_pdbx_validate_close_contact.PDB_ins_code_2   ? 
_pdbx_validate_close_contact.label_alt_id_2   ? 
_pdbx_validate_close_contact.dist             2.17 
# 
loop_
_pdbx_unobs_or_zero_occ_residues.id 
_pdbx_unobs_or_zero_occ_residues.PDB_model_num 
_pdbx_unobs_or_zero_occ_residues.polymer_flag 
_pdbx_unobs_or_zero_occ_residues.occupancy_flag 
_pdbx_unobs_or_zero_occ_residues.auth_asym_id 
_pdbx_unobs_or_zero_occ_residues.auth_comp_id 
_pdbx_unobs_or_zero_occ_residues.auth_seq_id 
_pdbx_unobs_or_zero_occ_residues.PDB_ins_code 
_pdbx_unobs_or_zero_occ_residues.label_asym_id 
_pdbx_unobs_or_zero_occ_residues.label_comp_id 
_pdbx_unobs_or_zero_occ_residues.label_seq_id 
1  1 Y 1 A LEU 111 ? A LEU 111 
2  1 Y 1 A LEU 112 ? A LEU 112 
3  1 Y 1 A PRO 113 ? A PRO 113 
4  1 Y 1 A LYS 114 ? A LYS 114 
5  1 Y 1 A TYR 115 ? A TYR 115 
6  1 Y 1 A PRO 116 ? A PRO 116 
7  1 Y 1 A GLY 117 ? A GLY 117 
8  1 Y 1 A LEU 118 ? A LEU 118 
9  1 Y 1 A HIS 119 ? A HIS 119 
10 1 Y 1 A THR 120 ? A THR 120 
11 1 Y 1 A HIS 121 ? A HIS 121 
12 1 Y 1 A ARG 122 ? A ARG 122 
13 1 Y 1 A GLN 123 ? A GLN 123 
14 1 Y 1 A ALA 124 ? A ALA 124 
15 1 Y 1 A LEU 125 ? A LEU 125 
16 1 Y 1 A GLU 126 ? A GLU 126 
17 1 Y 1 A ASN 127 ? A ASN 127 
18 1 Y 1 A GLY 128 ? A GLY 128 
19 1 Y 1 A ASP 129 ? A ASP 129 
20 1 Y 1 A GLU 130 ? A GLU 130 
21 1 Y 1 A GLU 131 ? A GLU 131 
22 1 Y 1 A ALA 210 ? A ALA 210 
23 1 Y 1 A ASP 211 ? A ASP 211 
24 1 Y 1 A GLU 212 ? A GLU 212 
# 
loop_
_chem_comp_atom.comp_id 
_chem_comp_atom.atom_id 
_chem_comp_atom.type_symbol 
_chem_comp_atom.pdbx_aromatic_flag 
_chem_comp_atom.pdbx_stereo_config 
_chem_comp_atom.pdbx_ordinal 
ALA N    N N N 1   
ALA CA   C N S 2   
ALA C    C N N 3   
ALA O    O N N 4   
ALA CB   C N N 5   
ALA OXT  O N N 6   
ALA H    H N N 7   
ALA H2   H N N 8   
ALA HA   H N N 9   
ALA HB1  H N N 10  
ALA HB2  H N N 11  
ALA HB3  H N N 12  
ALA HXT  H N N 13  
ARG N    N N N 14  
ARG CA   C N S 15  
ARG C    C N N 16  
ARG O    O N N 17  
ARG CB   C N N 18  
ARG CG   C N N 19  
ARG CD   C N N 20  
ARG NE   N N N 21  
ARG CZ   C N N 22  
ARG NH1  N N N 23  
ARG NH2  N N N 24  
ARG OXT  O N N 25  
ARG H    H N N 26  
ARG H2   H N N 27  
ARG HA   H N N 28  
ARG HB2  H N N 29  
ARG HB3  H N N 30  
ARG HG2  H N N 31  
ARG HG3  H N N 32  
ARG HD2  H N N 33  
ARG HD3  H N N 34  
ARG HE   H N N 35  
ARG HH11 H N N 36  
ARG HH12 H N N 37  
ARG HH21 H N N 38  
ARG HH22 H N N 39  
ARG HXT  H N N 40  
ASN N    N N N 41  
ASN CA   C N S 42  
ASN C    C N N 43  
ASN O    O N N 44  
ASN CB   C N N 45  
ASN CG   C N N 46  
ASN OD1  O N N 47  
ASN ND2  N N N 48  
ASN OXT  O N N 49  
ASN H    H N N 50  
ASN H2   H N N 51  
ASN HA   H N N 52  
ASN HB2  H N N 53  
ASN HB3  H N N 54  
ASN HD21 H N N 55  
ASN HD22 H N N 56  
ASN HXT  H N N 57  
ASP N    N N N 58  
ASP CA   C N S 59  
ASP C    C N N 60  
ASP O    O N N 61  
ASP CB   C N N 62  
ASP CG   C N N 63  
ASP OD1  O N N 64  
ASP OD2  O N N 65  
ASP OXT  O N N 66  
ASP H    H N N 67  
ASP H2   H N N 68  
ASP HA   H N N 69  
ASP HB2  H N N 70  
ASP HB3  H N N 71  
ASP HD2  H N N 72  
ASP HXT  H N N 73  
CYS N    N N N 74  
CYS CA   C N R 75  
CYS C    C N N 76  
CYS O    O N N 77  
CYS CB   C N N 78  
CYS SG   S N N 79  
CYS OXT  O N N 80  
CYS H    H N N 81  
CYS H2   H N N 82  
CYS HA   H N N 83  
CYS HB2  H N N 84  
CYS HB3  H N N 85  
CYS HG   H N N 86  
CYS HXT  H N N 87  
GLN N    N N N 88  
GLN CA   C N S 89  
GLN C    C N N 90  
GLN O    O N N 91  
GLN CB   C N N 92  
GLN CG   C N N 93  
GLN CD   C N N 94  
GLN OE1  O N N 95  
GLN NE2  N N N 96  
GLN OXT  O N N 97  
GLN H    H N N 98  
GLN H2   H N N 99  
GLN HA   H N N 100 
GLN HB2  H N N 101 
GLN HB3  H N N 102 
GLN HG2  H N N 103 
GLN HG3  H N N 104 
GLN HE21 H N N 105 
GLN HE22 H N N 106 
GLN HXT  H N N 107 
GLU N    N N N 108 
GLU CA   C N S 109 
GLU C    C N N 110 
GLU O    O N N 111 
GLU CB   C N N 112 
GLU CG   C N N 113 
GLU CD   C N N 114 
GLU OE1  O N N 115 
GLU OE2  O N N 116 
GLU OXT  O N N 117 
GLU H    H N N 118 
GLU H2   H N N 119 
GLU HA   H N N 120 
GLU HB2  H N N 121 
GLU HB3  H N N 122 
GLU HG2  H N N 123 
GLU HG3  H N N 124 
GLU HE2  H N N 125 
GLU HXT  H N N 126 
GLY N    N N N 127 
GLY CA   C N N 128 
GLY C    C N N 129 
GLY O    O N N 130 
GLY OXT  O N N 131 
GLY H    H N N 132 
GLY H2   H N N 133 
GLY HA2  H N N 134 
GLY HA3  H N N 135 
GLY HXT  H N N 136 
HIS N    N N N 137 
HIS CA   C N S 138 
HIS C    C N N 139 
HIS O    O N N 140 
HIS CB   C N N 141 
HIS CG   C Y N 142 
HIS ND1  N Y N 143 
HIS CD2  C Y N 144 
HIS CE1  C Y N 145 
HIS NE2  N Y N 146 
HIS OXT  O N N 147 
HIS H    H N N 148 
HIS H2   H N N 149 
HIS HA   H N N 150 
HIS HB2  H N N 151 
HIS HB3  H N N 152 
HIS HD1  H N N 153 
HIS HD2  H N N 154 
HIS HE1  H N N 155 
HIS HE2  H N N 156 
HIS HXT  H N N 157 
HOH O    O N N 158 
HOH H1   H N N 159 
HOH H2   H N N 160 
ILE N    N N N 161 
ILE CA   C N S 162 
ILE C    C N N 163 
ILE O    O N N 164 
ILE CB   C N S 165 
ILE CG1  C N N 166 
ILE CG2  C N N 167 
ILE CD1  C N N 168 
ILE OXT  O N N 169 
ILE H    H N N 170 
ILE H2   H N N 171 
ILE HA   H N N 172 
ILE HB   H N N 173 
ILE HG12 H N N 174 
ILE HG13 H N N 175 
ILE HG21 H N N 176 
ILE HG22 H N N 177 
ILE HG23 H N N 178 
ILE HD11 H N N 179 
ILE HD12 H N N 180 
ILE HD13 H N N 181 
ILE HXT  H N N 182 
LEU N    N N N 183 
LEU CA   C N S 184 
LEU C    C N N 185 
LEU O    O N N 186 
LEU CB   C N N 187 
LEU CG   C N N 188 
LEU CD1  C N N 189 
LEU CD2  C N N 190 
LEU OXT  O N N 191 
LEU H    H N N 192 
LEU H2   H N N 193 
LEU HA   H N N 194 
LEU HB2  H N N 195 
LEU HB3  H N N 196 
LEU HG   H N N 197 
LEU HD11 H N N 198 
LEU HD12 H N N 199 
LEU HD13 H N N 200 
LEU HD21 H N N 201 
LEU HD22 H N N 202 
LEU HD23 H N N 203 
LEU HXT  H N N 204 
LYS N    N N N 205 
LYS CA   C N S 206 
LYS C    C N N 207 
LYS O    O N N 208 
LYS CB   C N N 209 
LYS CG   C N N 210 
LYS CD   C N N 211 
LYS CE   C N N 212 
LYS NZ   N N N 213 
LYS OXT  O N N 214 
LYS H    H N N 215 
LYS H2   H N N 216 
LYS HA   H N N 217 
LYS HB2  H N N 218 
LYS HB3  H N N 219 
LYS HG2  H N N 220 
LYS HG3  H N N 221 
LYS HD2  H N N 222 
LYS HD3  H N N 223 
LYS HE2  H N N 224 
LYS HE3  H N N 225 
LYS HZ1  H N N 226 
LYS HZ2  H N N 227 
LYS HZ3  H N N 228 
LYS HXT  H N N 229 
MET N    N N N 230 
MET CA   C N S 231 
MET C    C N N 232 
MET O    O N N 233 
MET CB   C N N 234 
MET CG   C N N 235 
MET SD   S N N 236 
MET CE   C N N 237 
MET OXT  O N N 238 
MET H    H N N 239 
MET H2   H N N 240 
MET HA   H N N 241 
MET HB2  H N N 242 
MET HB3  H N N 243 
MET HG2  H N N 244 
MET HG3  H N N 245 
MET HE1  H N N 246 
MET HE2  H N N 247 
MET HE3  H N N 248 
MET HXT  H N N 249 
PHE N    N N N 250 
PHE CA   C N S 251 
PHE C    C N N 252 
PHE O    O N N 253 
PHE CB   C N N 254 
PHE CG   C Y N 255 
PHE CD1  C Y N 256 
PHE CD2  C Y N 257 
PHE CE1  C Y N 258 
PHE CE2  C Y N 259 
PHE CZ   C Y N 260 
PHE OXT  O N N 261 
PHE H    H N N 262 
PHE H2   H N N 263 
PHE HA   H N N 264 
PHE HB2  H N N 265 
PHE HB3  H N N 266 
PHE HD1  H N N 267 
PHE HD2  H N N 268 
PHE HE1  H N N 269 
PHE HE2  H N N 270 
PHE HZ   H N N 271 
PHE HXT  H N N 272 
PO4 P    P N N 273 
PO4 O1   O N N 274 
PO4 O2   O N N 275 
PO4 O3   O N N 276 
PO4 O4   O N N 277 
PRO N    N N N 278 
PRO CA   C N S 279 
PRO C    C N N 280 
PRO O    O N N 281 
PRO CB   C N N 282 
PRO CG   C N N 283 
PRO CD   C N N 284 
PRO OXT  O N N 285 
PRO H    H N N 286 
PRO HA   H N N 287 
PRO HB2  H N N 288 
PRO HB3  H N N 289 
PRO HG2  H N N 290 
PRO HG3  H N N 291 
PRO HD2  H N N 292 
PRO HD3  H N N 293 
PRO HXT  H N N 294 
SER N    N N N 295 
SER CA   C N S 296 
SER C    C N N 297 
SER O    O N N 298 
SER CB   C N N 299 
SER OG   O N N 300 
SER OXT  O N N 301 
SER H    H N N 302 
SER H2   H N N 303 
SER HA   H N N 304 
SER HB2  H N N 305 
SER HB3  H N N 306 
SER HG   H N N 307 
SER HXT  H N N 308 
THR N    N N N 309 
THR CA   C N S 310 
THR C    C N N 311 
THR O    O N N 312 
THR CB   C N R 313 
THR OG1  O N N 314 
THR CG2  C N N 315 
THR OXT  O N N 316 
THR H    H N N 317 
THR H2   H N N 318 
THR HA   H N N 319 
THR HB   H N N 320 
THR HG1  H N N 321 
THR HG21 H N N 322 
THR HG22 H N N 323 
THR HG23 H N N 324 
THR HXT  H N N 325 
TRP N    N N N 326 
TRP CA   C N S 327 
TRP C    C N N 328 
TRP O    O N N 329 
TRP CB   C N N 330 
TRP CG   C Y N 331 
TRP CD1  C Y N 332 
TRP CD2  C Y N 333 
TRP NE1  N Y N 334 
TRP CE2  C Y N 335 
TRP CE3  C Y N 336 
TRP CZ2  C Y N 337 
TRP CZ3  C Y N 338 
TRP CH2  C Y N 339 
TRP OXT  O N N 340 
TRP H    H N N 341 
TRP H2   H N N 342 
TRP HA   H N N 343 
TRP HB2  H N N 344 
TRP HB3  H N N 345 
TRP HD1  H N N 346 
TRP HE1  H N N 347 
TRP HE3  H N N 348 
TRP HZ2  H N N 349 
TRP HZ3  H N N 350 
TRP HH2  H N N 351 
TRP HXT  H N N 352 
TYR N    N N N 353 
TYR CA   C N S 354 
TYR C    C N N 355 
TYR O    O N N 356 
TYR CB   C N N 357 
TYR CG   C Y N 358 
TYR CD1  C Y N 359 
TYR CD2  C Y N 360 
TYR CE1  C Y N 361 
TYR CE2  C Y N 362 
TYR CZ   C Y N 363 
TYR OH   O N N 364 
TYR OXT  O N N 365 
TYR H    H N N 366 
TYR H2   H N N 367 
TYR HA   H N N 368 
TYR HB2  H N N 369 
TYR HB3  H N N 370 
TYR HD1  H N N 371 
TYR HD2  H N N 372 
TYR HE1  H N N 373 
TYR HE2  H N N 374 
TYR HH   H N N 375 
TYR HXT  H N N 376 
VAL N    N N N 377 
VAL CA   C N S 378 
VAL C    C N N 379 
VAL O    O N N 380 
VAL CB   C N N 381 
VAL CG1  C N N 382 
VAL CG2  C N N 383 
VAL OXT  O N N 384 
VAL H    H N N 385 
VAL H2   H N N 386 
VAL HA   H N N 387 
VAL HB   H N N 388 
VAL HG11 H N N 389 
VAL HG12 H N N 390 
VAL HG13 H N N 391 
VAL HG21 H N N 392 
VAL HG22 H N N 393 
VAL HG23 H N N 394 
VAL HXT  H N N 395 
# 
loop_
_chem_comp_bond.comp_id 
_chem_comp_bond.atom_id_1 
_chem_comp_bond.atom_id_2 
_chem_comp_bond.value_order 
_chem_comp_bond.pdbx_aromatic_flag 
_chem_comp_bond.pdbx_stereo_config 
_chem_comp_bond.pdbx_ordinal 
ALA N   CA   sing N N 1   
ALA N   H    sing N N 2   
ALA N   H2   sing N N 3   
ALA CA  C    sing N N 4   
ALA CA  CB   sing N N 5   
ALA CA  HA   sing N N 6   
ALA C   O    doub N N 7   
ALA C   OXT  sing N N 8   
ALA CB  HB1  sing N N 9   
ALA CB  HB2  sing N N 10  
ALA CB  HB3  sing N N 11  
ALA OXT HXT  sing N N 12  
ARG N   CA   sing N N 13  
ARG N   H    sing N N 14  
ARG N   H2   sing N N 15  
ARG CA  C    sing N N 16  
ARG CA  CB   sing N N 17  
ARG CA  HA   sing N N 18  
ARG C   O    doub N N 19  
ARG C   OXT  sing N N 20  
ARG CB  CG   sing N N 21  
ARG CB  HB2  sing N N 22  
ARG CB  HB3  sing N N 23  
ARG CG  CD   sing N N 24  
ARG CG  HG2  sing N N 25  
ARG CG  HG3  sing N N 26  
ARG CD  NE   sing N N 27  
ARG CD  HD2  sing N N 28  
ARG CD  HD3  sing N N 29  
ARG NE  CZ   sing N N 30  
ARG NE  HE   sing N N 31  
ARG CZ  NH1  sing N N 32  
ARG CZ  NH2  doub N N 33  
ARG NH1 HH11 sing N N 34  
ARG NH1 HH12 sing N N 35  
ARG NH2 HH21 sing N N 36  
ARG NH2 HH22 sing N N 37  
ARG OXT HXT  sing N N 38  
ASN N   CA   sing N N 39  
ASN N   H    sing N N 40  
ASN N   H2   sing N N 41  
ASN CA  C    sing N N 42  
ASN CA  CB   sing N N 43  
ASN CA  HA   sing N N 44  
ASN C   O    doub N N 45  
ASN C   OXT  sing N N 46  
ASN CB  CG   sing N N 47  
ASN CB  HB2  sing N N 48  
ASN CB  HB3  sing N N 49  
ASN CG  OD1  doub N N 50  
ASN CG  ND2  sing N N 51  
ASN ND2 HD21 sing N N 52  
ASN ND2 HD22 sing N N 53  
ASN OXT HXT  sing N N 54  
ASP N   CA   sing N N 55  
ASP N   H    sing N N 56  
ASP N   H2   sing N N 57  
ASP CA  C    sing N N 58  
ASP CA  CB   sing N N 59  
ASP CA  HA   sing N N 60  
ASP C   O    doub N N 61  
ASP C   OXT  sing N N 62  
ASP CB  CG   sing N N 63  
ASP CB  HB2  sing N N 64  
ASP CB  HB3  sing N N 65  
ASP CG  OD1  doub N N 66  
ASP CG  OD2  sing N N 67  
ASP OD2 HD2  sing N N 68  
ASP OXT HXT  sing N N 69  
CYS N   CA   sing N N 70  
CYS N   H    sing N N 71  
CYS N   H2   sing N N 72  
CYS CA  C    sing N N 73  
CYS CA  CB   sing N N 74  
CYS CA  HA   sing N N 75  
CYS C   O    doub N N 76  
CYS C   OXT  sing N N 77  
CYS CB  SG   sing N N 78  
CYS CB  HB2  sing N N 79  
CYS CB  HB3  sing N N 80  
CYS SG  HG   sing N N 81  
CYS OXT HXT  sing N N 82  
GLN N   CA   sing N N 83  
GLN N   H    sing N N 84  
GLN N   H2   sing N N 85  
GLN CA  C    sing N N 86  
GLN CA  CB   sing N N 87  
GLN CA  HA   sing N N 88  
GLN C   O    doub N N 89  
GLN C   OXT  sing N N 90  
GLN CB  CG   sing N N 91  
GLN CB  HB2  sing N N 92  
GLN CB  HB3  sing N N 93  
GLN CG  CD   sing N N 94  
GLN CG  HG2  sing N N 95  
GLN CG  HG3  sing N N 96  
GLN CD  OE1  doub N N 97  
GLN CD  NE2  sing N N 98  
GLN NE2 HE21 sing N N 99  
GLN NE2 HE22 sing N N 100 
GLN OXT HXT  sing N N 101 
GLU N   CA   sing N N 102 
GLU N   H    sing N N 103 
GLU N   H2   sing N N 104 
GLU CA  C    sing N N 105 
GLU CA  CB   sing N N 106 
GLU CA  HA   sing N N 107 
GLU C   O    doub N N 108 
GLU C   OXT  sing N N 109 
GLU CB  CG   sing N N 110 
GLU CB  HB2  sing N N 111 
GLU CB  HB3  sing N N 112 
GLU CG  CD   sing N N 113 
GLU CG  HG2  sing N N 114 
GLU CG  HG3  sing N N 115 
GLU CD  OE1  doub N N 116 
GLU CD  OE2  sing N N 117 
GLU OE2 HE2  sing N N 118 
GLU OXT HXT  sing N N 119 
GLY N   CA   sing N N 120 
GLY N   H    sing N N 121 
GLY N   H2   sing N N 122 
GLY CA  C    sing N N 123 
GLY CA  HA2  sing N N 124 
GLY CA  HA3  sing N N 125 
GLY C   O    doub N N 126 
GLY C   OXT  sing N N 127 
GLY OXT HXT  sing N N 128 
HIS N   CA   sing N N 129 
HIS N   H    sing N N 130 
HIS N   H2   sing N N 131 
HIS CA  C    sing N N 132 
HIS CA  CB   sing N N 133 
HIS CA  HA   sing N N 134 
HIS C   O    doub N N 135 
HIS C   OXT  sing N N 136 
HIS CB  CG   sing N N 137 
HIS CB  HB2  sing N N 138 
HIS CB  HB3  sing N N 139 
HIS CG  ND1  sing Y N 140 
HIS CG  CD2  doub Y N 141 
HIS ND1 CE1  doub Y N 142 
HIS ND1 HD1  sing N N 143 
HIS CD2 NE2  sing Y N 144 
HIS CD2 HD2  sing N N 145 
HIS CE1 NE2  sing Y N 146 
HIS CE1 HE1  sing N N 147 
HIS NE2 HE2  sing N N 148 
HIS OXT HXT  sing N N 149 
HOH O   H1   sing N N 150 
HOH O   H2   sing N N 151 
ILE N   CA   sing N N 152 
ILE N   H    sing N N 153 
ILE N   H2   sing N N 154 
ILE CA  C    sing N N 155 
ILE CA  CB   sing N N 156 
ILE CA  HA   sing N N 157 
ILE C   O    doub N N 158 
ILE C   OXT  sing N N 159 
ILE CB  CG1  sing N N 160 
ILE CB  CG2  sing N N 161 
ILE CB  HB   sing N N 162 
ILE CG1 CD1  sing N N 163 
ILE CG1 HG12 sing N N 164 
ILE CG1 HG13 sing N N 165 
ILE CG2 HG21 sing N N 166 
ILE CG2 HG22 sing N N 167 
ILE CG2 HG23 sing N N 168 
ILE CD1 HD11 sing N N 169 
ILE CD1 HD12 sing N N 170 
ILE CD1 HD13 sing N N 171 
ILE OXT HXT  sing N N 172 
LEU N   CA   sing N N 173 
LEU N   H    sing N N 174 
LEU N   H2   sing N N 175 
LEU CA  C    sing N N 176 
LEU CA  CB   sing N N 177 
LEU CA  HA   sing N N 178 
LEU C   O    doub N N 179 
LEU C   OXT  sing N N 180 
LEU CB  CG   sing N N 181 
LEU CB  HB2  sing N N 182 
LEU CB  HB3  sing N N 183 
LEU CG  CD1  sing N N 184 
LEU CG  CD2  sing N N 185 
LEU CG  HG   sing N N 186 
LEU CD1 HD11 sing N N 187 
LEU CD1 HD12 sing N N 188 
LEU CD1 HD13 sing N N 189 
LEU CD2 HD21 sing N N 190 
LEU CD2 HD22 sing N N 191 
LEU CD2 HD23 sing N N 192 
LEU OXT HXT  sing N N 193 
LYS N   CA   sing N N 194 
LYS N   H    sing N N 195 
LYS N   H2   sing N N 196 
LYS CA  C    sing N N 197 
LYS CA  CB   sing N N 198 
LYS CA  HA   sing N N 199 
LYS C   O    doub N N 200 
LYS C   OXT  sing N N 201 
LYS CB  CG   sing N N 202 
LYS CB  HB2  sing N N 203 
LYS CB  HB3  sing N N 204 
LYS CG  CD   sing N N 205 
LYS CG  HG2  sing N N 206 
LYS CG  HG3  sing N N 207 
LYS CD  CE   sing N N 208 
LYS CD  HD2  sing N N 209 
LYS CD  HD3  sing N N 210 
LYS CE  NZ   sing N N 211 
LYS CE  HE2  sing N N 212 
LYS CE  HE3  sing N N 213 
LYS NZ  HZ1  sing N N 214 
LYS NZ  HZ2  sing N N 215 
LYS NZ  HZ3  sing N N 216 
LYS OXT HXT  sing N N 217 
MET N   CA   sing N N 218 
MET N   H    sing N N 219 
MET N   H2   sing N N 220 
MET CA  C    sing N N 221 
MET CA  CB   sing N N 222 
MET CA  HA   sing N N 223 
MET C   O    doub N N 224 
MET C   OXT  sing N N 225 
MET CB  CG   sing N N 226 
MET CB  HB2  sing N N 227 
MET CB  HB3  sing N N 228 
MET CG  SD   sing N N 229 
MET CG  HG2  sing N N 230 
MET CG  HG3  sing N N 231 
MET SD  CE   sing N N 232 
MET CE  HE1  sing N N 233 
MET CE  HE2  sing N N 234 
MET CE  HE3  sing N N 235 
MET OXT HXT  sing N N 236 
PHE N   CA   sing N N 237 
PHE N   H    sing N N 238 
PHE N   H2   sing N N 239 
PHE CA  C    sing N N 240 
PHE CA  CB   sing N N 241 
PHE CA  HA   sing N N 242 
PHE C   O    doub N N 243 
PHE C   OXT  sing N N 244 
PHE CB  CG   sing N N 245 
PHE CB  HB2  sing N N 246 
PHE CB  HB3  sing N N 247 
PHE CG  CD1  doub Y N 248 
PHE CG  CD2  sing Y N 249 
PHE CD1 CE1  sing Y N 250 
PHE CD1 HD1  sing N N 251 
PHE CD2 CE2  doub Y N 252 
PHE CD2 HD2  sing N N 253 
PHE CE1 CZ   doub Y N 254 
PHE CE1 HE1  sing N N 255 
PHE CE2 CZ   sing Y N 256 
PHE CE2 HE2  sing N N 257 
PHE CZ  HZ   sing N N 258 
PHE OXT HXT  sing N N 259 
PO4 P   O1   doub N N 260 
PO4 P   O2   sing N N 261 
PO4 P   O3   sing N N 262 
PO4 P   O4   sing N N 263 
PRO N   CA   sing N N 264 
PRO N   CD   sing N N 265 
PRO N   H    sing N N 266 
PRO CA  C    sing N N 267 
PRO CA  CB   sing N N 268 
PRO CA  HA   sing N N 269 
PRO C   O    doub N N 270 
PRO C   OXT  sing N N 271 
PRO CB  CG   sing N N 272 
PRO CB  HB2  sing N N 273 
PRO CB  HB3  sing N N 274 
PRO CG  CD   sing N N 275 
PRO CG  HG2  sing N N 276 
PRO CG  HG3  sing N N 277 
PRO CD  HD2  sing N N 278 
PRO CD  HD3  sing N N 279 
PRO OXT HXT  sing N N 280 
SER N   CA   sing N N 281 
SER N   H    sing N N 282 
SER N   H2   sing N N 283 
SER CA  C    sing N N 284 
SER CA  CB   sing N N 285 
SER CA  HA   sing N N 286 
SER C   O    doub N N 287 
SER C   OXT  sing N N 288 
SER CB  OG   sing N N 289 
SER CB  HB2  sing N N 290 
SER CB  HB3  sing N N 291 
SER OG  HG   sing N N 292 
SER OXT HXT  sing N N 293 
THR N   CA   sing N N 294 
THR N   H    sing N N 295 
THR N   H2   sing N N 296 
THR CA  C    sing N N 297 
THR CA  CB   sing N N 298 
THR CA  HA   sing N N 299 
THR C   O    doub N N 300 
THR C   OXT  sing N N 301 
THR CB  OG1  sing N N 302 
THR CB  CG2  sing N N 303 
THR CB  HB   sing N N 304 
THR OG1 HG1  sing N N 305 
THR CG2 HG21 sing N N 306 
THR CG2 HG22 sing N N 307 
THR CG2 HG23 sing N N 308 
THR OXT HXT  sing N N 309 
TRP N   CA   sing N N 310 
TRP N   H    sing N N 311 
TRP N   H2   sing N N 312 
TRP CA  C    sing N N 313 
TRP CA  CB   sing N N 314 
TRP CA  HA   sing N N 315 
TRP C   O    doub N N 316 
TRP C   OXT  sing N N 317 
TRP CB  CG   sing N N 318 
TRP CB  HB2  sing N N 319 
TRP CB  HB3  sing N N 320 
TRP CG  CD1  doub Y N 321 
TRP CG  CD2  sing Y N 322 
TRP CD1 NE1  sing Y N 323 
TRP CD1 HD1  sing N N 324 
TRP CD2 CE2  doub Y N 325 
TRP CD2 CE3  sing Y N 326 
TRP NE1 CE2  sing Y N 327 
TRP NE1 HE1  sing N N 328 
TRP CE2 CZ2  sing Y N 329 
TRP CE3 CZ3  doub Y N 330 
TRP CE3 HE3  sing N N 331 
TRP CZ2 CH2  doub Y N 332 
TRP CZ2 HZ2  sing N N 333 
TRP CZ3 CH2  sing Y N 334 
TRP CZ3 HZ3  sing N N 335 
TRP CH2 HH2  sing N N 336 
TRP OXT HXT  sing N N 337 
TYR N   CA   sing N N 338 
TYR N   H    sing N N 339 
TYR N   H2   sing N N 340 
TYR CA  C    sing N N 341 
TYR CA  CB   sing N N 342 
TYR CA  HA   sing N N 343 
TYR C   O    doub N N 344 
TYR C   OXT  sing N N 345 
TYR CB  CG   sing N N 346 
TYR CB  HB2  sing N N 347 
TYR CB  HB3  sing N N 348 
TYR CG  CD1  doub Y N 349 
TYR CG  CD2  sing Y N 350 
TYR CD1 CE1  sing Y N 351 
TYR CD1 HD1  sing N N 352 
TYR CD2 CE2  doub Y N 353 
TYR CD2 HD2  sing N N 354 
TYR CE1 CZ   doub Y N 355 
TYR CE1 HE1  sing N N 356 
TYR CE2 CZ   sing Y N 357 
TYR CE2 HE2  sing N N 358 
TYR CZ  OH   sing N N 359 
TYR OH  HH   sing N N 360 
TYR OXT HXT  sing N N 361 
VAL N   CA   sing N N 362 
VAL N   H    sing N N 363 
VAL N   H2   sing N N 364 
VAL CA  C    sing N N 365 
VAL CA  CB   sing N N 366 
VAL CA  HA   sing N N 367 
VAL C   O    doub N N 368 
VAL C   OXT  sing N N 369 
VAL CB  CG1  sing N N 370 
VAL CB  CG2  sing N N 371 
VAL CB  HB   sing N N 372 
VAL CG1 HG11 sing N N 373 
VAL CG1 HG12 sing N N 374 
VAL CG1 HG13 sing N N 375 
VAL CG2 HG21 sing N N 376 
VAL CG2 HG22 sing N N 377 
VAL CG2 HG23 sing N N 378 
VAL OXT HXT  sing N N 379 
# 
_pdbx_initial_refinement_model.id               1 
_pdbx_initial_refinement_model.entity_id_list   ? 
_pdbx_initial_refinement_model.type             'experimental model' 
_pdbx_initial_refinement_model.source_name      PDB 
_pdbx_initial_refinement_model.accession_code   1GAR 
_pdbx_initial_refinement_model.details          'PDB ENTRY 1GAR' 
# 
_atom_sites.entry_id                    2GAR 
_atom_sites.fract_transf_matrix[1][1]   -0.01000753 
_atom_sites.fract_transf_matrix[1][2]   0.01459236 
_atom_sites.fract_transf_matrix[1][3]   0.01279202 
_atom_sites.fract_transf_matrix[2][1]   -0.01820003 
_atom_sites.fract_transf_matrix[2][2]   -0.00988189 
_atom_sites.fract_transf_matrix[2][3]   -0.00296569 
_atom_sites.fract_transf_matrix[3][1]   0.00169764 
_atom_sites.fract_transf_matrix[3][2]   -0.00536035 
_atom_sites.fract_transf_matrix[3][3]   0.00744287 
_atom_sites.fract_transf_vector[1]      0.256797 
_atom_sites.fract_transf_vector[2]      0.055528 
_atom_sites.fract_transf_vector[3]      0.124870 
# 
loop_
_atom_type.symbol 
C 
N 
O 
P 
S 
# 
loop_
_atom_site.group_PDB 
_atom_site.id 
_atom_site.type_symbol 
_atom_site.label_atom_id 
_atom_site.label_alt_id 
_atom_site.label_comp_id 
_atom_site.label_asym_id 
_atom_site.label_entity_id 
_atom_site.label_seq_id 
_atom_site.pdbx_PDB_ins_code 
_atom_site.Cartn_x 
_atom_site.Cartn_y 
_atom_site.Cartn_z 
_atom_site.occupancy 
_atom_site.B_iso_or_equiv 
_atom_site.pdbx_formal_charge 
_atom_site.auth_seq_id 
_atom_site.auth_comp_id 
_atom_site.auth_asym_id 
_atom_site.auth_atom_id 
_atom_site.pdbx_PDB_model_num 
ATOM   1    N N   . MET A 1 1   ? -5.063  13.596  -7.912  1.00 27.92 ? 1   MET A N   1 
ATOM   2    C CA  . MET A 1 1   ? -4.926  12.147  -7.593  1.00 24.57 ? 1   MET A CA  1 
ATOM   3    C C   . MET A 1 1   ? -4.825  12.058  -6.071  1.00 20.65 ? 1   MET A C   1 
ATOM   4    O O   . MET A 1 1   ? -3.822  12.440  -5.493  1.00 17.92 ? 1   MET A O   1 
ATOM   5    C CB  . MET A 1 1   ? -3.663  11.578  -8.262  1.00 27.79 ? 1   MET A CB  1 
ATOM   6    C CG  . MET A 1 1   ? -3.071  10.338  -7.589  1.00 27.98 ? 1   MET A CG  1 
ATOM   7    S SD  . MET A 1 1   ? -3.953  8.806   -8.006  1.00 35.65 ? 1   MET A SD  1 
ATOM   8    C CE  . MET A 1 1   ? -4.672  9.160   -9.667  1.00 34.08 ? 1   MET A CE  1 
ATOM   9    N N   . ASN A 1 2   ? -5.892  11.580  -5.438  1.00 18.88 ? 2   ASN A N   1 
ATOM   10   C CA  . ASN A 1 2   ? -5.946  11.451  -3.983  1.00 15.72 ? 2   ASN A CA  1 
ATOM   11   C C   . ASN A 1 2   ? -5.445  10.071  -3.562  1.00 13.19 ? 2   ASN A C   1 
ATOM   12   O O   . ASN A 1 2   ? -5.911  9.054   -4.065  1.00 12.81 ? 2   ASN A O   1 
ATOM   13   C CB  . ASN A 1 2   ? -7.385  11.609  -3.493  1.00 14.05 ? 2   ASN A CB  1 
ATOM   14   C CG  . ASN A 1 2   ? -7.888  13.031  -3.586  1.00 13.80 ? 2   ASN A CG  1 
ATOM   15   O OD1 . ASN A 1 2   ? -7.135  13.988  -3.451  1.00 15.61 ? 2   ASN A OD1 1 
ATOM   16   N ND2 . ASN A 1 2   ? -9.183  13.169  -3.797  1.00 15.22 ? 2   ASN A ND2 1 
ATOM   17   N N   . ILE A 1 3   ? -4.498  10.051  -2.636  1.00 14.18 ? 3   ILE A N   1 
ATOM   18   C CA  . ILE A 1 3   ? -3.931  8.803   -2.141  1.00 12.58 ? 3   ILE A CA  1 
ATOM   19   C C   . ILE A 1 3   ? -4.250  8.658   -0.660  1.00 12.48 ? 3   ILE A C   1 
ATOM   20   O O   . ILE A 1 3   ? -4.130  9.623   0.099   1.00 13.13 ? 3   ILE A O   1 
ATOM   21   C CB  . ILE A 1 3   ? -2.399  8.782   -2.299  1.00 12.96 ? 3   ILE A CB  1 
ATOM   22   C CG1 . ILE A 1 3   ? -2.015  8.861   -3.779  1.00 8.78  ? 3   ILE A CG1 1 
ATOM   23   C CG2 . ILE A 1 3   ? -1.832  7.504   -1.693  1.00 13.28 ? 3   ILE A CG2 1 
ATOM   24   C CD1 . ILE A 1 3   ? -0.552  9.121   -3.970  1.00 10.63 ? 3   ILE A CD1 1 
ATOM   25   N N   . VAL A 1 4   ? -4.691  7.469   -0.254  1.00 11.99 ? 4   VAL A N   1 
ATOM   26   C CA  . VAL A 1 4   ? -4.969  7.226   1.158   1.00 12.27 ? 4   VAL A CA  1 
ATOM   27   C C   . VAL A 1 4   ? -4.112  6.002   1.518   1.00 11.66 ? 4   VAL A C   1 
ATOM   28   O O   . VAL A 1 4   ? -4.153  4.997   0.820   1.00 11.01 ? 4   VAL A O   1 
ATOM   29   C CB  . VAL A 1 4   ? -6.477  6.942   1.406   1.00 11.76 ? 4   VAL A CB  1 
ATOM   30   C CG1 . VAL A 1 4   ? -6.682  6.414   2.823   1.00 13.55 ? 4   VAL A CG1 1 
ATOM   31   C CG2 . VAL A 1 4   ? -7.282  8.222   1.249   1.00 10.63 ? 4   VAL A CG2 1 
ATOM   32   N N   . VAL A 1 5   ? -3.325  6.098   2.589   1.00 11.99 ? 5   VAL A N   1 
ATOM   33   C CA  . VAL A 1 5   ? -2.441  4.997   2.989   1.00 12.10 ? 5   VAL A CA  1 
ATOM   34   C C   . VAL A 1 5   ? -2.917  4.329   4.288   1.00 12.74 ? 5   VAL A C   1 
ATOM   35   O O   . VAL A 1 5   ? -3.317  5.014   5.237   1.00 12.50 ? 5   VAL A O   1 
ATOM   36   C CB  . VAL A 1 5   ? -0.980  5.506   3.157   1.00 12.26 ? 5   VAL A CB  1 
ATOM   37   C CG1 . VAL A 1 5   ? -0.035  4.341   3.489   1.00 8.55  ? 5   VAL A CG1 1 
ATOM   38   C CG2 . VAL A 1 5   ? -0.513  6.182   1.857   1.00 10.14 ? 5   VAL A CG2 1 
ATOM   39   N N   . LEU A 1 6   ? -2.909  2.994   4.305   1.00 13.23 ? 6   LEU A N   1 
ATOM   40   C CA  . LEU A 1 6   ? -3.333  2.229   5.482   1.00 12.78 ? 6   LEU A CA  1 
ATOM   41   C C   . LEU A 1 6   ? -2.102  1.541   6.100   1.00 15.19 ? 6   LEU A C   1 
ATOM   42   O O   . LEU A 1 6   ? -1.336  0.865   5.405   1.00 12.67 ? 6   LEU A O   1 
ATOM   43   C CB  . LEU A 1 6   ? -4.389  1.202   5.078   1.00 11.41 ? 6   LEU A CB  1 
ATOM   44   C CG  . LEU A 1 6   ? -5.853  1.591   5.314   1.00 13.56 ? 6   LEU A CG  1 
ATOM   45   C CD1 . LEU A 1 6   ? -6.162  2.921   4.633   1.00 12.16 ? 6   LEU A CD1 1 
ATOM   46   C CD2 . LEU A 1 6   ? -6.764  0.493   4.771   1.00 13.62 ? 6   LEU A CD2 1 
ATOM   47   N N   . ILE A 1 7   ? -1.911  1.727   7.406   1.00 14.12 ? 7   ILE A N   1 
ATOM   48   C CA  . ILE A 1 7   ? -0.749  1.164   8.094   1.00 11.31 ? 7   ILE A CA  1 
ATOM   49   C C   . ILE A 1 7   ? -1.115  0.507   9.430   1.00 15.20 ? 7   ILE A C   1 
ATOM   50   O O   . ILE A 1 7   ? -2.233  0.686   9.936   1.00 11.80 ? 7   ILE A O   1 
ATOM   51   C CB  . ILE A 1 7   ? 0.279   2.257   8.428   1.00 10.93 ? 7   ILE A CB  1 
ATOM   52   C CG1 . ILE A 1 7   ? -0.294  3.165   9.522   1.00 12.68 ? 7   ILE A CG1 1 
ATOM   53   C CG2 . ILE A 1 7   ? 0.631   3.072   7.177   1.00 12.06 ? 7   ILE A CG2 1 
ATOM   54   C CD1 . ILE A 1 7   ? 0.695   4.163   10.096  1.00 14.19 ? 7   ILE A CD1 1 
ATOM   55   N N   . SER A 1 8   ? -0.156  -0.254  9.981   1.00 14.51 ? 8   SER A N   1 
ATOM   56   C CA  . SER A 1 8   ? -0.299  -0.914  11.283  1.00 14.57 ? 8   SER A CA  1 
ATOM   57   C C   . SER A 1 8   ? 0.961   -0.656  12.105  1.00 15.51 ? 8   SER A C   1 
ATOM   58   O O   . SER A 1 8   ? 0.957   -0.844  13.309  1.00 18.15 ? 8   SER A O   1 
ATOM   59   C CB  . SER A 1 8   ? -0.448  -2.418  11.127  1.00 13.57 ? 8   SER A CB  1 
ATOM   60   O OG  . SER A 1 8   ? -1.715  -2.751  10.614  1.00 15.46 ? 8   SER A OG  1 
ATOM   61   N N   . GLY A 1 9   ? 2.035   -0.213  11.459  1.00 14.75 ? 9   GLY A N   1 
ATOM   62   C CA  . GLY A 1 9   ? 3.256   -0.010  12.207  1.00 14.14 ? 9   GLY A CA  1 
ATOM   63   C C   . GLY A 1 9   ? 4.158   1.195   12.012  1.00 14.97 ? 9   GLY A C   1 
ATOM   64   O O   . GLY A 1 9   ? 3.728   2.348   12.059  1.00 13.34 ? 9   GLY A O   1 
ATOM   65   N N   . ASN A 1 10  ? 5.438   0.904   11.816  1.00 14.69 ? 10  ASN A N   1 
ATOM   66   C CA  . ASN A 1 10  ? 6.454   1.935   11.681  1.00 15.08 ? 10  ASN A CA  1 
ATOM   67   C C   . ASN A 1 10  ? 6.212   2.996   10.622  1.00 17.52 ? 10  ASN A C   1 
ATOM   68   O O   . ASN A 1 10  ? 6.478   4.178   10.851  1.00 17.52 ? 10  ASN A O   1 
ATOM   69   C CB  . ASN A 1 10  ? 7.820   1.296   11.459  1.00 12.76 ? 10  ASN A CB  1 
ATOM   70   C CG  . ASN A 1 10  ? 8.913   2.302   11.501  1.00 16.30 ? 10  ASN A CG  1 
ATOM   71   O OD1 . ASN A 1 10  ? 9.375   2.753   10.462  1.00 17.31 ? 10  ASN A OD1 1 
ATOM   72   N ND2 . ASN A 1 10  ? 9.324   2.694   12.710  1.00 14.96 ? 10  ASN A ND2 1 
ATOM   73   N N   . GLY A 1 11  ? 5.723   2.580   9.459   1.00 17.53 ? 11  GLY A N   1 
ATOM   74   C CA  . GLY A 1 11  ? 5.447   3.538   8.405   1.00 16.06 ? 11  GLY A CA  1 
ATOM   75   C C   . GLY A 1 11  ? 6.621   3.965   7.538   1.00 17.98 ? 11  GLY A C   1 
ATOM   76   O O   . GLY A 1 11  ? 6.590   5.076   6.990   1.00 18.83 ? 11  GLY A O   1 
ATOM   77   N N   . SER A 1 12  ? 7.647   3.126   7.386   1.00 17.11 ? 12  SER A N   1 
ATOM   78   C CA  . SER A 1 12  ? 8.781   3.519   6.539   1.00 18.08 ? 12  SER A CA  1 
ATOM   79   C C   . SER A 1 12  ? 8.395   3.529   5.049   1.00 15.23 ? 12  SER A C   1 
ATOM   80   O O   . SER A 1 12  ? 8.912   4.329   4.274   1.00 14.61 ? 12  SER A O   1 
ATOM   81   C CB  . SER A 1 12  ? 9.991   2.604   6.783   1.00 19.54 ? 12  SER A CB  1 
ATOM   82   O OG  . SER A 1 12  ? 9.723   1.277   6.395   1.00 24.03 ? 12  SER A OG  1 
ATOM   83   N N   . ASN A 1 13  ? 7.477   2.649   4.648   1.00 16.70 ? 13  ASN A N   1 
ATOM   84   C CA  . ASN A 1 13  ? 7.008   2.623   3.256   1.00 15.45 ? 13  ASN A CA  1 
ATOM   85   C C   . ASN A 1 13  ? 6.165   3.876   3.060   1.00 16.74 ? 13  ASN A C   1 
ATOM   86   O O   . ASN A 1 13  ? 6.268   4.553   2.039   1.00 15.93 ? 13  ASN A O   1 
ATOM   87   C CB  . ASN A 1 13  ? 6.165   1.376   2.973   1.00 14.69 ? 13  ASN A CB  1 
ATOM   88   C CG  . ASN A 1 13  ? 6.980   0.254   2.336   1.00 17.95 ? 13  ASN A CG  1 
ATOM   89   O OD1 . ASN A 1 13  ? 7.871   0.504   1.537   1.00 20.72 ? 13  ASN A OD1 1 
ATOM   90   N ND2 . ASN A 1 13  ? 6.681   -0.977  2.700   1.00 19.45 ? 13  ASN A ND2 1 
ATOM   91   N N   . LEU A 1 14  ? 5.336   4.181   4.053   1.00 14.42 ? 14  LEU A N   1 
ATOM   92   C CA  . LEU A 1 14  ? 4.505   5.382   4.007   1.00 16.13 ? 14  LEU A CA  1 
ATOM   93   C C   . LEU A 1 14  ? 5.394   6.618   3.828   1.00 15.89 ? 14  LEU A C   1 
ATOM   94   O O   . LEU A 1 14  ? 5.051   7.549   3.100   1.00 17.76 ? 14  LEU A O   1 
ATOM   95   C CB  . LEU A 1 14  ? 3.693   5.531   5.299   1.00 14.39 ? 14  LEU A CB  1 
ATOM   96   C CG  . LEU A 1 14  ? 3.199   6.959   5.565   1.00 16.24 ? 14  LEU A CG  1 
ATOM   97   C CD1 . LEU A 1 14  ? 2.201   7.345   4.450   1.00 14.56 ? 14  LEU A CD1 1 
ATOM   98   C CD2 . LEU A 1 14  ? 2.550   7.064   6.956   1.00 12.43 ? 14  LEU A CD2 1 
ATOM   99   N N   . GLN A 1 15  ? 6.537   6.629   4.501   1.00 15.04 ? 15  GLN A N   1 
ATOM   100  C CA  . GLN A 1 15  ? 7.438   7.765   4.413   1.00 16.56 ? 15  GLN A CA  1 
ATOM   101  C C   . GLN A 1 15  ? 8.011   7.923   3.001   1.00 18.01 ? 15  GLN A C   1 
ATOM   102  O O   . GLN A 1 15  ? 8.113   9.046   2.488   1.00 16.60 ? 15  GLN A O   1 
ATOM   103  C CB  . GLN A 1 15  ? 8.582   7.609   5.418   1.00 17.57 ? 15  GLN A CB  1 
ATOM   104  C CG  . GLN A 1 15  ? 9.438   8.854   5.573   1.00 20.85 ? 15  GLN A CG  1 
ATOM   105  C CD  . GLN A 1 15  ? 8.723   9.939   6.338   1.00 24.09 ? 15  GLN A CD  1 
ATOM   106  O OE1 . GLN A 1 15  ? 8.311   9.732   7.480   1.00 27.10 ? 15  GLN A OE1 1 
ATOM   107  N NE2 . GLN A 1 15  ? 8.565   11.104  5.716   1.00 22.82 ? 15  GLN A NE2 1 
ATOM   108  N N   . ALA A 1 16  ? 8.404   6.806   2.391   1.00 16.56 ? 16  ALA A N   1 
ATOM   109  C CA  . ALA A 1 16  ? 8.968   6.827   1.047   1.00 15.77 ? 16  ALA A CA  1 
ATOM   110  C C   . ALA A 1 16  ? 7.923   7.358   0.071   1.00 17.06 ? 16  ALA A C   1 
ATOM   111  O O   . ALA A 1 16  ? 8.267   8.019   -0.917  1.00 19.07 ? 16  ALA A O   1 
ATOM   112  C CB  . ALA A 1 16  ? 9.412   5.433   0.651   1.00 11.77 ? 16  ALA A CB  1 
ATOM   113  N N   . ILE A 1 17  ? 6.649   7.070   0.345   1.00 14.74 ? 17  ILE A N   1 
ATOM   114  C CA  . ILE A 1 17  ? 5.566   7.544   -0.505  1.00 13.50 ? 17  ILE A CA  1 
ATOM   115  C C   . ILE A 1 17  ? 5.396   9.048   -0.278  1.00 14.96 ? 17  ILE A C   1 
ATOM   116  O O   . ILE A 1 17  ? 5.297   9.816   -1.234  1.00 16.67 ? 17  ILE A O   1 
ATOM   117  C CB  . ILE A 1 17  ? 4.239   6.796   -0.199  1.00 12.69 ? 17  ILE A CB  1 
ATOM   118  C CG1 . ILE A 1 17  ? 4.343   5.341   -0.674  1.00 14.52 ? 17  ILE A CG1 1 
ATOM   119  C CG2 . ILE A 1 17  ? 3.056   7.461   -0.937  1.00 15.49 ? 17  ILE A CG2 1 
ATOM   120  C CD1 . ILE A 1 17  ? 3.335   4.408   -0.012  1.00 12.67 ? 17  ILE A CD1 1 
ATOM   121  N N   . ILE A 1 18  ? 5.364   9.471   0.980   1.00 14.69 ? 18  ILE A N   1 
ATOM   122  C CA  . ILE A 1 18  ? 5.244   10.890  1.301   1.00 19.56 ? 18  ILE A CA  1 
ATOM   123  C C   . ILE A 1 18  ? 6.345   11.693  0.564   1.00 20.46 ? 18  ILE A C   1 
ATOM   124  O O   . ILE A 1 18  ? 6.066   12.721  -0.056  1.00 21.47 ? 18  ILE A O   1 
ATOM   125  C CB  . ILE A 1 18  ? 5.379   11.134  2.839   1.00 18.41 ? 18  ILE A CB  1 
ATOM   126  C CG1 . ILE A 1 18  ? 4.128   10.616  3.567   1.00 16.87 ? 18  ILE A CG1 1 
ATOM   127  C CG2 . ILE A 1 18  ? 5.603   12.627  3.114   1.00 15.65 ? 18  ILE A CG2 1 
ATOM   128  C CD1 . ILE A 1 18  ? 4.207   10.656  5.106   1.00 16.68 ? 18  ILE A CD1 1 
ATOM   129  N N   . ASP A 1 19  ? 7.586   11.216  0.637   1.00 19.81 ? 19  ASP A N   1 
ATOM   130  C CA  . ASP A 1 19  ? 8.724   11.875  -0.005  1.00 21.38 ? 19  ASP A CA  1 
ATOM   131  C C   . ASP A 1 19  ? 8.613   11.935  -1.524  1.00 21.99 ? 19  ASP A C   1 
ATOM   132  O O   . ASP A 1 19  ? 8.933   12.955  -2.129  1.00 26.16 ? 19  ASP A O   1 
ATOM   133  C CB  . ASP A 1 19  ? 10.036  11.163  0.351   1.00 23.14 ? 19  ASP A CB  1 
ATOM   134  C CG  . ASP A 1 19  ? 10.347  11.200  1.845   1.00 27.78 ? 19  ASP A CG  1 
ATOM   135  O OD1 . ASP A 1 19  ? 9.670   11.951  2.587   1.00 25.14 ? 19  ASP A OD1 1 
ATOM   136  O OD2 . ASP A 1 19  ? 11.273  10.467  2.275   1.00 27.56 ? 19  ASP A OD2 1 
ATOM   137  N N   . ALA A 1 20  ? 8.175   10.845  -2.150  1.00 22.71 ? 20  ALA A N   1 
ATOM   138  C CA  . ALA A 1 20  ? 8.046   10.812  -3.604  1.00 21.11 ? 20  ALA A CA  1 
ATOM   139  C C   . ALA A 1 20  ? 7.001   11.813  -4.063  1.00 22.80 ? 20  ALA A C   1 
ATOM   140  O O   . ALA A 1 20  ? 7.119   12.402  -5.131  1.00 23.38 ? 20  ALA A O   1 
ATOM   141  C CB  . ALA A 1 20  ? 7.673   9.423   -4.059  1.00 18.69 ? 20  ALA A CB  1 
ATOM   142  N N   . CYS A 1 21  ? 5.970   12.000  -3.251  1.00 22.00 ? 21  CYS A N   1 
ATOM   143  C CA  . CYS A 1 21  ? 4.907   12.945  -3.564  1.00 23.02 ? 21  CYS A CA  1 
ATOM   144  C C   . CYS A 1 21  ? 5.421   14.382  -3.407  1.00 27.11 ? 21  CYS A C   1 
ATOM   145  O O   . CYS A 1 21  ? 5.162   15.240  -4.260  1.00 26.54 ? 21  CYS A O   1 
ATOM   146  C CB  . CYS A 1 21  ? 3.718   12.733  -2.621  1.00 20.06 ? 21  CYS A CB  1 
ATOM   147  S SG  . CYS A 1 21  ? 2.585   11.391  -3.058  1.00 17.16 ? 21  CYS A SG  1 
ATOM   148  N N   . LYS A 1 22  ? 6.152   14.629  -2.320  1.00 28.31 ? 22  LYS A N   1 
ATOM   149  C CA  . LYS A 1 22  ? 6.696   15.956  -2.015  1.00 34.61 ? 22  LYS A CA  1 
ATOM   150  C C   . LYS A 1 22  ? 7.632   16.478  -3.121  1.00 36.94 ? 22  LYS A C   1 
ATOM   151  O O   . LYS A 1 22  ? 7.736   17.692  -3.350  1.00 36.98 ? 22  LYS A O   1 
ATOM   152  C CB  . LYS A 1 22  ? 7.434   15.925  -0.664  1.00 36.08 ? 22  LYS A CB  1 
ATOM   153  C CG  . LYS A 1 22  ? 7.624   17.302  -0.001  1.00 40.87 ? 22  LYS A CG  1 
ATOM   154  C CD  . LYS A 1 22  ? 8.446   17.250  1.317   1.00 45.43 ? 22  LYS A CD  1 
ATOM   155  C CE  . LYS A 1 22  ? 8.107   16.030  2.211   1.00 48.21 ? 22  LYS A CE  1 
ATOM   156  N NZ  . LYS A 1 22  ? 7.247   16.378  3.396   1.00 46.99 ? 22  LYS A NZ  1 
ATOM   157  N N   . THR A 1 23  ? 8.304   15.553  -3.801  1.00 36.67 ? 23  THR A N   1 
ATOM   158  C CA  . THR A 1 23  ? 9.232   15.877  -4.879  1.00 36.60 ? 23  THR A CA  1 
ATOM   159  C C   . THR A 1 23  ? 8.513   15.745  -6.220  1.00 36.87 ? 23  THR A C   1 
ATOM   160  O O   . THR A 1 23  ? 9.124   15.875  -7.273  1.00 40.52 ? 23  THR A O   1 
ATOM   161  C CB  . THR A 1 23  ? 10.420  14.889  -4.895  1.00 36.13 ? 23  THR A CB  1 
ATOM   162  O OG1 . THR A 1 23  ? 9.931   13.571  -5.167  1.00 34.53 ? 23  THR A OG1 1 
ATOM   163  C CG2 . THR A 1 23  ? 11.146  14.888  -3.555  1.00 37.70 ? 23  THR A CG2 1 
ATOM   164  N N   . ASN A 1 24  ? 7.214   15.483  -6.173  1.00 35.89 ? 24  ASN A N   1 
ATOM   165  C CA  . ASN A 1 24  ? 6.408   15.285  -7.371  1.00 34.48 ? 24  ASN A CA  1 
ATOM   166  C C   . ASN A 1 24  ? 6.853   14.109  -8.263  1.00 31.94 ? 24  ASN A C   1 
ATOM   167  O O   . ASN A 1 24  ? 6.591   14.093  -9.467  1.00 28.78 ? 24  ASN A O   1 
ATOM   168  C CB  . ASN A 1 24  ? 6.323   16.561  -8.205  1.00 38.07 ? 24  ASN A CB  1 
ATOM   169  C CG  . ASN A 1 24  ? 5.103   16.567  -9.117  1.00 42.05 ? 24  ASN A CG  1 
ATOM   170  O OD1 . ASN A 1 24  ? 5.194   16.238  -10.299 1.00 45.21 ? 24  ASN A OD1 1 
ATOM   171  N ND2 . ASN A 1 24  ? 3.950   16.925  -8.564  1.00 44.92 ? 24  ASN A ND2 1 
ATOM   172  N N   . LYS A 1 25  ? 7.531   13.128  -7.673  1.00 29.44 ? 25  LYS A N   1 
ATOM   173  C CA  . LYS A 1 25  ? 7.916   11.944  -8.419  1.00 26.11 ? 25  LYS A CA  1 
ATOM   174  C C   . LYS A 1 25  ? 6.608   11.179  -8.582  1.00 24.23 ? 25  LYS A C   1 
ATOM   175  O O   . LYS A 1 25  ? 6.434   10.437  -9.544  1.00 26.71 ? 25  LYS A O   1 
ATOM   176  C CB  . LYS A 1 25  ? 8.948   11.123  -7.652  1.00 30.45 ? 25  LYS A CB  1 
ATOM   177  C CG  . LYS A 1 25  ? 10.393  11.571  -7.923  1.00 38.50 ? 25  LYS A CG  1 
ATOM   178  C CD  . LYS A 1 25  ? 11.424  10.550  -7.401  1.00 46.67 ? 25  LYS A CD  1 
ATOM   179  C CE  . LYS A 1 25  ? 12.312  11.120  -6.274  1.00 47.85 ? 25  LYS A CE  1 
ATOM   180  N NZ  . LYS A 1 25  ? 11.556  11.337  -5.002  1.00 49.51 ? 25  LYS A NZ  1 
ATOM   181  N N   . ILE A 1 26  ? 5.694   11.354  -7.622  1.00 20.60 ? 26  ILE A N   1 
ATOM   182  C CA  . ILE A 1 26  ? 4.357   10.762  -7.703  1.00 18.48 ? 26  ILE A CA  1 
ATOM   183  C C   . ILE A 1 26  ? 3.439   11.966  -7.940  1.00 20.09 ? 26  ILE A C   1 
ATOM   184  O O   . ILE A 1 26  ? 3.445   12.918  -7.153  1.00 20.15 ? 26  ILE A O   1 
ATOM   185  C CB  . ILE A 1 26  ? 3.879   10.086  -6.371  1.00 17.84 ? 26  ILE A CB  1 
ATOM   186  C CG1 . ILE A 1 26  ? 4.745   8.874   -6.024  1.00 17.63 ? 26  ILE A CG1 1 
ATOM   187  C CG2 . ILE A 1 26  ? 2.419   9.619   -6.526  1.00 15.79 ? 26  ILE A CG2 1 
ATOM   188  C CD1 . ILE A 1 26  ? 4.313   8.135   -4.733  1.00 14.05 ? 26  ILE A CD1 1 
ATOM   189  N N   . LYS A 1 27  ? 2.671   11.945  -9.027  1.00 21.63 ? 27  LYS A N   1 
ATOM   190  C CA  . LYS A 1 27  ? 1.757   13.055  -9.304  1.00 24.12 ? 27  LYS A CA  1 
ATOM   191  C C   . LYS A 1 27  ? 0.506   12.870  -8.452  1.00 22.73 ? 27  LYS A C   1 
ATOM   192  O O   . LYS A 1 27  ? -0.583  12.638  -8.972  1.00 22.30 ? 27  LYS A O   1 
ATOM   193  C CB  . LYS A 1 27  ? 1.353   13.086  -10.782 1.00 26.51 ? 27  LYS A CB  1 
ATOM   194  C CG  . LYS A 1 27  ? 2.505   13.225  -11.772 1.00 31.96 ? 27  LYS A CG  1 
ATOM   195  C CD  . LYS A 1 27  ? 3.548   14.255  -11.335 1.00 36.89 ? 27  LYS A CD  1 
ATOM   196  C CE  . LYS A 1 27  ? 4.715   14.299  -12.323 1.00 38.86 ? 27  LYS A CE  1 
ATOM   197  N NZ  . LYS A 1 27  ? 4.386   13.546  -13.571 1.00 44.78 ? 27  LYS A NZ  1 
ATOM   198  N N   . GLY A 1 28  ? 0.663   12.972  -7.139  1.00 20.99 ? 28  GLY A N   1 
ATOM   199  C CA  . GLY A 1 28  ? -0.478  12.787  -6.275  1.00 22.16 ? 28  GLY A CA  1 
ATOM   200  C C   . GLY A 1 28  ? -0.204  13.350  -4.910  1.00 21.58 ? 28  GLY A C   1 
ATOM   201  O O   . GLY A 1 28  ? 0.902   13.820  -4.651  1.00 21.92 ? 28  GLY A O   1 
ATOM   202  N N   . THR A 1 29  ? -1.216  13.279  -4.046  1.00 20.35 ? 29  THR A N   1 
ATOM   203  C CA  . THR A 1 29  ? -1.155  13.793  -2.683  1.00 20.14 ? 29  THR A CA  1 
ATOM   204  C C   . THR A 1 29  ? -1.681  12.757  -1.703  1.00 18.07 ? 29  THR A C   1 
ATOM   205  O O   . THR A 1 29  ? -2.725  12.160  -1.938  1.00 16.05 ? 29  THR A O   1 
ATOM   206  C CB  . THR A 1 29  ? -2.073  15.043  -2.510  1.00 24.35 ? 29  THR A CB  1 
ATOM   207  O OG1 . THR A 1 29  ? -1.642  16.082  -3.395  1.00 31.06 ? 29  THR A OG1 1 
ATOM   208  C CG2 . THR A 1 29  ? -2.050  15.555  -1.066  1.00 25.26 ? 29  THR A CG2 1 
ATOM   209  N N   . VAL A 1 30  ? -0.965  12.545  -0.607  1.00 16.69 ? 30  VAL A N   1 
ATOM   210  C CA  . VAL A 1 30  ? -1.462  11.627  0.409   1.00 16.56 ? 30  VAL A CA  1 
ATOM   211  C C   . VAL A 1 30  ? -2.410  12.485  1.248   1.00 16.48 ? 30  VAL A C   1 
ATOM   212  O O   . VAL A 1 30  ? -1.981  13.393  1.974   1.00 17.06 ? 30  VAL A O   1 
ATOM   213  C CB  . VAL A 1 30  ? -0.325  11.054  1.295   1.00 18.17 ? 30  VAL A CB  1 
ATOM   214  C CG1 . VAL A 1 30  ? -0.935  10.184  2.423   1.00 14.96 ? 30  VAL A CG1 1 
ATOM   215  C CG2 . VAL A 1 30  ? 0.656   10.227  0.419   1.00 14.22 ? 30  VAL A CG2 1 
ATOM   216  N N   . ARG A 1 31  ? -3.702  12.202  1.113   1.00 15.27 ? 31  ARG A N   1 
ATOM   217  C CA  . ARG A 1 31  ? -4.739  12.946  1.804   1.00 16.01 ? 31  ARG A CA  1 
ATOM   218  C C   . ARG A 1 31  ? -5.002  12.495  3.231   1.00 14.37 ? 31  ARG A C   1 
ATOM   219  O O   . ARG A 1 31  ? -5.390  13.291  4.063   1.00 15.00 ? 31  ARG A O   1 
ATOM   220  C CB  . ARG A 1 31  ? -6.033  12.899  0.984   1.00 18.10 ? 31  ARG A CB  1 
ATOM   221  C CG  . ARG A 1 31  ? -5.948  13.664  -0.366  1.00 23.38 ? 31  ARG A CG  1 
ATOM   222  C CD  . ARG A 1 31  ? -5.780  15.176  -0.154  1.00 29.82 ? 31  ARG A CD  1 
ATOM   223  N NE  . ARG A 1 31  ? -6.576  15.646  0.990   1.00 44.86 ? 31  ARG A NE  1 
ATOM   224  C CZ  . ARG A 1 31  ? -6.115  16.372  2.020   1.00 47.02 ? 31  ARG A CZ  1 
ATOM   225  N NH1 . ARG A 1 31  ? -4.838  16.742  2.082   1.00 47.89 ? 31  ARG A NH1 1 
ATOM   226  N NH2 . ARG A 1 31  ? -6.936  16.709  3.009   1.00 48.01 ? 31  ARG A NH2 1 
ATOM   227  N N   . ALA A 1 32  ? -4.794  11.223  3.526   1.00 15.16 ? 32  ALA A N   1 
ATOM   228  C CA  . ALA A 1 32  ? -5.017  10.742  4.882   1.00 14.33 ? 32  ALA A CA  1 
ATOM   229  C C   . ALA A 1 32  ? -4.287  9.438   5.105   1.00 14.56 ? 32  ALA A C   1 
ATOM   230  O O   . ALA A 1 32  ? -3.982  8.710   4.155   1.00 13.02 ? 32  ALA A O   1 
ATOM   231  C CB  . ALA A 1 32  ? -6.499  10.538  5.139   1.00 10.60 ? 32  ALA A CB  1 
ATOM   232  N N   . VAL A 1 33  ? -3.997  9.161   6.371   1.00 13.64 ? 33  VAL A N   1 
ATOM   233  C CA  . VAL A 1 33  ? -3.345  7.918   6.764   1.00 13.73 ? 33  VAL A CA  1 
ATOM   234  C C   . VAL A 1 33  ? -4.231  7.253   7.822   1.00 12.34 ? 33  VAL A C   1 
ATOM   235  O O   . VAL A 1 33  ? -4.646  7.883   8.790   1.00 14.14 ? 33  VAL A O   1 
ATOM   236  C CB  . VAL A 1 33  ? -1.922  8.190   7.336   1.00 13.22 ? 33  VAL A CB  1 
ATOM   237  C CG1 . VAL A 1 33  ? -1.338  6.928   7.983   1.00 12.04 ? 33  VAL A CG1 1 
ATOM   238  C CG2 . VAL A 1 33  ? -1.009  8.664   6.211   1.00 12.99 ? 33  VAL A CG2 1 
ATOM   239  N N   . PHE A 1 34  ? -4.548  5.986   7.619   1.00 12.39 ? 34  PHE A N   1 
ATOM   240  C CA  . PHE A 1 34  ? -5.372  5.268   8.579   1.00 13.65 ? 34  PHE A CA  1 
ATOM   241  C C   . PHE A 1 34  ? -4.531  4.172   9.231   1.00 13.28 ? 34  PHE A C   1 
ATOM   242  O O   . PHE A 1 34  ? -3.738  3.500   8.560   1.00 10.99 ? 34  PHE A O   1 
ATOM   243  C CB  . PHE A 1 34  ? -6.573  4.611   7.890   1.00 11.05 ? 34  PHE A CB  1 
ATOM   244  C CG  . PHE A 1 34  ? -7.675  5.571   7.529   1.00 15.15 ? 34  PHE A CG  1 
ATOM   245  C CD1 . PHE A 1 34  ? -7.543  6.429   6.431   1.00 14.16 ? 34  PHE A CD1 1 
ATOM   246  C CD2 . PHE A 1 34  ? -8.836  5.630   8.293   1.00 12.86 ? 34  PHE A CD2 1 
ATOM   247  C CE1 . PHE A 1 34  ? -8.556  7.340   6.101   1.00 14.42 ? 34  PHE A CE1 1 
ATOM   248  C CE2 . PHE A 1 34  ? -9.854  6.533   7.977   1.00 15.76 ? 34  PHE A CE2 1 
ATOM   249  C CZ  . PHE A 1 34  ? -9.713  7.391   6.877   1.00 15.06 ? 34  PHE A CZ  1 
ATOM   250  N N   . SER A 1 35  ? -4.713  4.005   10.542  1.00 13.62 ? 35  SER A N   1 
ATOM   251  C CA  . SER A 1 35  ? -4.025  2.957   11.292  1.00 15.52 ? 35  SER A CA  1 
ATOM   252  C C   . SER A 1 35  ? -5.036  2.122   12.078  1.00 15.84 ? 35  SER A C   1 
ATOM   253  O O   . SER A 1 35  ? -6.050  2.652   12.531  1.00 14.88 ? 35  SER A O   1 
ATOM   254  C CB  . SER A 1 35  ? -3.036  3.554   12.296  1.00 14.69 ? 35  SER A CB  1 
ATOM   255  O OG  . SER A 1 35  ? -2.477  2.515   13.086  1.00 14.51 ? 35  SER A OG  1 
ATOM   256  N N   . ASN A 1 36  ? -4.788  0.818   12.217  1.00 14.24 ? 36  ASN A N   1 
ATOM   257  C CA  . ASN A 1 36  ? -5.681  -0.018  13.029  1.00 13.91 ? 36  ASN A CA  1 
ATOM   258  C C   . ASN A 1 36  ? -4.931  -0.363  14.319  1.00 17.50 ? 36  ASN A C   1 
ATOM   259  O O   . ASN A 1 36  ? -5.322  -1.251  15.079  1.00 17.85 ? 36  ASN A O   1 
ATOM   260  C CB  . ASN A 1 36  ? -6.075  -1.305  12.302  1.00 11.83 ? 36  ASN A CB  1 
ATOM   261  C CG  . ASN A 1 36  ? -4.907  -2.227  12.057  1.00 12.24 ? 36  ASN A CG  1 
ATOM   262  O OD1 . ASN A 1 36  ? -5.085  -3.444  11.951  1.00 18.16 ? 36  ASN A OD1 1 
ATOM   263  N ND2 . ASN A 1 36  ? -3.716  -1.670  11.956  1.00 11.09 ? 36  ASN A ND2 1 
ATOM   264  N N   . LYS A 1 37  ? -3.836  0.347   14.542  1.00 17.14 ? 37  LYS A N   1 
ATOM   265  C CA  . LYS A 1 37  ? -3.007  0.151   15.714  1.00 18.92 ? 37  LYS A CA  1 
ATOM   266  C C   . LYS A 1 37  ? -2.814  1.523   16.353  1.00 19.25 ? 37  LYS A C   1 
ATOM   267  O O   . LYS A 1 37  ? -2.362  2.472   15.710  1.00 17.42 ? 37  LYS A O   1 
ATOM   268  C CB  . LYS A 1 37  ? -1.651  -0.467  15.306  1.00 22.36 ? 37  LYS A CB  1 
ATOM   269  C CG  . LYS A 1 37  ? -0.594  -0.562  16.427  1.00 28.79 ? 37  LYS A CG  1 
ATOM   270  C CD  . LYS A 1 37  ? 0.223   -1.872  16.364  1.00 31.05 ? 37  LYS A CD  1 
ATOM   271  C CE  . LYS A 1 37  ? 1.678   -1.616  15.897  1.00 30.57 ? 37  LYS A CE  1 
ATOM   272  N NZ  . LYS A 1 37  ? 2.222   -2.587  14.872  1.00 22.75 ? 37  LYS A NZ  1 
ATOM   273  N N   . ALA A 1 38  ? -3.202  1.629   17.617  1.00 19.67 ? 38  ALA A N   1 
ATOM   274  C CA  . ALA A 1 38  ? -3.057  2.865   18.352  1.00 19.92 ? 38  ALA A CA  1 
ATOM   275  C C   . ALA A 1 38  ? -1.586  3.269   18.438  1.00 20.72 ? 38  ALA A C   1 
ATOM   276  O O   . ALA A 1 38  ? -0.709  2.440   18.711  1.00 23.86 ? 38  ALA A O   1 
ATOM   277  C CB  . ALA A 1 38  ? -3.620  2.690   19.754  1.00 20.58 ? 38  ALA A CB  1 
ATOM   278  N N   . ASP A 1 39  ? -1.313  4.538   18.180  1.00 19.33 ? 39  ASP A N   1 
ATOM   279  C CA  . ASP A 1 39  ? 0.045   5.038   18.286  1.00 22.50 ? 39  ASP A CA  1 
ATOM   280  C C   . ASP A 1 39  ? 1.124   4.366   17.448  1.00 21.45 ? 39  ASP A C   1 
ATOM   281  O O   . ASP A 1 39  ? 2.286   4.325   17.841  1.00 19.60 ? 39  ASP A O   1 
ATOM   282  C CB  . ASP A 1 39  ? 0.443   5.040   19.757  1.00 28.73 ? 39  ASP A CB  1 
ATOM   283  C CG  . ASP A 1 39  ? -0.494  5.899   20.594  1.00 33.43 ? 39  ASP A CG  1 
ATOM   284  O OD1 . ASP A 1 39  ? -0.703  7.075   20.211  1.00 35.06 ? 39  ASP A OD1 1 
ATOM   285  O OD2 . ASP A 1 39  ? -1.029  5.406   21.612  1.00 34.42 ? 39  ASP A OD2 1 
ATOM   286  N N   . ALA A 1 40  ? 0.745   3.831   16.293  1.00 19.43 ? 40  ALA A N   1 
ATOM   287  C CA  . ALA A 1 40  ? 1.722   3.245   15.393  1.00 17.68 ? 40  ALA A CA  1 
ATOM   288  C C   . ALA A 1 40  ? 2.659   4.409   15.075  1.00 18.42 ? 40  ALA A C   1 
ATOM   289  O O   . ALA A 1 40  ? 2.221   5.563   14.965  1.00 15.61 ? 40  ALA A O   1 
ATOM   290  C CB  . ALA A 1 40  ? 1.044   2.764   14.112  1.00 14.02 ? 40  ALA A CB  1 
ATOM   291  N N   . PHE A 1 41  ? 3.947   4.132   14.908  1.00 18.72 ? 41  PHE A N   1 
ATOM   292  C CA  . PHE A 1 41  ? 4.850   5.223   14.610  1.00 16.86 ? 41  PHE A CA  1 
ATOM   293  C C   . PHE A 1 41  ? 4.508   5.951   13.297  1.00 17.40 ? 41  PHE A C   1 
ATOM   294  O O   . PHE A 1 41  ? 4.755   7.144   13.178  1.00 16.94 ? 41  PHE A O   1 
ATOM   295  C CB  . PHE A 1 41  ? 6.305   4.753   14.583  1.00 17.07 ? 41  PHE A CB  1 
ATOM   296  C CG  . PHE A 1 41  ? 7.266   5.888   14.492  1.00 19.60 ? 41  PHE A CG  1 
ATOM   297  C CD1 . PHE A 1 41  ? 7.495   6.705   15.599  1.00 19.47 ? 41  PHE A CD1 1 
ATOM   298  C CD2 . PHE A 1 41  ? 7.879   6.204   13.279  1.00 21.00 ? 41  PHE A CD2 1 
ATOM   299  C CE1 . PHE A 1 41  ? 8.320   7.827   15.498  1.00 21.76 ? 41  PHE A CE1 1 
ATOM   300  C CE2 . PHE A 1 41  ? 8.710   7.330   13.165  1.00 21.41 ? 41  PHE A CE2 1 
ATOM   301  C CZ  . PHE A 1 41  ? 8.931   8.142   14.269  1.00 21.06 ? 41  PHE A CZ  1 
ATOM   302  N N   . GLY A 1 42  ? 3.929   5.243   12.326  1.00 18.35 ? 42  GLY A N   1 
ATOM   303  C CA  . GLY A 1 42  ? 3.577   5.870   11.059  1.00 16.79 ? 42  GLY A CA  1 
ATOM   304  C C   . GLY A 1 42  ? 2.626   7.049   11.217  1.00 16.51 ? 42  GLY A C   1 
ATOM   305  O O   . GLY A 1 42  ? 2.629   7.964   10.396  1.00 16.90 ? 42  GLY A O   1 
ATOM   306  N N   . LEU A 1 43  ? 1.802   7.027   12.265  1.00 18.48 ? 43  LEU A N   1 
ATOM   307  C CA  . LEU A 1 43  ? 0.861   8.127   12.521  1.00 19.03 ? 43  LEU A CA  1 
ATOM   308  C C   . LEU A 1 43  ? 1.682   9.395   12.782  1.00 21.43 ? 43  LEU A C   1 
ATOM   309  O O   . LEU A 1 43  ? 1.305   10.485  12.351  1.00 21.47 ? 43  LEU A O   1 
ATOM   310  C CB  . LEU A 1 43  ? -0.043  7.809   13.730  1.00 17.51 ? 43  LEU A CB  1 
ATOM   311  C CG  . LEU A 1 43  ? -1.148  6.736   13.565  1.00 17.38 ? 43  LEU A CG  1 
ATOM   312  C CD1 . LEU A 1 43  ? -1.782  6.432   14.927  1.00 16.13 ? 43  LEU A CD1 1 
ATOM   313  C CD2 . LEU A 1 43  ? -2.230  7.212   12.556  1.00 15.70 ? 43  LEU A CD2 1 
ATOM   314  N N   . GLU A 1 44  ? 2.821   9.236   13.463  1.00 22.27 ? 44  GLU A N   1 
ATOM   315  C CA  . GLU A 1 44  ? 3.716   10.350  13.774  1.00 22.68 ? 44  GLU A CA  1 
ATOM   316  C C   . GLU A 1 44  ? 4.362   10.923  12.523  1.00 20.56 ? 44  GLU A C   1 
ATOM   317  O O   . GLU A 1 44  ? 4.498   12.138  12.395  1.00 22.17 ? 44  GLU A O   1 
ATOM   318  C CB  . GLU A 1 44  ? 4.801   9.909   14.751  1.00 25.59 ? 44  GLU A CB  1 
ATOM   319  C CG  . GLU A 1 44  ? 5.228   11.026  15.661  1.00 40.66 ? 44  GLU A CG  1 
ATOM   320  C CD  . GLU A 1 44  ? 6.355   10.625  16.602  1.00 50.68 ? 44  GLU A CD  1 
ATOM   321  O OE1 . GLU A 1 44  ? 6.089   9.882   17.582  1.00 55.01 ? 44  GLU A OE1 1 
ATOM   322  O OE2 . GLU A 1 44  ? 7.509   11.060  16.361  1.00 54.47 ? 44  GLU A OE2 1 
ATOM   323  N N   . ARG A 1 45  ? 4.766   10.054  11.600  1.00 18.15 ? 45  ARG A N   1 
ATOM   324  C CA  . ARG A 1 45  ? 5.361   10.520  10.349  1.00 18.62 ? 45  ARG A CA  1 
ATOM   325  C C   . ARG A 1 45  ? 4.313   11.334  9.585   1.00 18.65 ? 45  ARG A C   1 
ATOM   326  O O   . ARG A 1 45  ? 4.631   12.366  8.969   1.00 18.84 ? 45  ARG A O   1 
ATOM   327  C CB  . ARG A 1 45  ? 5.805   9.345   9.469   1.00 14.91 ? 45  ARG A CB  1 
ATOM   328  C CG  . ARG A 1 45  ? 6.766   8.355   10.117  1.00 14.20 ? 45  ARG A CG  1 
ATOM   329  C CD  . ARG A 1 45  ? 7.062   7.269   9.132   1.00 13.67 ? 45  ARG A CD  1 
ATOM   330  N NE  . ARG A 1 45  ? 8.019   6.281   9.607   1.00 16.63 ? 45  ARG A NE  1 
ATOM   331  C CZ  . ARG A 1 45  ? 9.338   6.401   9.491   1.00 19.22 ? 45  ARG A CZ  1 
ATOM   332  N NH1 . ARG A 1 45  ? 9.864   7.477   8.918   1.00 16.20 ? 45  ARG A NH1 1 
ATOM   333  N NH2 . ARG A 1 45  ? 10.132  5.423   9.913   1.00 20.39 ? 45  ARG A NH2 1 
ATOM   334  N N   . ALA A 1 46  ? 3.067   10.863  9.617   1.00 17.37 ? 46  ALA A N   1 
ATOM   335  C CA  . ALA A 1 46  ? 1.977   11.544  8.920   1.00 19.82 ? 46  ALA A CA  1 
ATOM   336  C C   . ALA A 1 46  ? 1.723   12.902  9.556   1.00 21.34 ? 46  ALA A C   1 
ATOM   337  O O   . ALA A 1 46  ? 1.589   13.895  8.857   1.00 21.69 ? 46  ALA A O   1 
ATOM   338  C CB  . ALA A 1 46  ? 0.715   10.704  8.957   1.00 17.24 ? 46  ALA A CB  1 
ATOM   339  N N   . ARG A 1 47  ? 1.673   12.952  10.882  1.00 24.28 ? 47  ARG A N   1 
ATOM   340  C CA  . ARG A 1 47  ? 1.449   14.216  11.579  1.00 28.51 ? 47  ARG A CA  1 
ATOM   341  C C   . ARG A 1 47  ? 2.551   15.215  11.223  1.00 28.65 ? 47  ARG A C   1 
ATOM   342  O O   . ARG A 1 47  ? 2.270   16.380  10.950  1.00 28.98 ? 47  ARG A O   1 
ATOM   343  C CB  . ARG A 1 47  ? 1.438   13.998  13.095  1.00 30.92 ? 47  ARG A CB  1 
ATOM   344  C CG  . ARG A 1 47  ? 0.151   13.378  13.628  1.00 38.81 ? 47  ARG A CG  1 
ATOM   345  C CD  . ARG A 1 47  ? 0.246   13.114  15.134  1.00 43.16 ? 47  ARG A CD  1 
ATOM   346  N NE  . ARG A 1 47  ? 0.019   11.712  15.482  1.00 45.83 ? 47  ARG A NE  1 
ATOM   347  C CZ  . ARG A 1 47  ? 0.823   11.002  16.270  1.00 48.10 ? 47  ARG A CZ  1 
ATOM   348  N NH1 . ARG A 1 47  ? 1.911   11.564  16.790  1.00 49.51 ? 47  ARG A NH1 1 
ATOM   349  N NH2 . ARG A 1 47  ? 0.544   9.731   16.538  1.00 50.25 ? 47  ARG A NH2 1 
ATOM   350  N N   . GLN A 1 48  ? 3.797   14.739  11.236  1.00 29.33 ? 48  GLN A N   1 
ATOM   351  C CA  . GLN A 1 48  ? 4.977   15.545  10.917  1.00 28.96 ? 48  GLN A CA  1 
ATOM   352  C C   . GLN A 1 48  ? 4.876   16.151  9.520   1.00 29.37 ? 48  GLN A C   1 
ATOM   353  O O   . GLN A 1 48  ? 5.410   17.233  9.273   1.00 30.16 ? 48  GLN A O   1 
ATOM   354  C CB  . GLN A 1 48  ? 6.249   14.678  10.999  1.00 34.45 ? 48  GLN A CB  1 
ATOM   355  C CG  . GLN A 1 48  ? 7.173   14.936  12.214  1.00 39.81 ? 48  GLN A CG  1 
ATOM   356  C CD  . GLN A 1 48  ? 8.008   13.700  12.629  1.00 43.50 ? 48  GLN A CD  1 
ATOM   357  O OE1 . GLN A 1 48  ? 8.583   12.999  11.785  1.00 43.24 ? 48  GLN A OE1 1 
ATOM   358  N NE2 . GLN A 1 48  ? 8.072   13.443  13.938  1.00 43.58 ? 48  GLN A NE2 1 
ATOM   359  N N   . ALA A 1 49  ? 4.210   15.446  8.603   1.00 26.65 ? 49  ALA A N   1 
ATOM   360  C CA  . ALA A 1 49  ? 4.039   15.921  7.228   1.00 23.83 ? 49  ALA A CA  1 
ATOM   361  C C   . ALA A 1 49  ? 2.720   16.674  7.048   1.00 25.46 ? 49  ALA A C   1 
ATOM   362  O O   . ALA A 1 49  ? 2.325   16.983  5.926   1.00 28.74 ? 49  ALA A O   1 
ATOM   363  C CB  . ALA A 1 49  ? 4.091   14.734  6.253   1.00 23.48 ? 49  ALA A CB  1 
ATOM   364  N N   . GLY A 1 50  ? 2.031   16.960  8.145   1.00 23.07 ? 50  GLY A N   1 
ATOM   365  C CA  . GLY A 1 50  ? 0.766   17.661  8.052   1.00 22.32 ? 50  GLY A CA  1 
ATOM   366  C C   . GLY A 1 50  ? -0.383  16.894  7.398   1.00 23.21 ? 50  GLY A C   1 
ATOM   367  O O   . GLY A 1 50  ? -1.321  17.507  6.892   1.00 26.16 ? 50  GLY A O   1 
ATOM   368  N N   . ILE A 1 51  ? -0.331  15.565  7.412   1.00 21.33 ? 51  ILE A N   1 
ATOM   369  C CA  . ILE A 1 51  ? -1.383  14.742  6.815   1.00 18.02 ? 51  ILE A CA  1 
ATOM   370  C C   . ILE A 1 51  ? -2.350  14.262  7.890   1.00 20.24 ? 51  ILE A C   1 
ATOM   371  O O   . ILE A 1 51  ? -1.925  13.867  8.984   1.00 20.09 ? 51  ILE A O   1 
ATOM   372  C CB  . ILE A 1 51  ? -0.768  13.500  6.089   1.00 18.27 ? 51  ILE A CB  1 
ATOM   373  C CG1 . ILE A 1 51  ? 0.100   13.972  4.920   1.00 17.67 ? 51  ILE A CG1 1 
ATOM   374  C CG2 . ILE A 1 51  ? -1.877  12.547  5.604   1.00 13.73 ? 51  ILE A CG2 1 
ATOM   375  C CD1 . ILE A 1 51  ? 1.119   12.964  4.457   1.00 16.41 ? 51  ILE A CD1 1 
ATOM   376  N N   . ALA A 1 52  ? -3.647  14.298  7.579   1.00 19.11 ? 52  ALA A N   1 
ATOM   377  C CA  . ALA A 1 52  ? -4.686  13.846  8.511   1.00 19.36 ? 52  ALA A CA  1 
ATOM   378  C C   . ALA A 1 52  ? -4.527  12.354  8.810   1.00 17.67 ? 52  ALA A C   1 
ATOM   379  O O   . ALA A 1 52  ? -4.143  11.570  7.944   1.00 17.30 ? 52  ALA A O   1 
ATOM   380  C CB  . ALA A 1 52  ? -6.069  14.094  7.917   1.00 19.13 ? 52  ALA A CB  1 
ATOM   381  N N   . THR A 1 53  ? -4.826  11.960  10.036  1.00 18.10 ? 53  THR A N   1 
ATOM   382  C CA  . THR A 1 53  ? -4.720  10.553  10.401  1.00 17.13 ? 53  THR A CA  1 
ATOM   383  C C   . THR A 1 53  ? -5.978  10.143  11.156  1.00 18.20 ? 53  THR A C   1 
ATOM   384  O O   . THR A 1 53  ? -6.656  10.985  11.754  1.00 17.85 ? 53  THR A O   1 
ATOM   385  C CB  . THR A 1 53  ? -3.519  10.281  11.340  1.00 14.39 ? 53  THR A CB  1 
ATOM   386  O OG1 . THR A 1 53  ? -3.723  10.992  12.561  1.00 22.24 ? 53  THR A OG1 1 
ATOM   387  C CG2 . THR A 1 53  ? -2.223  10.725  10.737  1.00 13.77 ? 53  THR A CG2 1 
ATOM   388  N N   . HIS A 1 54  ? -6.285  8.851   11.121  1.00 16.28 ? 54  HIS A N   1 
ATOM   389  C CA  . HIS A 1 54  ? -7.419  8.296   11.841  1.00 18.87 ? 54  HIS A CA  1 
ATOM   390  C C   . HIS A 1 54  ? -7.000  6.919   12.299  1.00 19.33 ? 54  HIS A C   1 
ATOM   391  O O   . HIS A 1 54  ? -6.299  6.212   11.582  1.00 17.69 ? 54  HIS A O   1 
ATOM   392  C CB  . HIS A 1 54  ? -8.655  8.180   10.948  1.00 22.35 ? 54  HIS A CB  1 
ATOM   393  C CG  . HIS A 1 54  ? -9.225  9.506   10.554  1.00 29.56 ? 54  HIS A CG  1 
ATOM   394  N ND1 . HIS A 1 54  ? -8.938  10.109  9.345   1.00 28.76 ? 54  HIS A ND1 1 
ATOM   395  C CD2 . HIS A 1 54  ? -10.016 10.374  11.227  1.00 29.13 ? 54  HIS A CD2 1 
ATOM   396  C CE1 . HIS A 1 54  ? -9.528  11.290  9.294   1.00 28.82 ? 54  HIS A CE1 1 
ATOM   397  N NE2 . HIS A 1 54  ? -10.189 11.475  10.423  1.00 32.51 ? 54  HIS A NE2 1 
ATOM   398  N N   . THR A 1 55  ? -7.409  6.545   13.503  1.00 17.79 ? 55  THR A N   1 
ATOM   399  C CA  . THR A 1 55  ? -7.081  5.228   14.027  1.00 16.52 ? 55  THR A CA  1 
ATOM   400  C C   . THR A 1 55  ? -8.399  4.537   14.332  1.00 16.14 ? 55  THR A C   1 
ATOM   401  O O   . THR A 1 55  ? -9.267  5.130   14.954  1.00 19.93 ? 55  THR A O   1 
ATOM   402  C CB  . THR A 1 55  ? -6.256  5.323   15.350  1.00 18.48 ? 55  THR A CB  1 
ATOM   403  O OG1 . THR A 1 55  ? -5.052  6.074   15.125  1.00 17.51 ? 55  THR A OG1 1 
ATOM   404  C CG2 . THR A 1 55  ? -5.906  3.935   15.863  1.00 18.95 ? 55  THR A CG2 1 
ATOM   405  N N   . LEU A 1 56  ? -8.568  3.305   13.873  1.00 17.36 ? 56  LEU A N   1 
ATOM   406  C CA  . LEU A 1 56  ? -9.781  2.553   14.168  1.00 16.61 ? 56  LEU A CA  1 
ATOM   407  C C   . LEU A 1 56  ? -9.282  1.268   14.807  1.00 16.42 ? 56  LEU A C   1 
ATOM   408  O O   . LEU A 1 56  ? -8.515  0.530   14.201  1.00 15.20 ? 56  LEU A O   1 
ATOM   409  C CB  . LEU A 1 56  ? -10.591 2.260   12.893  1.00 17.89 ? 56  LEU A CB  1 
ATOM   410  C CG  . LEU A 1 56  ? -11.546 3.393   12.477  1.00 18.14 ? 56  LEU A CG  1 
ATOM   411  C CD1 . LEU A 1 56  ? -10.749 4.500   11.848  1.00 22.70 ? 56  LEU A CD1 1 
ATOM   412  C CD2 . LEU A 1 56  ? -12.594 2.896   11.486  1.00 18.57 ? 56  LEU A CD2 1 
ATOM   413  N N   . ILE A 1 57  ? -9.701  1.042   16.051  1.00 18.38 ? 57  ILE A N   1 
ATOM   414  C CA  . ILE A 1 57  ? -9.307  -0.120  16.840  1.00 19.90 ? 57  ILE A CA  1 
ATOM   415  C C   . ILE A 1 57  ? -10.430 -1.154  16.832  1.00 19.10 ? 57  ILE A C   1 
ATOM   416  O O   . ILE A 1 57  ? -11.585 -0.825  17.092  1.00 20.58 ? 57  ILE A O   1 
ATOM   417  C CB  . ILE A 1 57  ? -9.019  0.313   18.303  1.00 21.43 ? 57  ILE A CB  1 
ATOM   418  C CG1 . ILE A 1 57  ? -7.951  1.405   18.317  1.00 26.38 ? 57  ILE A CG1 1 
ATOM   419  C CG2 . ILE A 1 57  ? -8.516  -0.854  19.113  1.00 26.46 ? 57  ILE A CG2 1 
ATOM   420  C CD1 . ILE A 1 57  ? -6.698  1.030   17.543  1.00 23.57 ? 57  ILE A CD1 1 
ATOM   421  N N   . ALA A 1 58  ? -10.086 -2.401  16.539  1.00 19.68 ? 58  ALA A N   1 
ATOM   422  C CA  . ALA A 1 58  ? -11.078 -3.470  16.481  1.00 20.80 ? 58  ALA A CA  1 
ATOM   423  C C   . ALA A 1 58  ? -11.846 -3.607  17.786  1.00 20.08 ? 58  ALA A C   1 
ATOM   424  O O   . ALA A 1 58  ? -13.070 -3.781  17.780  1.00 20.07 ? 58  ALA A O   1 
ATOM   425  C CB  . ALA A 1 58  ? -10.404 -4.796  16.137  1.00 21.07 ? 58  ALA A CB  1 
ATOM   426  N N   . SER A 1 59  ? -11.121 -3.523  18.896  1.00 17.49 ? 59  SER A N   1 
ATOM   427  C CA  . SER A 1 59  ? -11.728 -3.659  20.210  1.00 16.97 ? 59  SER A CA  1 
ATOM   428  C C   . SER A 1 59  ? -12.675 -2.517  20.485  1.00 20.17 ? 59  SER A C   1 
ATOM   429  O O   . SER A 1 59  ? -13.406 -2.533  21.475  1.00 21.11 ? 59  SER A O   1 
ATOM   430  C CB  . SER A 1 59  ? -10.657 -3.697  21.288  1.00 19.47 ? 59  SER A CB  1 
ATOM   431  O OG  . SER A 1 59  ? -10.125 -2.406  21.503  1.00 20.23 ? 59  SER A OG  1 
ATOM   432  N N   . ALA A 1 60  ? -12.669 -1.520  19.607  1.00 18.09 ? 60  ALA A N   1 
ATOM   433  C CA  . ALA A 1 60  ? -13.547 -0.388  19.785  1.00 17.96 ? 60  ALA A CA  1 
ATOM   434  C C   . ALA A 1 60  ? -14.901 -0.603  19.115  1.00 18.36 ? 60  ALA A C   1 
ATOM   435  O O   . ALA A 1 60  ? -15.820 0.179   19.326  1.00 22.88 ? 60  ALA A O   1 
ATOM   436  C CB  . ALA A 1 60  ? -12.891 0.863   19.237  1.00 19.23 ? 60  ALA A CB  1 
ATOM   437  N N   . PHE A 1 61  ? -15.047 -1.663  18.331  1.00 16.96 ? 61  PHE A N   1 
ATOM   438  C CA  . PHE A 1 61  ? -16.312 -1.900  17.629  1.00 17.69 ? 61  PHE A CA  1 
ATOM   439  C C   . PHE A 1 61  ? -17.021 -3.192  18.037  1.00 17.23 ? 61  PHE A C   1 
ATOM   440  O O   . PHE A 1 61  ? -16.419 -4.073  18.641  1.00 19.28 ? 61  PHE A O   1 
ATOM   441  C CB  . PHE A 1 61  ? -16.057 -1.906  16.112  1.00 18.66 ? 61  PHE A CB  1 
ATOM   442  C CG  . PHE A 1 61  ? -15.659 -0.555  15.561  1.00 18.45 ? 61  PHE A CG  1 
ATOM   443  C CD1 . PHE A 1 61  ? -14.352 -0.077  15.729  1.00 17.47 ? 61  PHE A CD1 1 
ATOM   444  C CD2 . PHE A 1 61  ? -16.594 0.245   14.898  1.00 14.20 ? 61  PHE A CD2 1 
ATOM   445  C CE1 . PHE A 1 61  ? -13.979 1.188   15.244  1.00 18.04 ? 61  PHE A CE1 1 
ATOM   446  C CE2 . PHE A 1 61  ? -16.233 1.511   14.407  1.00 14.63 ? 61  PHE A CE2 1 
ATOM   447  C CZ  . PHE A 1 61  ? -14.923 1.984   14.581  1.00 17.08 ? 61  PHE A CZ  1 
ATOM   448  N N   . ASP A 1 62  ? -18.299 -3.299  17.688  1.00 16.47 ? 62  ASP A N   1 
ATOM   449  C CA  . ASP A 1 62  ? -19.100 -4.483  18.019  1.00 17.77 ? 62  ASP A CA  1 
ATOM   450  C C   . ASP A 1 62  ? -18.731 -5.738  17.269  1.00 15.95 ? 62  ASP A C   1 
ATOM   451  O O   . ASP A 1 62  ? -18.866 -6.845  17.788  1.00 14.63 ? 62  ASP A O   1 
ATOM   452  C CB  . ASP A 1 62  ? -20.584 -4.230  17.750  1.00 21.04 ? 62  ASP A CB  1 
ATOM   453  C CG  . ASP A 1 62  ? -21.237 -3.427  18.839  1.00 27.14 ? 62  ASP A CG  1 
ATOM   454  O OD1 . ASP A 1 62  ? -20.650 -3.364  19.934  1.00 31.67 ? 62  ASP A OD1 1 
ATOM   455  O OD2 . ASP A 1 62  ? -22.326 -2.861  18.596  1.00 30.96 ? 62  ASP A OD2 1 
ATOM   456  N N   . SER A 1 63  ? -18.275 -5.571  16.038  1.00 14.20 ? 63  SER A N   1 
ATOM   457  C CA  . SER A 1 63  ? -17.957 -6.712  15.209  1.00 14.40 ? 63  SER A CA  1 
ATOM   458  C C   . SER A 1 63  ? -17.081 -6.294  14.049  1.00 14.28 ? 63  SER A C   1 
ATOM   459  O O   . SER A 1 63  ? -16.850 -5.108  13.840  1.00 14.71 ? 63  SER A O   1 
ATOM   460  C CB  . SER A 1 63  ? -19.254 -7.297  14.651  1.00 17.69 ? 63  SER A CB  1 
ATOM   461  O OG  . SER A 1 63  ? -19.849 -6.378  13.747  1.00 17.04 ? 63  SER A OG  1 
ATOM   462  N N   . ARG A 1 64  ? -16.603 -7.274  13.301  1.00 15.27 ? 64  ARG A N   1 
ATOM   463  C CA  . ARG A 1 64  ? -15.766 -7.023  12.133  1.00 16.73 ? 64  ARG A CA  1 
ATOM   464  C C   . ARG A 1 64  ? -16.567 -6.204  11.126  1.00 18.40 ? 64  ARG A C   1 
ATOM   465  O O   . ARG A 1 64  ? -16.041 -5.291  10.492  1.00 19.74 ? 64  ARG A O   1 
ATOM   466  C CB  . ARG A 1 64  ? -15.354 -8.343  11.486  1.00 15.65 ? 64  ARG A CB  1 
ATOM   467  C CG  . ARG A 1 64  ? -14.246 -9.073  12.192  1.00 22.92 ? 64  ARG A CG  1 
ATOM   468  C CD  . ARG A 1 64  ? -13.276 -9.702  11.181  1.00 28.07 ? 64  ARG A CD  1 
ATOM   469  N NE  . ARG A 1 64  ? -11.887 -9.606  11.635  1.00 32.75 ? 64  ARG A NE  1 
ATOM   470  C CZ  . ARG A 1 64  ? -10.872 -9.199  10.882  1.00 31.60 ? 64  ARG A CZ  1 
ATOM   471  N NH1 . ARG A 1 64  ? -11.077 -8.846  9.620   1.00 36.95 ? 64  ARG A NH1 1 
ATOM   472  N NH2 . ARG A 1 64  ? -9.650  -9.145  11.391  1.00 37.90 ? 64  ARG A NH2 1 
ATOM   473  N N   . GLU A 1 65  ? -17.843 -6.539  10.986  1.00 19.38 ? 65  GLU A N   1 
ATOM   474  C CA  . GLU A 1 65  ? -18.729 -5.841  10.059  1.00 21.16 ? 65  GLU A CA  1 
ATOM   475  C C   . GLU A 1 65  ? -18.824 -4.349  10.375  1.00 18.48 ? 65  GLU A C   1 
ATOM   476  O O   . GLU A 1 65  ? -18.637 -3.513  9.501   1.00 20.02 ? 65  GLU A O   1 
ATOM   477  C CB  . GLU A 1 65  ? -20.128 -6.467  10.107  1.00 26.52 ? 65  GLU A CB  1 
ATOM   478  C CG  . GLU A 1 65  ? -20.603 -7.054  8.786   1.00 39.31 ? 65  GLU A CG  1 
ATOM   479  C CD  . GLU A 1 65  ? -22.005 -6.578  8.387   1.00 47.92 ? 65  GLU A CD  1 
ATOM   480  O OE1 . GLU A 1 65  ? -22.974 -6.881  9.131   1.00 51.05 ? 65  GLU A OE1 1 
ATOM   481  O OE2 . GLU A 1 65  ? -22.143 -5.906  7.327   1.00 49.87 ? 65  GLU A OE2 1 
ATOM   482  N N   . ALA A 1 66  ? -19.126 -4.018  11.625  1.00 17.11 ? 66  ALA A N   1 
ATOM   483  C CA  . ALA A 1 66  ? -19.257 -2.631  12.050  1.00 15.26 ? 66  ALA A CA  1 
ATOM   484  C C   . ALA A 1 66  ? -17.963 -1.882  11.801  1.00 15.47 ? 66  ALA A C   1 
ATOM   485  O O   . ALA A 1 66  ? -17.964 -0.724  11.379  1.00 14.99 ? 66  ALA A O   1 
ATOM   486  C CB  . ALA A 1 66  ? -19.602 -2.576  13.530  1.00 14.79 ? 66  ALA A CB  1 
ATOM   487  N N   . TYR A 1 67  ? -16.855 -2.545  12.100  1.00 14.23 ? 67  TYR A N   1 
ATOM   488  C CA  . TYR A 1 67  ? -15.540 -1.962  11.905  1.00 15.81 ? 67  TYR A CA  1 
ATOM   489  C C   . TYR A 1 67  ? -15.286 -1.660  10.418  1.00 16.33 ? 67  TYR A C   1 
ATOM   490  O O   . TYR A 1 67  ? -14.893 -0.552  10.066  1.00 14.97 ? 67  TYR A O   1 
ATOM   491  C CB  . TYR A 1 67  ? -14.463 -2.917  12.432  1.00 13.97 ? 67  TYR A CB  1 
ATOM   492  C CG  . TYR A 1 67  ? -13.064 -2.381  12.279  1.00 15.33 ? 67  TYR A CG  1 
ATOM   493  C CD1 . TYR A 1 67  ? -12.406 -2.445  11.048  1.00 16.10 ? 67  TYR A CD1 1 
ATOM   494  C CD2 . TYR A 1 67  ? -12.392 -1.800  13.357  1.00 15.01 ? 67  TYR A CD2 1 
ATOM   495  C CE1 . TYR A 1 67  ? -11.116 -1.944  10.893  1.00 15.41 ? 67  TYR A CE1 1 
ATOM   496  C CE2 . TYR A 1 67  ? -11.097 -1.293  13.213  1.00 15.58 ? 67  TYR A CE2 1 
ATOM   497  C CZ  . TYR A 1 67  ? -10.465 -1.369  11.977  1.00 17.29 ? 67  TYR A CZ  1 
ATOM   498  O OH  . TYR A 1 67  ? -9.192  -0.871  11.809  1.00 15.56 ? 67  TYR A OH  1 
ATOM   499  N N   . ASP A 1 68  ? -15.512 -2.648  9.559   1.00 15.42 ? 68  ASP A N   1 
ATOM   500  C CA  . ASP A 1 68  ? -15.281 -2.476  8.123   1.00 17.51 ? 68  ASP A CA  1 
ATOM   501  C C   . ASP A 1 68  ? -16.166 -1.381  7.521   1.00 17.79 ? 68  ASP A C   1 
ATOM   502  O O   . ASP A 1 68  ? -15.733 -0.637  6.643   1.00 18.30 ? 68  ASP A O   1 
ATOM   503  C CB  . ASP A 1 68  ? -15.505 -3.796  7.388   1.00 19.48 ? 68  ASP A CB  1 
ATOM   504  C CG  . ASP A 1 68  ? -14.458 -4.855  7.739   1.00 24.88 ? 68  ASP A CG  1 
ATOM   505  O OD1 . ASP A 1 68  ? -13.403 -4.514  8.304   1.00 32.71 ? 68  ASP A OD1 1 
ATOM   506  O OD2 . ASP A 1 68  ? -14.687 -6.042  7.452   1.00 29.73 ? 68  ASP A OD2 1 
ATOM   507  N N   . ARG A 1 69  ? -17.401 -1.270  7.992   1.00 18.75 ? 69  ARG A N   1 
ATOM   508  C CA  . ARG A 1 69  ? -18.292 -0.243  7.469   1.00 20.79 ? 69  ARG A CA  1 
ATOM   509  C C   . ARG A 1 69  ? -17.805 1.153   7.866   1.00 21.06 ? 69  ARG A C   1 
ATOM   510  O O   . ARG A 1 69  ? -17.899 2.103   7.073   1.00 19.86 ? 69  ARG A O   1 
ATOM   511  C CB  . ARG A 1 69  ? -19.722 -0.460  7.977   1.00 24.12 ? 69  ARG A CB  1 
ATOM   512  C CG  . ARG A 1 69  ? -20.382 -1.735  7.466   1.00 31.51 ? 69  ARG A CG  1 
ATOM   513  C CD  . ARG A 1 69  ? -21.892 -1.705  7.679   1.00 36.13 ? 69  ARG A CD  1 
ATOM   514  N NE  . ARG A 1 69  ? -22.278 -1.674  9.093   1.00 42.77 ? 69  ARG A NE  1 
ATOM   515  C CZ  . ARG A 1 69  ? -22.392 -2.756  9.866   1.00 45.42 ? 69  ARG A CZ  1 
ATOM   516  N NH1 . ARG A 1 69  ? -22.146 -3.960  9.361   1.00 46.79 ? 69  ARG A NH1 1 
ATOM   517  N NH2 . ARG A 1 69  ? -22.774 -2.643  11.136  1.00 43.97 ? 69  ARG A NH2 1 
ATOM   518  N N   . ALA A 1 70  ? -17.292 1.282   9.091   1.00 17.40 ? 70  ALA A N   1 
ATOM   519  C CA  . ALA A 1 70  ? -16.797 2.566   9.577   1.00 15.97 ? 70  ALA A CA  1 
ATOM   520  C C   . ALA A 1 70  ? -15.508 2.940   8.853   1.00 15.12 ? 70  ALA A C   1 
ATOM   521  O O   . ALA A 1 70  ? -15.285 4.100   8.532   1.00 15.22 ? 70  ALA A O   1 
ATOM   522  C CB  . ALA A 1 70  ? -16.554 2.502   11.096  1.00 16.84 ? 70  ALA A CB  1 
ATOM   523  N N   . LEU A 1 71  ? -14.656 1.950   8.608   1.00 14.93 ? 71  LEU A N   1 
ATOM   524  C CA  . LEU A 1 71  ? -13.393 2.186   7.907   1.00 15.35 ? 71  LEU A CA  1 
ATOM   525  C C   . LEU A 1 71  ? -13.643 2.681   6.475   1.00 14.09 ? 71  LEU A C   1 
ATOM   526  O O   . LEU A 1 71  ? -13.019 3.635   6.022   1.00 14.98 ? 71  LEU A O   1 
ATOM   527  C CB  . LEU A 1 71  ? -12.549 0.901   7.868   1.00 13.06 ? 71  LEU A CB  1 
ATOM   528  C CG  . LEU A 1 71  ? -11.197 1.029   7.134   1.00 15.87 ? 71  LEU A CG  1 
ATOM   529  C CD1 . LEU A 1 71  ? -10.342 2.099   7.813   1.00 12.76 ? 71  LEU A CD1 1 
ATOM   530  C CD2 . LEU A 1 71  ? -10.462 -0.334  7.099   1.00 14.62 ? 71  LEU A CD2 1 
ATOM   531  N N   . ILE A 1 72  ? -14.564 2.030   5.778   1.00 14.31 ? 72  ILE A N   1 
ATOM   532  C CA  . ILE A 1 72  ? -14.895 2.405   4.409   1.00 15.26 ? 72  ILE A CA  1 
ATOM   533  C C   . ILE A 1 72  ? -15.519 3.799   4.356   1.00 17.71 ? 72  ILE A C   1 
ATOM   534  O O   . ILE A 1 72  ? -15.159 4.634   3.510   1.00 15.95 ? 72  ILE A O   1 
ATOM   535  C CB  . ILE A 1 72  ? -15.863 1.375   3.779   1.00 15.90 ? 72  ILE A CB  1 
ATOM   536  C CG1 . ILE A 1 72  ? -15.105 0.075   3.496   1.00 12.69 ? 72  ILE A CG1 1 
ATOM   537  C CG2 . ILE A 1 72  ? -16.469 1.924   2.482   1.00 16.69 ? 72  ILE A CG2 1 
ATOM   538  C CD1 . ILE A 1 72  ? -16.002 -1.098  3.154   1.00 8.64  ? 72  ILE A CD1 1 
ATOM   539  N N   . HIS A 1 73  ? -16.442 4.060   5.274   1.00 16.64 ? 73  HIS A N   1 
ATOM   540  C CA  . HIS A 1 73  ? -17.109 5.349   5.314   1.00 19.45 ? 73  HIS A CA  1 
ATOM   541  C C   . HIS A 1 73  ? -16.110 6.490   5.522   1.00 19.56 ? 73  HIS A C   1 
ATOM   542  O O   . HIS A 1 73  ? -16.202 7.537   4.877   1.00 18.49 ? 73  HIS A O   1 
ATOM   543  C CB  . HIS A 1 73  ? -18.154 5.351   6.431   1.00 20.39 ? 73  HIS A CB  1 
ATOM   544  C CG  . HIS A 1 73  ? -18.731 6.702   6.720   1.00 26.37 ? 73  HIS A CG  1 
ATOM   545  N ND1 . HIS A 1 73  ? -19.795 7.224   6.016   1.00 27.74 ? 73  HIS A ND1 1 
ATOM   546  C CD2 . HIS A 1 73  ? -18.395 7.639   7.642   1.00 27.42 ? 73  HIS A CD2 1 
ATOM   547  C CE1 . HIS A 1 73  ? -20.092 8.421   6.488   1.00 25.96 ? 73  HIS A CE1 1 
ATOM   548  N NE2 . HIS A 1 73  ? -19.257 8.698   7.475   1.00 31.15 ? 73  HIS A NE2 1 
ATOM   549  N N   . GLU A 1 74  ? -15.154 6.275   6.423   1.00 18.68 ? 74  GLU A N   1 
ATOM   550  C CA  . GLU A 1 74  ? -14.139 7.271   6.736   1.00 18.43 ? 74  GLU A CA  1 
ATOM   551  C C   . GLU A 1 74  ? -13.140 7.467   5.609   1.00 15.23 ? 74  GLU A C   1 
ATOM   552  O O   . GLU A 1 74  ? -12.800 8.595   5.272   1.00 14.47 ? 74  GLU A O   1 
ATOM   553  C CB  . GLU A 1 74  ? -13.408 6.884   8.016   1.00 20.87 ? 74  GLU A CB  1 
ATOM   554  C CG  . GLU A 1 74  ? -14.312 6.910   9.225   1.00 30.22 ? 74  GLU A CG  1 
ATOM   555  C CD  . GLU A 1 74  ? -13.544 6.908   10.541  1.00 37.09 ? 74  GLU A CD  1 
ATOM   556  O OE1 . GLU A 1 74  ? -12.307 7.150   10.539  1.00 38.19 ? 74  GLU A OE1 1 
ATOM   557  O OE2 . GLU A 1 74  ? -14.189 6.663   11.587  1.00 38.88 ? 74  GLU A OE2 1 
ATOM   558  N N   . ILE A 1 75  ? -12.659 6.376   5.034   1.00 13.01 ? 75  ILE A N   1 
ATOM   559  C CA  . ILE A 1 75  ? -11.722 6.474   3.929   1.00 12.56 ? 75  ILE A CA  1 
ATOM   560  C C   . ILE A 1 75  ? -12.395 7.244   2.790   1.00 12.27 ? 75  ILE A C   1 
ATOM   561  O O   . ILE A 1 75  ? -11.802 8.148   2.208   1.00 12.64 ? 75  ILE A O   1 
ATOM   562  C CB  . ILE A 1 75  ? -11.338 5.089   3.392   1.00 12.28 ? 75  ILE A CB  1 
ATOM   563  C CG1 . ILE A 1 75  ? -10.369 4.395   4.359   1.00 9.25  ? 75  ILE A CG1 1 
ATOM   564  C CG2 . ILE A 1 75  ? -10.719 5.228   2.000   1.00 11.53 ? 75  ILE A CG2 1 
ATOM   565  C CD1 . ILE A 1 75  ? -10.124 2.941   4.013   1.00 6.01  ? 75  ILE A CD1 1 
ATOM   566  N N   . ASP A 1 76  ? -13.644 6.887   2.502   1.00 11.82 ? 76  ASP A N   1 
ATOM   567  C CA  . ASP A 1 76  ? -14.388 7.503   1.404   1.00 15.17 ? 76  ASP A CA  1 
ATOM   568  C C   . ASP A 1 76  ? -14.581 9.023   1.506   1.00 18.67 ? 76  ASP A C   1 
ATOM   569  O O   . ASP A 1 76  ? -14.797 9.697   0.496   1.00 19.63 ? 76  ASP A O   1 
ATOM   570  C CB  . ASP A 1 76  ? -15.730 6.804   1.246   1.00 12.06 ? 76  ASP A CB  1 
ATOM   571  C CG  . ASP A 1 76  ? -15.622 5.501   0.474   1.00 15.49 ? 76  ASP A CG  1 
ATOM   572  O OD1 . ASP A 1 76  ? -14.488 5.077   0.149   1.00 13.48 ? 76  ASP A OD1 1 
ATOM   573  O OD2 . ASP A 1 76  ? -16.680 4.896   0.183   1.00 17.51 ? 76  ASP A OD2 1 
ATOM   574  N N   . MET A 1 77  ? -14.499 9.560   2.718   1.00 19.59 ? 77  MET A N   1 
ATOM   575  C CA  . MET A 1 77  ? -14.632 10.997  2.928   1.00 19.18 ? 77  MET A CA  1 
ATOM   576  C C   . MET A 1 77  ? -13.463 11.691  2.238   1.00 18.84 ? 77  MET A C   1 
ATOM   577  O O   . MET A 1 77  ? -13.508 12.905  2.011   1.00 19.35 ? 77  MET A O   1 
ATOM   578  C CB  . MET A 1 77  ? -14.563 11.342  4.427   1.00 23.61 ? 77  MET A CB  1 
ATOM   579  C CG  . MET A 1 77  ? -15.692 10.806  5.299   1.00 29.29 ? 77  MET A CG  1 
ATOM   580  S SD  . MET A 1 77  ? -17.311 11.354  4.757   1.00 36.86 ? 77  MET A SD  1 
ATOM   581  C CE  . MET A 1 77  ? -17.058 13.118  4.632   1.00 36.53 ? 77  MET A CE  1 
ATOM   582  N N   . TYR A 1 78  ? -12.411 10.930  1.926   1.00 15.80 ? 78  TYR A N   1 
ATOM   583  C CA  . TYR A 1 78  ? -11.210 11.486  1.292   1.00 14.50 ? 78  TYR A CA  1 
ATOM   584  C C   . TYR A 1 78  ? -11.118 11.264  -0.213  1.00 13.01 ? 78  TYR A C   1 
ATOM   585  O O   . TYR A 1 78  ? -10.124 11.645  -0.837  1.00 15.11 ? 78  TYR A O   1 
ATOM   586  C CB  . TYR A 1 78  ? -9.938  10.945  1.971   1.00 14.53 ? 78  TYR A CB  1 
ATOM   587  C CG  . TYR A 1 78  ? -9.727  11.502  3.369   1.00 16.53 ? 78  TYR A CG  1 
ATOM   588  C CD1 . TYR A 1 78  ? -9.140  12.765  3.567   1.00 14.90 ? 78  TYR A CD1 1 
ATOM   589  C CD2 . TYR A 1 78  ? -10.177 10.799  4.490   1.00 14.22 ? 78  TYR A CD2 1 
ATOM   590  C CE1 . TYR A 1 78  ? -9.016  13.316  4.847   1.00 14.87 ? 78  TYR A CE1 1 
ATOM   591  C CE2 . TYR A 1 78  ? -10.059 11.340  5.775   1.00 15.11 ? 78  TYR A CE2 1 
ATOM   592  C CZ  . TYR A 1 78  ? -9.483  12.596  5.950   1.00 17.69 ? 78  TYR A CZ  1 
ATOM   593  O OH  . TYR A 1 78  ? -9.399  13.129  7.222   1.00 18.70 ? 78  TYR A OH  1 
ATOM   594  N N   . ALA A 1 79  ? -12.158 10.663  -0.786  1.00 12.70 ? 79  ALA A N   1 
ATOM   595  C CA  . ALA A 1 79  ? -12.233 10.413  -2.226  1.00 15.32 ? 79  ALA A CA  1 
ATOM   596  C C   . ALA A 1 79  ? -10.917 9.878   -2.798  1.00 16.47 ? 79  ALA A C   1 
ATOM   597  O O   . ALA A 1 79  ? -10.301 10.504  -3.671  1.00 14.86 ? 79  ALA A O   1 
ATOM   598  C CB  . ALA A 1 79  ? -12.634 11.710  -2.957  1.00 12.15 ? 79  ALA A CB  1 
ATOM   599  N N   . PRO A 1 80  ? -10.462 8.706   -2.311  1.00 15.43 ? 80  PRO A N   1 
ATOM   600  C CA  . PRO A 1 80  ? -9.206  8.161   -2.833  1.00 13.54 ? 80  PRO A CA  1 
ATOM   601  C C   . PRO A 1 80  ? -9.337  7.602   -4.248  1.00 13.16 ? 80  PRO A C   1 
ATOM   602  O O   . PRO A 1 80  ? -10.316 6.916   -4.559  1.00 11.53 ? 80  PRO A O   1 
ATOM   603  C CB  . PRO A 1 80  ? -8.874  7.032   -1.853  1.00 12.14 ? 80  PRO A CB  1 
ATOM   604  C CG  . PRO A 1 80  ? -10.243 6.544   -1.416  1.00 12.44 ? 80  PRO A CG  1 
ATOM   605  C CD  . PRO A 1 80  ? -11.051 7.832   -1.277  1.00 13.78 ? 80  PRO A CD  1 
ATOM   606  N N   . ASP A 1 81  ? -8.328  7.891   -5.079  1.00 15.63 ? 81  ASP A N   1 
ATOM   607  C CA  . ASP A 1 81  ? -8.233  7.357   -6.440  1.00 13.18 ? 81  ASP A CA  1 
ATOM   608  C C   . ASP A 1 81  ? -7.410  6.086   -6.268  1.00 12.48 ? 81  ASP A C   1 
ATOM   609  O O   . ASP A 1 81  ? -7.442  5.187   -7.102  1.00 12.44 ? 81  ASP A O   1 
ATOM   610  C CB  . ASP A 1 81  ? -7.514  8.351   -7.346  1.00 13.35 ? 81  ASP A CB  1 
ATOM   611  C CG  . ASP A 1 81  ? -8.382  9.532   -7.655  1.00 12.69 ? 81  ASP A CG  1 
ATOM   612  O OD1 . ASP A 1 81  ? -9.425  9.320   -8.311  1.00 15.44 ? 81  ASP A OD1 1 
ATOM   613  O OD2 . ASP A 1 81  ? -8.052  10.647  -7.218  1.00 12.74 ? 81  ASP A OD2 1 
ATOM   614  N N   . VAL A 1 82  ? -6.667  6.028   -5.164  1.00 12.75 ? 82  VAL A N   1 
ATOM   615  C CA  . VAL A 1 82  ? -5.886  4.839   -4.852  1.00 14.37 ? 82  VAL A CA  1 
ATOM   616  C C   . VAL A 1 82  ? -5.748  4.662   -3.327  1.00 14.09 ? 82  VAL A C   1 
ATOM   617  O O   . VAL A 1 82  ? -5.475  5.615   -2.596  1.00 13.94 ? 82  VAL A O   1 
ATOM   618  C CB  . VAL A 1 82  ? -4.486  4.849   -5.572  1.00 12.45 ? 82  VAL A CB  1 
ATOM   619  C CG1 . VAL A 1 82  ? -3.518  5.835   -4.925  1.00 11.83 ? 82  VAL A CG1 1 
ATOM   620  C CG2 . VAL A 1 82  ? -3.914  3.433   -5.577  1.00 16.38 ? 82  VAL A CG2 1 
ATOM   621  N N   . VAL A 1 83  ? -6.010  3.441   -2.865  1.00 14.28 ? 83  VAL A N   1 
ATOM   622  C CA  . VAL A 1 83  ? -5.894  3.093   -1.456  1.00 13.31 ? 83  VAL A CA  1 
ATOM   623  C C   . VAL A 1 83  ? -4.665  2.178   -1.390  1.00 12.61 ? 83  VAL A C   1 
ATOM   624  O O   . VAL A 1 83  ? -4.660  1.110   -2.004  1.00 13.52 ? 83  VAL A O   1 
ATOM   625  C CB  . VAL A 1 83  ? -7.149  2.312   -0.964  1.00 14.47 ? 83  VAL A CB  1 
ATOM   626  C CG1 . VAL A 1 83  ? -6.926  1.793   0.491   1.00 11.75 ? 83  VAL A CG1 1 
ATOM   627  C CG2 . VAL A 1 83  ? -8.374  3.214   -1.025  1.00 12.79 ? 83  VAL A CG2 1 
ATOM   628  N N   . VAL A 1 84  ? -3.617  2.591   -0.686  1.00 11.45 ? 84  VAL A N   1 
ATOM   629  C CA  . VAL A 1 84  ? -2.446  1.745   -0.630  1.00 11.80 ? 84  VAL A CA  1 
ATOM   630  C C   . VAL A 1 84  ? -2.192  1.183   0.757   1.00 13.33 ? 84  VAL A C   1 
ATOM   631  O O   . VAL A 1 84  ? -2.182  1.902   1.765   1.00 12.34 ? 84  VAL A O   1 
ATOM   632  C CB  . VAL A 1 84  ? -1.162  2.441   -1.205  1.00 16.38 ? 84  VAL A CB  1 
ATOM   633  C CG1 . VAL A 1 84  ? -1.518  3.728   -1.954  1.00 13.70 ? 84  VAL A CG1 1 
ATOM   634  C CG2 . VAL A 1 84  ? -0.147  2.672   -0.142  1.00 16.23 ? 84  VAL A CG2 1 
ATOM   635  N N   . LEU A 1 85  ? -2.028  -0.132  0.796   1.00 11.65 ? 85  LEU A N   1 
ATOM   636  C CA  . LEU A 1 85  ? -1.770  -0.827  2.045   1.00 12.53 ? 85  LEU A CA  1 
ATOM   637  C C   . LEU A 1 85  ? -0.262  -0.885  2.204   1.00 12.50 ? 85  LEU A C   1 
ATOM   638  O O   . LEU A 1 85  ? 0.446   -1.395  1.331   1.00 12.19 ? 85  LEU A O   1 
ATOM   639  C CB  . LEU A 1 85  ? -2.371  -2.236  1.999   1.00 13.46 ? 85  LEU A CB  1 
ATOM   640  C CG  . LEU A 1 85  ? -3.854  -2.297  1.625   1.00 15.24 ? 85  LEU A CG  1 
ATOM   641  C CD1 . LEU A 1 85  ? -4.323  -3.749  1.622   1.00 16.38 ? 85  LEU A CD1 1 
ATOM   642  C CD2 . LEU A 1 85  ? -4.672  -1.474  2.602   1.00 14.30 ? 85  LEU A CD2 1 
ATOM   643  N N   . ALA A 1 86  ? 0.223   -0.344  3.314   1.00 12.32 ? 86  ALA A N   1 
ATOM   644  C CA  . ALA A 1 86  ? 1.650   -0.314  3.599   1.00 11.58 ? 86  ALA A CA  1 
ATOM   645  C C   . ALA A 1 86  ? 1.878   -0.825  5.020   1.00 13.91 ? 86  ALA A C   1 
ATOM   646  O O   . ALA A 1 86  ? 2.034   -0.039  5.955   1.00 13.44 ? 86  ALA A O   1 
ATOM   647  C CB  . ALA A 1 86  ? 2.179   1.129   3.453   1.00 11.87 ? 86  ALA A CB  1 
ATOM   648  N N   . GLY A 1 87  ? 1.885   -2.147  5.173   1.00 13.56 ? 87  GLY A N   1 
ATOM   649  C CA  . GLY A 1 87  ? 2.082   -2.736  6.489   1.00 15.05 ? 87  GLY A CA  1 
ATOM   650  C C   . GLY A 1 87  ? 0.780   -2.835  7.266   1.00 16.63 ? 87  GLY A C   1 
ATOM   651  O O   . GLY A 1 87  ? 0.803   -2.884  8.488   1.00 14.51 ? 87  GLY A O   1 
ATOM   652  N N   . PHE A 1 88  ? -0.356  -2.845  6.560   1.00 15.95 ? 88  PHE A N   1 
ATOM   653  C CA  . PHE A 1 88  ? -1.677  -2.947  7.197   1.00 17.22 ? 88  PHE A CA  1 
ATOM   654  C C   . PHE A 1 88  ? -1.913  -4.442  7.445   1.00 18.17 ? 88  PHE A C   1 
ATOM   655  O O   . PHE A 1 88  ? -2.138  -5.216  6.506   1.00 17.05 ? 88  PHE A O   1 
ATOM   656  C CB  . PHE A 1 88  ? -2.759  -2.374  6.269   1.00 13.92 ? 88  PHE A CB  1 
ATOM   657  C CG  . PHE A 1 88  ? -4.092  -2.174  6.932   1.00 14.74 ? 88  PHE A CG  1 
ATOM   658  C CD1 . PHE A 1 88  ? -4.234  -1.274  7.977   1.00 13.92 ? 88  PHE A CD1 1 
ATOM   659  C CD2 . PHE A 1 88  ? -5.223  -2.861  6.476   1.00 12.84 ? 88  PHE A CD2 1 
ATOM   660  C CE1 . PHE A 1 88  ? -5.490  -1.058  8.564   1.00 14.09 ? 88  PHE A CE1 1 
ATOM   661  C CE2 . PHE A 1 88  ? -6.484  -2.654  7.052   1.00 11.08 ? 88  PHE A CE2 1 
ATOM   662  C CZ  . PHE A 1 88  ? -6.618  -1.753  8.097   1.00 12.16 ? 88  PHE A CZ  1 
ATOM   663  N N   . MET A 1 89  ? -1.882  -4.829  8.715   1.00 19.96 ? 89  MET A N   1 
ATOM   664  C CA  . MET A 1 89  ? -1.994  -6.235  9.095   1.00 22.70 ? 89  MET A CA  1 
ATOM   665  C C   . MET A 1 89  ? -3.366  -6.888  9.210   1.00 21.89 ? 89  MET A C   1 
ATOM   666  O O   . MET A 1 89  ? -3.468  -8.095  9.392   1.00 28.05 ? 89  MET A O   1 
ATOM   667  C CB  . MET A 1 89  ? -1.208  -6.452  10.388  1.00 23.65 ? 89  MET A CB  1 
ATOM   668  C CG  . MET A 1 89  ? 0.299   -6.221  10.237  1.00 27.46 ? 89  MET A CG  1 
ATOM   669  S SD  . MET A 1 89  ? 0.929   -6.546  8.572   1.00 34.41 ? 89  MET A SD  1 
ATOM   670  C CE  . MET A 1 89  ? 1.155   -8.250  8.628   1.00 34.33 ? 89  MET A CE  1 
ATOM   671  N N   . ARG A 1 90  ? -4.419  -6.114  9.065   1.00 21.04 ? 90  ARG A N   1 
ATOM   672  C CA  . ARG A 1 90  ? -5.769  -6.655  9.152   1.00 20.37 ? 90  ARG A CA  1 
ATOM   673  C C   . ARG A 1 90  ? -6.197  -7.487  7.935   1.00 20.92 ? 90  ARG A C   1 
ATOM   674  O O   . ARG A 1 90  ? -5.887  -7.141  6.789   1.00 17.37 ? 90  ARG A O   1 
ATOM   675  C CB  . ARG A 1 90  ? -6.758  -5.496  9.338   1.00 18.20 ? 90  ARG A CB  1 
ATOM   676  C CG  . ARG A 1 90  ? -8.207  -5.881  9.354   1.00 17.59 ? 90  ARG A CG  1 
ATOM   677  C CD  . ARG A 1 90  ? -9.059  -4.668  9.707   1.00 17.23 ? 90  ARG A CD  1 
ATOM   678  N NE  . ARG A 1 90  ? -10.469 -5.021  9.801   1.00 18.24 ? 90  ARG A NE  1 
ATOM   679  C CZ  . ARG A 1 90  ? -11.080 -5.326  10.942  1.00 19.23 ? 90  ARG A CZ  1 
ATOM   680  N NH1 . ARG A 1 90  ? -10.403 -5.316  12.081  1.00 18.88 ? 90  ARG A NH1 1 
ATOM   681  N NH2 . ARG A 1 90  ? -12.364 -5.653  10.942  1.00 21.21 ? 90  ARG A NH2 1 
ATOM   682  N N   . ILE A 1 91  ? -6.907  -8.587  8.195   1.00 20.83 ? 91  ILE A N   1 
ATOM   683  C CA  . ILE A 1 91  ? -7.438  -9.418  7.112   1.00 22.04 ? 91  ILE A CA  1 
ATOM   684  C C   . ILE A 1 91  ? -8.681  -8.647  6.623   1.00 21.68 ? 91  ILE A C   1 
ATOM   685  O O   . ILE A 1 91  ? -9.589  -8.361  7.413   1.00 19.53 ? 91  ILE A O   1 
ATOM   686  C CB  . ILE A 1 91  ? -7.878  -10.816 7.612   1.00 23.97 ? 91  ILE A CB  1 
ATOM   687  C CG1 . ILE A 1 91  ? -6.649  -11.667 7.940   1.00 25.89 ? 91  ILE A CG1 1 
ATOM   688  C CG2 . ILE A 1 91  ? -8.735  -11.500 6.545   1.00 23.90 ? 91  ILE A CG2 1 
ATOM   689  C CD1 . ILE A 1 91  ? -6.931  -12.802 8.906   1.00 25.14 ? 91  ILE A CD1 1 
ATOM   690  N N   . LEU A 1 92  ? -8.704  -8.300  5.333   1.00 21.26 ? 92  LEU A N   1 
ATOM   691  C CA  . LEU A 1 92  ? -9.811  -7.528  4.752   1.00 22.37 ? 92  LEU A CA  1 
ATOM   692  C C   . LEU A 1 92  ? -11.088 -8.324  4.508   1.00 21.30 ? 92  LEU A C   1 
ATOM   693  O O   . LEU A 1 92  ? -11.066 -9.539  4.359   1.00 22.16 ? 92  LEU A O   1 
ATOM   694  C CB  . LEU A 1 92  ? -9.373  -6.895  3.425   1.00 20.12 ? 92  LEU A CB  1 
ATOM   695  C CG  . LEU A 1 92  ? -7.957  -6.323  3.425   1.00 22.62 ? 92  LEU A CG  1 
ATOM   696  C CD1 . LEU A 1 92  ? -7.503  -6.044  1.997   1.00 19.78 ? 92  LEU A CD1 1 
ATOM   697  C CD2 . LEU A 1 92  ? -7.934  -5.048  4.262   1.00 20.36 ? 92  LEU A CD2 1 
ATOM   698  N N   . SER A 1 93  ? -12.206 -7.616  4.476   1.00 21.61 ? 93  SER A N   1 
ATOM   699  C CA  . SER A 1 93  ? -13.476 -8.251  4.207   1.00 22.00 ? 93  SER A CA  1 
ATOM   700  C C   . SER A 1 93  ? -13.651 -8.233  2.702   1.00 23.67 ? 93  SER A C   1 
ATOM   701  O O   . SER A 1 93  ? -13.101 -7.374  2.009   1.00 21.59 ? 93  SER A O   1 
ATOM   702  C CB  . SER A 1 93  ? -14.614 -7.477  4.850   1.00 21.55 ? 93  SER A CB  1 
ATOM   703  O OG  . SER A 1 93  ? -14.805 -6.243  4.190   1.00 28.56 ? 93  SER A OG  1 
ATOM   704  N N   . PRO A 1 94  ? -14.396 -9.202  2.171   1.00 23.61 ? 94  PRO A N   1 
ATOM   705  C CA  . PRO A 1 94  ? -14.629 -9.266  0.731   1.00 23.54 ? 94  PRO A CA  1 
ATOM   706  C C   . PRO A 1 94  ? -15.297 -7.981  0.262   1.00 21.71 ? 94  PRO A C   1 
ATOM   707  O O   . PRO A 1 94  ? -15.079 -7.524  -0.859  1.00 23.83 ? 94  PRO A O   1 
ATOM   708  C CB  . PRO A 1 94  ? -15.529 -10.489 0.575   1.00 25.20 ? 94  PRO A CB  1 
ATOM   709  C CG  . PRO A 1 94  ? -15.226 -11.318 1.777   1.00 24.60 ? 94  PRO A CG  1 
ATOM   710  C CD  . PRO A 1 94  ? -15.037 -10.322 2.874   1.00 25.33 ? 94  PRO A CD  1 
ATOM   711  N N   . ALA A 1 95  ? -16.099 -7.399  1.141   1.00 20.88 ? 95  ALA A N   1 
ATOM   712  C CA  . ALA A 1 95  ? -16.796 -6.159  0.839   1.00 21.17 ? 95  ALA A CA  1 
ATOM   713  C C   . ALA A 1 95  ? -15.819 -4.998  0.641   1.00 20.30 ? 95  ALA A C   1 
ATOM   714  O O   . ALA A 1 95  ? -16.013 -4.170  -0.247  1.00 19.42 ? 95  ALA A O   1 
ATOM   715  C CB  . ALA A 1 95  ? -17.776 -5.832  1.945   1.00 20.14 ? 95  ALA A CB  1 
ATOM   716  N N   . PHE A 1 96  ? -14.781 -4.942  1.474   1.00 18.20 ? 96  PHE A N   1 
ATOM   717  C CA  . PHE A 1 96  ? -13.756 -3.900  1.383   1.00 14.91 ? 96  PHE A CA  1 
ATOM   718  C C   . PHE A 1 96  ? -12.980 -4.121  0.074   1.00 16.40 ? 96  PHE A C   1 
ATOM   719  O O   . PHE A 1 96  ? -12.760 -3.184  -0.702  1.00 17.09 ? 96  PHE A O   1 
ATOM   720  C CB  . PHE A 1 96  ? -12.820 -4.022  2.594   1.00 14.46 ? 96  PHE A CB  1 
ATOM   721  C CG  . PHE A 1 96  ? -11.701 -3.027  2.623   1.00 14.08 ? 96  PHE A CG  1 
ATOM   722  C CD1 . PHE A 1 96  ? -10.512 -3.277  1.945   1.00 17.74 ? 96  PHE A CD1 1 
ATOM   723  C CD2 . PHE A 1 96  ? -11.815 -1.859  3.356   1.00 15.48 ? 96  PHE A CD2 1 
ATOM   724  C CE1 . PHE A 1 96  ? -9.453  -2.378  1.997   1.00 15.42 ? 96  PHE A CE1 1 
ATOM   725  C CE2 . PHE A 1 96  ? -10.768 -0.957  3.417   1.00 14.24 ? 96  PHE A CE2 1 
ATOM   726  C CZ  . PHE A 1 96  ? -9.584  -1.218  2.736   1.00 14.28 ? 96  PHE A CZ  1 
ATOM   727  N N   . VAL A 1 97  ? -12.577 -5.366  -0.173  1.00 14.54 ? 97  VAL A N   1 
ATOM   728  C CA  . VAL A 1 97  ? -11.824 -5.697  -1.381  1.00 17.01 ? 97  VAL A CA  1 
ATOM   729  C C   . VAL A 1 97  ? -12.625 -5.319  -2.635  1.00 17.81 ? 97  VAL A C   1 
ATOM   730  O O   . VAL A 1 97  ? -12.084 -4.750  -3.584  1.00 17.72 ? 97  VAL A O   1 
ATOM   731  C CB  . VAL A 1 97  ? -11.468 -7.207  -1.413  1.00 15.99 ? 97  VAL A CB  1 
ATOM   732  C CG1 . VAL A 1 97  ? -10.855 -7.581  -2.755  1.00 16.11 ? 97  VAL A CG1 1 
ATOM   733  C CG2 . VAL A 1 97  ? -10.493 -7.523  -0.290  1.00 16.86 ? 97  VAL A CG2 1 
ATOM   734  N N   . SER A 1 98  ? -13.916 -5.637  -2.624  1.00 17.31 ? 98  SER A N   1 
ATOM   735  C CA  . SER A 1 98  ? -14.809 -5.328  -3.735  1.00 20.06 ? 98  SER A CA  1 
ATOM   736  C C   . SER A 1 98  ? -14.954 -3.798  -3.911  1.00 20.27 ? 98  SER A C   1 
ATOM   737  O O   . SER A 1 98  ? -14.849 -3.260  -5.023  1.00 18.09 ? 98  SER A O   1 
ATOM   738  C CB  . SER A 1 98  ? -16.172 -5.976  -3.459  1.00 22.05 ? 98  SER A CB  1 
ATOM   739  O OG  . SER A 1 98  ? -17.126 -5.647  -4.443  1.00 31.13 ? 98  SER A OG  1 
ATOM   740  N N   . HIS A 1 99  ? -15.171 -3.099  -2.801  1.00 19.08 ? 99  HIS A N   1 
ATOM   741  C CA  . HIS A 1 99  ? -15.353 -1.647  -2.831  1.00 17.12 ? 99  HIS A CA  1 
ATOM   742  C C   . HIS A 1 99  ? -14.193 -0.868  -3.450  1.00 16.94 ? 99  HIS A C   1 
ATOM   743  O O   . HIS A 1 99  ? -14.411 0.154   -4.091  1.00 16.26 ? 99  HIS A O   1 
ATOM   744  C CB  . HIS A 1 99  ? -15.620 -1.144  -1.412  1.00 17.11 ? 99  HIS A CB  1 
ATOM   745  C CG  . HIS A 1 99  ? -16.116 0.271   -1.343  1.00 18.66 ? 99  HIS A CG  1 
ATOM   746  N ND1 . HIS A 1 99  ? -17.404 0.628   -1.683  1.00 18.34 ? 99  HIS A ND1 1 
ATOM   747  C CD2 . HIS A 1 99  ? -15.517 1.407   -0.909  1.00 18.47 ? 99  HIS A CD2 1 
ATOM   748  C CE1 . HIS A 1 99  ? -17.576 1.919   -1.457  1.00 17.56 ? 99  HIS A CE1 1 
ATOM   749  N NE2 . HIS A 1 99  ? -16.445 2.413   -0.987  1.00 18.34 ? 99  HIS A NE2 1 
ATOM   750  N N   . TYR A 1 100 ? -12.965 -1.347  -3.263  1.00 15.42 ? 100 TYR A N   1 
ATOM   751  C CA  . TYR A 1 100 ? -11.795 -0.664  -3.796  1.00 15.29 ? 100 TYR A CA  1 
ATOM   752  C C   . TYR A 1 100 ? -11.139 -1.391  -4.964  1.00 15.79 ? 100 TYR A C   1 
ATOM   753  O O   . TYR A 1 100 ? -9.989  -1.107  -5.325  1.00 16.28 ? 100 TYR A O   1 
ATOM   754  C CB  . TYR A 1 100 ? -10.775 -0.446  -2.662  1.00 14.82 ? 100 TYR A CB  1 
ATOM   755  C CG  . TYR A 1 100 ? -11.297 0.500   -1.607  1.00 14.03 ? 100 TYR A CG  1 
ATOM   756  C CD1 . TYR A 1 100 ? -11.527 1.845   -1.908  1.00 12.33 ? 100 TYR A CD1 1 
ATOM   757  C CD2 . TYR A 1 100 ? -11.635 0.039   -0.336  1.00 12.63 ? 100 TYR A CD2 1 
ATOM   758  C CE1 . TYR A 1 100 ? -12.092 2.711   -0.967  1.00 14.67 ? 100 TYR A CE1 1 
ATOM   759  C CE2 . TYR A 1 100 ? -12.198 0.893   0.616   1.00 14.96 ? 100 TYR A CE2 1 
ATOM   760  C CZ  . TYR A 1 100 ? -12.426 2.228   0.291   1.00 15.27 ? 100 TYR A CZ  1 
ATOM   761  O OH  . TYR A 1 100 ? -12.989 3.074   1.219   1.00 14.60 ? 100 TYR A OH  1 
ATOM   762  N N   . ALA A 1 101 ? -11.878 -2.312  -5.568  1.00 15.88 ? 101 ALA A N   1 
ATOM   763  C CA  . ALA A 1 101 ? -11.358 -3.091  -6.690  1.00 17.40 ? 101 ALA A CA  1 
ATOM   764  C C   . ALA A 1 101 ? -10.710 -2.220  -7.762  1.00 15.98 ? 101 ALA A C   1 
ATOM   765  O O   . ALA A 1 101 ? -11.274 -1.206  -8.155  1.00 18.42 ? 101 ALA A O   1 
ATOM   766  C CB  . ALA A 1 101 ? -12.471 -3.904  -7.296  1.00 16.13 ? 101 ALA A CB  1 
ATOM   767  N N   . GLY A 1 102 ? -9.519  -2.596  -8.216  1.00 15.71 ? 102 GLY A N   1 
ATOM   768  C CA  . GLY A 1 102 ? -8.856  -1.829  -9.253  1.00 14.30 ? 102 GLY A CA  1 
ATOM   769  C C   . GLY A 1 102 ? -8.114  -0.616  -8.739  1.00 16.70 ? 102 GLY A C   1 
ATOM   770  O O   . GLY A 1 102 ? -7.402  0.032   -9.500  1.00 17.00 ? 102 GLY A O   1 
ATOM   771  N N   . ARG A 1 103 ? -8.287  -0.280  -7.461  1.00 16.67 ? 103 ARG A N   1 
ATOM   772  C CA  . ARG A 1 103 ? -7.579  0.861   -6.881  1.00 15.03 ? 103 ARG A CA  1 
ATOM   773  C C   . ARG A 1 103 ? -7.020  0.553   -5.478  1.00 17.33 ? 103 ARG A C   1 
ATOM   774  O O   . ARG A 1 103 ? -6.787  1.459   -4.679  1.00 18.66 ? 103 ARG A O   1 
ATOM   775  C CB  . ARG A 1 103 ? -8.482  2.105   -6.829  1.00 14.34 ? 103 ARG A CB  1 
ATOM   776  C CG  . ARG A 1 103 ? -9.808  1.885   -6.215  1.00 15.33 ? 103 ARG A CG  1 
ATOM   777  C CD  . ARG A 1 103 ? -10.598 3.161   -6.210  1.00 15.25 ? 103 ARG A CD  1 
ATOM   778  N NE  . ARG A 1 103 ? -11.955 2.879   -5.781  1.00 14.12 ? 103 ARG A NE  1 
ATOM   779  C CZ  . ARG A 1 103 ? -12.658 3.639   -4.950  1.00 14.90 ? 103 ARG A CZ  1 
ATOM   780  N NH1 . ARG A 1 103 ? -12.135 4.751   -4.446  1.00 15.36 ? 103 ARG A NH1 1 
ATOM   781  N NH2 . ARG A 1 103 ? -13.883 3.261   -4.596  1.00 14.66 ? 103 ARG A NH2 1 
ATOM   782  N N   . LEU A 1 104 ? -6.798  -0.732  -5.195  1.00 16.36 ? 104 LEU A N   1 
ATOM   783  C CA  . LEU A 1 104 ? -6.264  -1.163  -3.902  1.00 14.91 ? 104 LEU A CA  1 
ATOM   784  C C   . LEU A 1 104 ? -4.944  -1.873  -4.149  1.00 12.59 ? 104 LEU A C   1 
ATOM   785  O O   . LEU A 1 104 ? -4.911  -2.903  -4.836  1.00 13.27 ? 104 LEU A O   1 
ATOM   786  C CB  . LEU A 1 104 ? -7.246  -2.119  -3.234  1.00 14.39 ? 104 LEU A CB  1 
ATOM   787  C CG  . LEU A 1 104 ? -6.924  -2.580  -1.805  1.00 15.48 ? 104 LEU A CG  1 
ATOM   788  C CD1 . LEU A 1 104 ? -6.786  -1.380  -0.871  1.00 9.08  ? 104 LEU A CD1 1 
ATOM   789  C CD2 . LEU A 1 104 ? -8.035  -3.544  -1.348  1.00 10.71 ? 104 LEU A CD2 1 
ATOM   790  N N   . LEU A 1 105 ? -3.866  -1.317  -3.598  1.00 10.40 ? 105 LEU A N   1 
ATOM   791  C CA  . LEU A 1 105 ? -2.527  -1.878  -3.763  1.00 11.80 ? 105 LEU A CA  1 
ATOM   792  C C   . LEU A 1 105 ? -1.919  -2.408  -2.465  1.00 13.91 ? 105 LEU A C   1 
ATOM   793  O O   . LEU A 1 105 ? -2.311  -2.022  -1.361  1.00 10.96 ? 105 LEU A O   1 
ATOM   794  C CB  . LEU A 1 105 ? -1.571  -0.812  -4.321  1.00 12.27 ? 105 LEU A CB  1 
ATOM   795  C CG  . LEU A 1 105 ? -1.924  -0.166  -5.669  1.00 11.59 ? 105 LEU A CG  1 
ATOM   796  C CD1 . LEU A 1 105 ? -0.944  0.946   -5.969  1.00 11.09 ? 105 LEU A CD1 1 
ATOM   797  C CD2 . LEU A 1 105 ? -1.873  -1.210  -6.764  1.00 11.99 ? 105 LEU A CD2 1 
ATOM   798  N N   . ASN A 1 106 ? -0.950  -3.306  -2.614  1.00 15.59 ? 106 ASN A N   1 
ATOM   799  C CA  . ASN A 1 106 ? -0.238  -3.839  -1.459  1.00 16.11 ? 106 ASN A CA  1 
ATOM   800  C C   . ASN A 1 106 ? 1.212   -4.163  -1.818  1.00 18.01 ? 106 ASN A C   1 
ATOM   801  O O   . ASN A 1 106 ? 1.525   -4.498  -2.969  1.00 15.82 ? 106 ASN A O   1 
ATOM   802  C CB  . ASN A 1 106 ? -0.937  -5.074  -0.903  1.00 16.73 ? 106 ASN A CB  1 
ATOM   803  C CG  . ASN A 1 106 ? -0.291  -5.557  0.376   1.00 18.86 ? 106 ASN A CG  1 
ATOM   804  O OD1 . ASN A 1 106 ? 0.098   -6.713  0.493   1.00 25.27 ? 106 ASN A OD1 1 
ATOM   805  N ND2 . ASN A 1 106 ? -0.156  -4.665  1.333   1.00 12.39 ? 106 ASN A ND2 1 
ATOM   806  N N   . ILE A 1 107 ? 2.096   -4.012  -0.833  1.00 18.39 ? 107 ILE A N   1 
ATOM   807  C CA  . ILE A 1 107 ? 3.513   -4.306  -1.013  1.00 20.00 ? 107 ILE A CA  1 
ATOM   808  C C   . ILE A 1 107 ? 3.771   -5.553  -0.204  1.00 23.01 ? 107 ILE A C   1 
ATOM   809  O O   . ILE A 1 107 ? 3.372   -5.663  0.962   1.00 19.93 ? 107 ILE A O   1 
ATOM   810  C CB  . ILE A 1 107 ? 4.446   -3.170  -0.496  1.00 20.55 ? 107 ILE A CB  1 
ATOM   811  C CG1 . ILE A 1 107 ? 5.906   -3.567  -0.717  1.00 20.66 ? 107 ILE A CG1 1 
ATOM   812  C CG2 . ILE A 1 107 ? 4.216   -2.914  0.991   1.00 20.99 ? 107 ILE A CG2 1 
ATOM   813  C CD1 . ILE A 1 107 ? 6.561   -2.893  -1.861  1.00 17.95 ? 107 ILE A CD1 1 
ATOM   814  N N   . HIS A 1 108 ? 4.448   -6.491  -0.836  1.00 26.40 ? 108 HIS A N   1 
ATOM   815  C CA  . HIS A 1 108 ? 4.732   -7.746  -0.202  1.00 31.95 ? 108 HIS A CA  1 
ATOM   816  C C   . HIS A 1 108 ? 6.203   -7.972  0.044   1.00 34.36 ? 108 HIS A C   1 
ATOM   817  O O   . HIS A 1 108 ? 7.019   -7.854  -0.862  1.00 30.06 ? 108 HIS A O   1 
ATOM   818  C CB  . HIS A 1 108 ? 4.193   -8.871  -1.052  1.00 36.26 ? 108 HIS A CB  1 
ATOM   819  C CG  . HIS A 1 108 ? 3.932   -10.106 -0.271  1.00 42.11 ? 108 HIS A CG  1 
ATOM   820  N ND1 . HIS A 1 108 ? 3.109   -10.114 0.832   1.00 43.43 ? 108 HIS A ND1 1 
ATOM   821  C CD2 . HIS A 1 108 ? 4.450   -11.351 -0.370  1.00 45.19 ? 108 HIS A CD2 1 
ATOM   822  C CE1 . HIS A 1 108 ? 3.132   -11.314 1.382   1.00 46.33 ? 108 HIS A CE1 1 
ATOM   823  N NE2 . HIS A 1 108 ? 3.939   -12.084 0.673   1.00 47.29 ? 108 HIS A NE2 1 
ATOM   824  N N   . PRO A 1 109 ? 6.560   -8.277  1.297   1.00 39.34 ? 109 PRO A N   1 
ATOM   825  C CA  . PRO A 1 109 ? 7.943   -8.527  1.684   1.00 43.53 ? 109 PRO A CA  1 
ATOM   826  C C   . PRO A 1 109 ? 8.443   -9.857  1.129   1.00 47.46 ? 109 PRO A C   1 
ATOM   827  O O   . PRO A 1 109 ? 9.426   -10.407 1.621   1.00 50.63 ? 109 PRO A O   1 
ATOM   828  C CB  . PRO A 1 109 ? 7.886   -8.513  3.214   1.00 43.32 ? 109 PRO A CB  1 
ATOM   829  C CG  . PRO A 1 109 ? 6.554   -7.840  3.555   1.00 40.53 ? 109 PRO A CG  1 
ATOM   830  C CD  . PRO A 1 109 ? 5.668   -8.333  2.468   1.00 41.16 ? 109 PRO A CD  1 
ATOM   831  N N   . SER A 1 110 ? 7.763   -10.370 0.103   1.00 50.44 ? 110 SER A N   1 
ATOM   832  C CA  . SER A 1 110 ? 8.150   -11.635 -0.529  1.00 50.86 ? 110 SER A CA  1 
ATOM   833  C C   . SER A 1 110 ? 8.066   -11.593 -2.064  1.00 49.41 ? 110 SER A C   1 
ATOM   834  O O   . SER A 1 110 ? 7.031   -11.249 -2.638  1.00 45.35 ? 110 SER A O   1 
ATOM   835  C CB  . SER A 1 110 ? 7.278   -12.772 0.006   1.00 52.05 ? 110 SER A CB  1 
ATOM   836  O OG  . SER A 1 110 ? 7.587   -13.989 -0.647  1.00 56.11 ? 110 SER A OG  1 
ATOM   837  N N   . HIS A 1 132 ? 14.479  -14.267 -1.816  1.00 49.79 ? 132 HIS A N   1 
ATOM   838  C CA  . HIS A 1 132 ? 14.314  -12.972 -1.159  1.00 50.08 ? 132 HIS A CA  1 
ATOM   839  C C   . HIS A 1 132 ? 13.952  -11.875 -2.155  1.00 47.70 ? 132 HIS A C   1 
ATOM   840  O O   . HIS A 1 132 ? 14.716  -11.581 -3.074  1.00 48.04 ? 132 HIS A O   1 
ATOM   841  C CB  . HIS A 1 132 ? 15.600  -12.570 -0.441  1.00 54.18 ? 132 HIS A CB  1 
ATOM   842  C CG  . HIS A 1 132 ? 15.880  -13.373 0.789   1.00 59.65 ? 132 HIS A CG  1 
ATOM   843  N ND1 . HIS A 1 132 ? 15.713  -12.868 2.062   1.00 62.40 ? 132 HIS A ND1 1 
ATOM   844  C CD2 . HIS A 1 132 ? 16.331  -14.640 0.941   1.00 61.13 ? 132 HIS A CD2 1 
ATOM   845  C CE1 . HIS A 1 132 ? 16.049  -13.791 2.946   1.00 61.56 ? 132 HIS A CE1 1 
ATOM   846  N NE2 . HIS A 1 132 ? 16.428  -14.874 2.293   1.00 62.66 ? 132 HIS A NE2 1 
ATOM   847  N N   . GLY A 1 133 ? 12.794  -11.259 -1.960  1.00 44.47 ? 133 GLY A N   1 
ATOM   848  C CA  . GLY A 1 133 ? 12.373  -10.203 -2.858  1.00 40.18 ? 133 GLY A CA  1 
ATOM   849  C C   . GLY A 1 133 ? 11.099  -9.501  -2.428  1.00 37.60 ? 133 GLY A C   1 
ATOM   850  O O   . GLY A 1 133 ? 10.442  -9.905  -1.465  1.00 36.90 ? 133 GLY A O   1 
ATOM   851  N N   . THR A 1 134 ? 10.765  -8.430  -3.141  1.00 33.90 ? 134 THR A N   1 
ATOM   852  C CA  . THR A 1 134 ? 9.565   -7.651  -2.875  1.00 32.05 ? 134 THR A CA  1 
ATOM   853  C C   . THR A 1 134 ? 8.730   -7.583  -4.136  1.00 28.93 ? 134 THR A C   1 
ATOM   854  O O   . THR A 1 134 ? 9.244   -7.676  -5.249  1.00 28.35 ? 134 THR A O   1 
ATOM   855  C CB  . THR A 1 134 ? 9.859   -6.179  -2.502  1.00 33.49 ? 134 THR A CB  1 
ATOM   856  O OG1 . THR A 1 134 ? 11.003  -6.095  -1.654  1.00 38.97 ? 134 THR A OG1 1 
ATOM   857  C CG2 . THR A 1 134 ? 8.667   -5.583  -1.789  1.00 33.07 ? 134 THR A CG2 1 
ATOM   858  N N   . SER A 1 135 ? 7.435   -7.393  -3.944  1.00 28.99 ? 135 SER A N   1 
ATOM   859  C CA  . SER A 1 135 ? 6.504   -7.277  -5.054  1.00 27.70 ? 135 SER A CA  1 
ATOM   860  C C   . SER A 1 135 ? 5.305   -6.454  -4.613  1.00 25.42 ? 135 SER A C   1 
ATOM   861  O O   . SER A 1 135 ? 4.871   -6.540  -3.456  1.00 23.54 ? 135 SER A O   1 
ATOM   862  C CB  . SER A 1 135 ? 6.009   -8.664  -5.485  1.00 27.97 ? 135 SER A CB  1 
ATOM   863  O OG  . SER A 1 135 ? 5.385   -9.345  -4.400  1.00 26.13 ? 135 SER A OG  1 
ATOM   864  N N   . VAL A 1 136 ? 4.783   -5.641  -5.522  1.00 20.92 ? 136 VAL A N   1 
ATOM   865  C CA  . VAL A 1 136 ? 3.587   -4.889  -5.211  1.00 20.43 ? 136 VAL A CA  1 
ATOM   866  C C   . VAL A 1 136 ? 2.507   -5.484  -6.141  1.00 18.87 ? 136 VAL A C   1 
ATOM   867  O O   . VAL A 1 136 ? 2.792   -5.839  -7.297  1.00 16.43 ? 136 VAL A O   1 
ATOM   868  C CB  . VAL A 1 136 ? 3.813   -3.324  -5.352  1.00 24.00 ? 136 VAL A CB  1 
ATOM   869  C CG1 . VAL A 1 136 ? 5.140   -3.037  -5.996  1.00 25.57 ? 136 VAL A CG1 1 
ATOM   870  C CG2 . VAL A 1 136 ? 2.651   -2.657  -6.061  1.00 20.76 ? 136 VAL A CG2 1 
ATOM   871  N N   . HIS A 1 137 ? 1.303   -5.667  -5.601  1.00 15.69 ? 137 HIS A N   1 
ATOM   872  C CA  . HIS A 1 137 ? 0.185   -6.253  -6.341  1.00 17.33 ? 137 HIS A CA  1 
ATOM   873  C C   . HIS A 1 137 ? -1.050  -5.374  -6.280  1.00 16.03 ? 137 HIS A C   1 
ATOM   874  O O   . HIS A 1 137 ? -1.117  -4.424  -5.509  1.00 13.67 ? 137 HIS A O   1 
ATOM   875  C CB  . HIS A 1 137 ? -0.284  -7.590  -5.734  1.00 21.88 ? 137 HIS A CB  1 
ATOM   876  C CG  . HIS A 1 137 ? 0.812   -8.521  -5.317  1.00 25.55 ? 137 HIS A CG  1 
ATOM   877  N ND1 . HIS A 1 137 ? 0.767   -9.875  -5.582  1.00 28.70 ? 137 HIS A ND1 1 
ATOM   878  C CD2 . HIS A 1 137 ? 1.966   -8.309  -4.643  1.00 27.52 ? 137 HIS A CD2 1 
ATOM   879  C CE1 . HIS A 1 137 ? 1.849   -10.454 -5.094  1.00 28.92 ? 137 HIS A CE1 1 
ATOM   880  N NE2 . HIS A 1 137 ? 2.593   -9.525  -4.521  1.00 30.83 ? 137 HIS A NE2 1 
ATOM   881  N N   . PHE A 1 138 ? -2.037  -5.736  -7.091  1.00 14.51 ? 138 PHE A N   1 
ATOM   882  C CA  . PHE A 1 138 ? -3.341  -5.098  -7.064  1.00 13.89 ? 138 PHE A CA  1 
ATOM   883  C C   . PHE A 1 138 ? -3.998  -6.107  -6.134  1.00 14.30 ? 138 PHE A C   1 
ATOM   884  O O   . PHE A 1 138 ? -3.840  -7.310  -6.339  1.00 17.73 ? 138 PHE A O   1 
ATOM   885  C CB  . PHE A 1 138 ? -4.040  -5.184  -8.426  1.00 15.07 ? 138 PHE A CB  1 
ATOM   886  C CG  . PHE A 1 138 ? -3.879  -3.954  -9.276  1.00 12.88 ? 138 PHE A CG  1 
ATOM   887  C CD1 . PHE A 1 138 ? -4.412  -2.735  -8.870  1.00 14.53 ? 138 PHE A CD1 1 
ATOM   888  C CD2 . PHE A 1 138 ? -3.213  -4.021  -10.491 1.00 13.75 ? 138 PHE A CD2 1 
ATOM   889  C CE1 . PHE A 1 138 ? -4.288  -1.586  -9.672  1.00 14.15 ? 138 PHE A CE1 1 
ATOM   890  C CE2 . PHE A 1 138 ? -3.084  -2.888  -11.292 1.00 16.00 ? 138 PHE A CE2 1 
ATOM   891  C CZ  . PHE A 1 138 ? -3.624  -1.666  -10.879 1.00 14.46 ? 138 PHE A CZ  1 
ATOM   892  N N   . VAL A 1 139 ? -4.719  -5.652  -5.122  1.00 14.25 ? 139 VAL A N   1 
ATOM   893  C CA  . VAL A 1 139 ? -5.366  -6.584  -4.204  1.00 14.42 ? 139 VAL A CA  1 
ATOM   894  C C   . VAL A 1 139 ? -6.733  -7.011  -4.740  1.00 17.98 ? 139 VAL A C   1 
ATOM   895  O O   . VAL A 1 139 ? -7.606  -6.162  -4.955  1.00 17.05 ? 139 VAL A O   1 
ATOM   896  C CB  . VAL A 1 139 ? -5.568  -5.942  -2.802  1.00 13.61 ? 139 VAL A CB  1 
ATOM   897  C CG1 . VAL A 1 139 ? -6.325  -6.905  -1.883  1.00 16.67 ? 139 VAL A CG1 1 
ATOM   898  C CG2 . VAL A 1 139 ? -4.223  -5.557  -2.201  1.00 11.39 ? 139 VAL A CG2 1 
ATOM   899  N N   . THR A 1 140 ? -6.911  -8.315  -4.970  1.00 17.25 ? 140 THR A N   1 
ATOM   900  C CA  . THR A 1 140 ? -8.180  -8.851  -5.455  1.00 19.84 ? 140 THR A CA  1 
ATOM   901  C C   . THR A 1 140 ? -8.739  -9.918  -4.501  1.00 22.67 ? 140 THR A C   1 
ATOM   902  O O   . THR A 1 140 ? -9.793  -10.494 -4.749  1.00 22.38 ? 140 THR A O   1 
ATOM   903  C CB  . THR A 1 140 ? -8.057  -9.434  -6.908  1.00 21.46 ? 140 THR A CB  1 
ATOM   904  O OG1 . THR A 1 140 ? -7.038  -10.438 -6.959  1.00 21.30 ? 140 THR A OG1 1 
ATOM   905  C CG2 . THR A 1 140 ? -7.699  -8.327  -7.895  1.00 20.51 ? 140 THR A CG2 1 
ATOM   906  N N   . ASP A 1 141 ? -8.028  -10.190 -3.413  1.00 24.69 ? 141 ASP A N   1 
ATOM   907  C CA  . ASP A 1 141 ? -8.515  -11.142 -2.417  1.00 30.24 ? 141 ASP A CA  1 
ATOM   908  C C   . ASP A 1 141 ? -8.290  -10.586 -1.000  1.00 31.20 ? 141 ASP A C   1 
ATOM   909  O O   . ASP A 1 141 ? -7.605  -9.575  -0.824  1.00 31.41 ? 141 ASP A O   1 
ATOM   910  C CB  . ASP A 1 141 ? -7.864  -12.530 -2.597  1.00 32.03 ? 141 ASP A CB  1 
ATOM   911  C CG  . ASP A 1 141 ? -6.378  -12.535 -2.305  1.00 35.74 ? 141 ASP A CG  1 
ATOM   912  O OD1 . ASP A 1 141 ? -5.986  -12.312 -1.131  1.00 37.16 ? 141 ASP A OD1 1 
ATOM   913  O OD2 . ASP A 1 141 ? -5.601  -12.776 -3.258  1.00 38.98 ? 141 ASP A OD2 1 
ATOM   914  N N   . GLU A 1 142 ? -8.869  -11.247 0.001   1.00 33.57 ? 142 GLU A N   1 
ATOM   915  C CA  . GLU A 1 142 ? -8.785  -10.797 1.395   1.00 35.96 ? 142 GLU A CA  1 
ATOM   916  C C   . GLU A 1 142 ? -7.427  -10.841 2.094   1.00 35.15 ? 142 GLU A C   1 
ATOM   917  O O   . GLU A 1 142 ? -7.244  -10.218 3.150   1.00 31.67 ? 142 GLU A O   1 
ATOM   918  C CB  . GLU A 1 142 ? -9.808  -11.567 2.230   1.00 38.81 ? 142 GLU A CB  1 
ATOM   919  C CG  . GLU A 1 142 ? -11.229 -11.085 2.008   1.00 48.56 ? 142 GLU A CG  1 
ATOM   920  C CD  . GLU A 1 142 ? -11.917 -11.768 0.834   1.00 55.16 ? 142 GLU A CD  1 
ATOM   921  O OE1 . GLU A 1 142 ? -11.785 -11.293 -0.322  1.00 56.52 ? 142 GLU A OE1 1 
ATOM   922  O OE2 . GLU A 1 142 ? -12.600 -12.788 1.077   1.00 61.64 ? 142 GLU A OE2 1 
ATOM   923  N N   . LEU A 1 143 ? -6.477  -11.570 1.522   1.00 35.53 ? 143 LEU A N   1 
ATOM   924  C CA  . LEU A 1 143 ? -5.163  -11.674 2.135   1.00 37.25 ? 143 LEU A CA  1 
ATOM   925  C C   . LEU A 1 143 ? -4.134  -10.758 1.470   1.00 38.07 ? 143 LEU A C   1 
ATOM   926  O O   . LEU A 1 143 ? -2.923  -10.975 1.600   1.00 37.70 ? 143 LEU A O   1 
ATOM   927  C CB  . LEU A 1 143 ? -4.689  -13.131 2.100   1.00 38.14 ? 143 LEU A CB  1 
ATOM   928  C CG  . LEU A 1 143 ? -5.499  -14.072 2.999   1.00 40.36 ? 143 LEU A CG  1 
ATOM   929  C CD1 . LEU A 1 143 ? -5.024  -15.508 2.826   1.00 39.48 ? 143 LEU A CD1 1 
ATOM   930  C CD2 . LEU A 1 143 ? -5.355  -13.632 4.448   1.00 40.73 ? 143 LEU A CD2 1 
ATOM   931  N N   . ASP A 1 144 ? -4.627  -9.735  0.765   1.00 36.63 ? 144 ASP A N   1 
ATOM   932  C CA  . ASP A 1 144 ? -3.781  -8.754  0.070   1.00 33.01 ? 144 ASP A CA  1 
ATOM   933  C C   . ASP A 1 144 ? -3.152  -9.291  -1.221  1.00 32.55 ? 144 ASP A C   1 
ATOM   934  O O   . ASP A 1 144 ? -2.228  -8.683  -1.776  1.00 32.34 ? 144 ASP A O   1 
ATOM   935  C CB  . ASP A 1 144 ? -2.676  -8.241  1.004   1.00 32.75 ? 144 ASP A CB  1 
ATOM   936  C CG  . ASP A 1 144 ? -3.228  -7.566  2.267   1.00 34.16 ? 144 ASP A CG  1 
ATOM   937  O OD1 . ASP A 1 144 ? -4.420  -7.179  2.279   1.00 33.98 ? 144 ASP A OD1 1 
ATOM   938  O OD2 . ASP A 1 144 ? -2.463  -7.416  3.252   1.00 32.55 ? 144 ASP A OD2 1 
ATOM   939  N N   . GLY A 1 145 ? -3.660  -10.425 -1.701  1.00 31.35 ? 145 GLY A N   1 
ATOM   940  C CA  . GLY A 1 145 ? -3.142  -11.008 -2.930  1.00 29.28 ? 145 GLY A CA  1 
ATOM   941  C C   . GLY A 1 145 ? -3.881  -10.548 -4.184  1.00 27.83 ? 145 GLY A C   1 
ATOM   942  O O   . GLY A 1 145 ? -4.986  -10.010 -4.104  1.00 22.84 ? 145 GLY A O   1 
ATOM   943  N N   . GLY A 1 146 ? -3.260  -10.780 -5.340  1.00 26.65 ? 146 GLY A N   1 
ATOM   944  C CA  . GLY A 1 146 ? -3.823  -10.394 -6.627  1.00 25.97 ? 146 GLY A CA  1 
ATOM   945  C C   . GLY A 1 146 ? -2.699  -10.323 -7.651  1.00 24.26 ? 146 GLY A C   1 
ATOM   946  O O   . GLY A 1 146 ? -1.570  -10.722 -7.341  1.00 25.64 ? 146 GLY A O   1 
ATOM   947  N N   . PRO A 1 147 ? -2.938  -9.787  -8.862  1.00 20.75 ? 147 PRO A N   1 
ATOM   948  C CA  . PRO A 1 147 ? -1.851  -9.730  -9.852  1.00 20.74 ? 147 PRO A CA  1 
ATOM   949  C C   . PRO A 1 147 ? -0.626  -8.907  -9.482  1.00 20.43 ? 147 PRO A C   1 
ATOM   950  O O   . PRO A 1 147 ? -0.748  -7.791  -8.979  1.00 20.39 ? 147 PRO A O   1 
ATOM   951  C CB  . PRO A 1 147 ? -2.529  -9.168  -11.105 1.00 18.73 ? 147 PRO A CB  1 
ATOM   952  C CG  . PRO A 1 147 ? -3.693  -8.409  -10.579 1.00 18.48 ? 147 PRO A CG  1 
ATOM   953  C CD  . PRO A 1 147 ? -4.178  -9.195  -9.383  1.00 20.39 ? 147 PRO A CD  1 
ATOM   954  N N   . VAL A 1 148 ? 0.555   -9.456  -9.765  1.00 18.66 ? 148 VAL A N   1 
ATOM   955  C CA  . VAL A 1 148 ? 1.807   -8.756  -9.487  1.00 18.36 ? 148 VAL A CA  1 
ATOM   956  C C   . VAL A 1 148 ? 2.032   -7.656  -10.531 1.00 19.41 ? 148 VAL A C   1 
ATOM   957  O O   . VAL A 1 148 ? 1.921   -7.887  -11.739 1.00 17.75 ? 148 VAL A O   1 
ATOM   958  C CB  . VAL A 1 148 ? 3.040   -9.704  -9.553  1.00 18.48 ? 148 VAL A CB  1 
ATOM   959  C CG1 . VAL A 1 148 ? 4.327   -8.889  -9.441  1.00 17.70 ? 148 VAL A CG1 1 
ATOM   960  C CG2 . VAL A 1 148 ? 2.970   -10.740 -8.457  1.00 18.48 ? 148 VAL A CG2 1 
ATOM   961  N N   . ILE A 1 149 ? 2.373   -6.468  -10.057 1.00 19.01 ? 149 ILE A N   1 
ATOM   962  C CA  . ILE A 1 149 ? 2.625   -5.341  -10.939 1.00 20.00 ? 149 ILE A CA  1 
ATOM   963  C C   . ILE A 1 149 ? 4.125   -5.252  -11.221 1.00 21.11 ? 149 ILE A C   1 
ATOM   964  O O   . ILE A 1 149 ? 4.551   -5.159  -12.370 1.00 19.99 ? 149 ILE A O   1 
ATOM   965  C CB  . ILE A 1 149 ? 2.124   -4.009  -10.290 1.00 17.16 ? 149 ILE A CB  1 
ATOM   966  C CG1 . ILE A 1 149 ? 0.592   -4.014  -10.218 1.00 12.92 ? 149 ILE A CG1 1 
ATOM   967  C CG2 . ILE A 1 149 ? 2.627   -2.804  -11.093 1.00 15.23 ? 149 ILE A CG2 1 
ATOM   968  C CD1 . ILE A 1 149 ? 0.046   -3.114  -9.135  1.00 14.50 ? 149 ILE A CD1 1 
ATOM   969  N N   . LEU A 1 150 ? 4.917   -5.280  -10.155 1.00 21.90 ? 150 LEU A N   1 
ATOM   970  C CA  . LEU A 1 150 ? 6.369   -5.204  -10.253 1.00 23.42 ? 150 LEU A CA  1 
ATOM   971  C C   . LEU A 1 150 ? 6.979   -5.896  -9.043  1.00 27.92 ? 150 LEU A C   1 
ATOM   972  O O   . LEU A 1 150 ? 6.448   -5.822  -7.935  1.00 26.29 ? 150 LEU A O   1 
ATOM   973  C CB  . LEU A 1 150 ? 6.854   -3.745  -10.268 1.00 22.62 ? 150 LEU A CB  1 
ATOM   974  C CG  . LEU A 1 150 ? 8.379   -3.504  -10.262 1.00 21.13 ? 150 LEU A CG  1 
ATOM   975  C CD1 . LEU A 1 150 ? 9.002   -4.013  -11.568 1.00 19.01 ? 150 LEU A CD1 1 
ATOM   976  C CD2 . LEU A 1 150 ? 8.667   -2.023  -10.109 1.00 19.00 ? 150 LEU A CD2 1 
ATOM   977  N N   . GLN A 1 151 ? 8.090   -6.583  -9.250  1.00 29.94 ? 151 GLN A N   1 
ATOM   978  C CA  . GLN A 1 151 ? 8.749   -7.233  -8.135  1.00 32.55 ? 151 GLN A CA  1 
ATOM   979  C C   . GLN A 1 151 ? 10.233  -7.175  -8.399  1.00 34.52 ? 151 GLN A C   1 
ATOM   980  O O   . GLN A 1 151 ? 10.663  -7.016  -9.545  1.00 35.59 ? 151 GLN A O   1 
ATOM   981  C CB  . GLN A 1 151 ? 8.285   -8.684  -7.993  1.00 33.64 ? 151 GLN A CB  1 
ATOM   982  C CG  . GLN A 1 151 ? 8.382   -9.506  -9.254  1.00 35.30 ? 151 GLN A CG  1 
ATOM   983  C CD  . GLN A 1 151 ? 8.151   -10.991 -9.004  1.00 37.36 ? 151 GLN A CD  1 
ATOM   984  O OE1 . GLN A 1 151 ? 8.752   -11.840 -9.662  1.00 40.67 ? 151 GLN A OE1 1 
ATOM   985  N NE2 . GLN A 1 151 ? 7.277   -11.309 -8.052  1.00 36.12 ? 151 GLN A NE2 1 
ATOM   986  N N   . ALA A 1 152 ? 11.019  -7.266  -7.337  1.00 34.91 ? 152 ALA A N   1 
ATOM   987  C CA  . ALA A 1 152 ? 12.465  -7.244  -7.483  1.00 34.27 ? 152 ALA A CA  1 
ATOM   988  C C   . ALA A 1 152 ? 13.045  -8.316  -6.569  1.00 35.27 ? 152 ALA A C   1 
ATOM   989  O O   . ALA A 1 152 ? 12.376  -8.803  -5.657  1.00 33.38 ? 152 ALA A O   1 
ATOM   990  C CB  . ALA A 1 152 ? 13.012  -5.873  -7.118  1.00 29.65 ? 152 ALA A CB  1 
ATOM   991  N N   . LYS A 1 153 ? 14.281  -8.710  -6.830  1.00 36.50 ? 153 LYS A N   1 
ATOM   992  C CA  . LYS A 1 153 ? 14.909  -9.710  -5.998  1.00 36.82 ? 153 LYS A CA  1 
ATOM   993  C C   . LYS A 1 153 ? 16.077  -9.085  -5.239  1.00 35.98 ? 153 LYS A C   1 
ATOM   994  O O   . LYS A 1 153 ? 16.755  -8.176  -5.740  1.00 35.09 ? 153 LYS A O   1 
ATOM   995  C CB  . LYS A 1 153 ? 15.374  -10.883 -6.862  1.00 41.10 ? 153 LYS A CB  1 
ATOM   996  C CG  . LYS A 1 153 ? 14.270  -11.453 -7.746  1.00 45.36 ? 153 LYS A CG  1 
ATOM   997  C CD  . LYS A 1 153 ? 14.791  -12.559 -8.661  1.00 49.68 ? 153 LYS A CD  1 
ATOM   998  C CE  . LYS A 1 153 ? 15.173  -12.024 -10.047 1.00 53.98 ? 153 LYS A CE  1 
ATOM   999  N NZ  . LYS A 1 153 ? 14.618  -12.860 -11.163 1.00 55.32 ? 153 LYS A NZ  1 
ATOM   1000 N N   . VAL A 1 154 ? 16.275  -9.546  -4.006  1.00 34.55 ? 154 VAL A N   1 
ATOM   1001 C CA  . VAL A 1 154 ? 17.370  -9.064  -3.175  1.00 34.52 ? 154 VAL A CA  1 
ATOM   1002 C C   . VAL A 1 154 ? 18.305  -10.254 -2.974  1.00 34.74 ? 154 VAL A C   1 
ATOM   1003 O O   . VAL A 1 154 ? 17.886  -11.320 -2.519  1.00 33.83 ? 154 VAL A O   1 
ATOM   1004 C CB  . VAL A 1 154 ? 16.873  -8.552  -1.801  1.00 33.21 ? 154 VAL A CB  1 
ATOM   1005 C CG1 . VAL A 1 154 ? 18.054  -8.143  -0.935  1.00 30.38 ? 154 VAL A CG1 1 
ATOM   1006 C CG2 . VAL A 1 154 ? 15.953  -7.359  -1.999  1.00 34.33 ? 154 VAL A CG2 1 
ATOM   1007 N N   . PRO A 1 155 ? 19.582  -10.088 -3.338  1.00 36.10 ? 155 PRO A N   1 
ATOM   1008 C CA  . PRO A 1 155 ? 20.605  -11.131 -3.212  1.00 37.78 ? 155 PRO A CA  1 
ATOM   1009 C C   . PRO A 1 155 ? 21.171  -11.226 -1.800  1.00 38.34 ? 155 PRO A C   1 
ATOM   1010 O O   . PRO A 1 155 ? 21.288  -10.218 -1.100  1.00 38.82 ? 155 PRO A O   1 
ATOM   1011 C CB  . PRO A 1 155 ? 21.671  -10.680 -4.190  1.00 39.72 ? 155 PRO A CB  1 
ATOM   1012 C CG  . PRO A 1 155 ? 21.621  -9.166  -4.051  1.00 40.89 ? 155 PRO A CG  1 
ATOM   1013 C CD  . PRO A 1 155 ? 20.145  -8.843  -3.898  1.00 38.29 ? 155 PRO A CD  1 
ATOM   1014 N N   . VAL A 1 156 ? 21.519  -12.438 -1.388  1.00 39.71 ? 156 VAL A N   1 
ATOM   1015 C CA  . VAL A 1 156 ? 22.109  -12.658 -0.073  1.00 39.47 ? 156 VAL A CA  1 
ATOM   1016 C C   . VAL A 1 156 ? 23.553  -13.125 -0.271  1.00 39.87 ? 156 VAL A C   1 
ATOM   1017 O O   . VAL A 1 156 ? 23.930  -13.599 -1.348  1.00 36.44 ? 156 VAL A O   1 
ATOM   1018 C CB  . VAL A 1 156 ? 21.327  -13.727 0.734   1.00 40.40 ? 156 VAL A CB  1 
ATOM   1019 C CG1 . VAL A 1 156 ? 20.180  -13.071 1.485   1.00 38.44 ? 156 VAL A CG1 1 
ATOM   1020 C CG2 . VAL A 1 156 ? 20.802  -14.815 -0.203  1.00 40.14 ? 156 VAL A CG2 1 
ATOM   1021 N N   . PHE A 1 157 ? 24.368  -12.975 0.762   1.00 40.56 ? 157 PHE A N   1 
ATOM   1022 C CA  . PHE A 1 157 ? 25.761  -13.381 0.681   1.00 41.61 ? 157 PHE A CA  1 
ATOM   1023 C C   . PHE A 1 157 ? 26.164  -14.012 1.990   1.00 42.21 ? 157 PHE A C   1 
ATOM   1024 O O   . PHE A 1 157 ? 25.551  -13.756 3.026   1.00 41.03 ? 157 PHE A O   1 
ATOM   1025 C CB  . PHE A 1 157 ? 26.668  -12.169 0.433   1.00 44.81 ? 157 PHE A CB  1 
ATOM   1026 C CG  . PHE A 1 157 ? 26.127  -11.195 -0.571  1.00 45.48 ? 157 PHE A CG  1 
ATOM   1027 C CD1 . PHE A 1 157 ? 26.292  -11.423 -1.936  1.00 44.28 ? 157 PHE A CD1 1 
ATOM   1028 C CD2 . PHE A 1 157 ? 25.438  -10.056 -0.154  1.00 45.87 ? 157 PHE A CD2 1 
ATOM   1029 C CE1 . PHE A 1 157 ? 25.777  -10.531 -2.877  1.00 46.73 ? 157 PHE A CE1 1 
ATOM   1030 C CE2 . PHE A 1 157 ? 24.917  -9.153  -1.085  1.00 46.08 ? 157 PHE A CE2 1 
ATOM   1031 C CZ  . PHE A 1 157 ? 25.086  -9.392  -2.450  1.00 46.74 ? 157 PHE A CZ  1 
ATOM   1032 N N   . ALA A 1 158 ? 27.197  -14.842 1.946   1.00 42.81 ? 158 ALA A N   1 
ATOM   1033 C CA  . ALA A 1 158 ? 27.686  -15.459 3.165   1.00 44.25 ? 158 ALA A CA  1 
ATOM   1034 C C   . ALA A 1 158 ? 27.992  -14.256 4.067   1.00 45.63 ? 158 ALA A C   1 
ATOM   1035 O O   . ALA A 1 158 ? 28.494  -13.243 3.585   1.00 45.77 ? 158 ALA A O   1 
ATOM   1036 C CB  . ALA A 1 158 ? 28.964  -16.263 2.872   1.00 40.93 ? 158 ALA A CB  1 
ATOM   1037 N N   . GLY A 1 159 ? 27.658  -14.345 5.354   1.00 47.96 ? 159 GLY A N   1 
ATOM   1038 C CA  . GLY A 1 159 ? 27.927  -13.237 6.262   1.00 49.58 ? 159 GLY A CA  1 
ATOM   1039 C C   . GLY A 1 159 ? 26.759  -12.289 6.485   1.00 52.29 ? 159 GLY A C   1 
ATOM   1040 O O   . GLY A 1 159 ? 26.763  -11.478 7.416   1.00 52.06 ? 159 GLY A O   1 
ATOM   1041 N N   . ASP A 1 160 ? 25.749  -12.389 5.628   1.00 53.55 ? 160 ASP A N   1 
ATOM   1042 C CA  . ASP A 1 160 ? 24.567  -11.546 5.733   1.00 53.62 ? 160 ASP A CA  1 
ATOM   1043 C C   . ASP A 1 160 ? 23.802  -11.822 7.020   1.00 53.85 ? 160 ASP A C   1 
ATOM   1044 O O   . ASP A 1 160 ? 23.488  -12.973 7.335   1.00 52.91 ? 160 ASP A O   1 
ATOM   1045 C CB  . ASP A 1 160 ? 23.642  -11.790 4.535   1.00 54.42 ? 160 ASP A CB  1 
ATOM   1046 C CG  . ASP A 1 160 ? 23.899  -10.827 3.397   1.00 55.26 ? 160 ASP A CG  1 
ATOM   1047 O OD1 . ASP A 1 160 ? 24.340  -9.695  3.682   1.00 55.77 ? 160 ASP A OD1 1 
ATOM   1048 O OD2 . ASP A 1 160 ? 23.662  -11.197 2.224   1.00 54.87 ? 160 ASP A OD2 1 
ATOM   1049 N N   . SER A 1 161 ? 23.520  -10.757 7.767   1.00 55.15 ? 161 SER A N   1 
ATOM   1050 C CA  . SER A 1 161 ? 22.750  -10.863 9.002   1.00 56.55 ? 161 SER A CA  1 
ATOM   1051 C C   . SER A 1 161 ? 21.280  -10.730 8.593   1.00 58.39 ? 161 SER A C   1 
ATOM   1052 O O   . SER A 1 161 ? 20.971  -10.015 7.642   1.00 59.32 ? 161 SER A O   1 
ATOM   1053 C CB  . SER A 1 161 ? 23.129  -9.737  9.963   1.00 54.30 ? 161 SER A CB  1 
ATOM   1054 O OG  . SER A 1 161 ? 21.976  -9.066  10.425  1.00 53.89 ? 161 SER A OG  1 
ATOM   1055 N N   . GLU A 1 162 ? 20.376  -11.420 9.285   1.00 60.15 ? 162 GLU A N   1 
ATOM   1056 C CA  . GLU A 1 162 ? 18.964  -11.337 8.931   1.00 61.81 ? 162 GLU A CA  1 
ATOM   1057 C C   . GLU A 1 162 ? 18.500  -9.885  8.936   1.00 63.68 ? 162 GLU A C   1 
ATOM   1058 O O   . GLU A 1 162 ? 17.519  -9.534  8.276   1.00 63.72 ? 162 GLU A O   1 
ATOM   1059 C CB  . GLU A 1 162 ? 18.108  -12.160 9.894   1.00 61.58 ? 162 GLU A CB  1 
ATOM   1060 C CG  . GLU A 1 162 ? 17.687  -13.512 9.328   1.00 64.50 ? 162 GLU A CG  1 
ATOM   1061 C CD  . GLU A 1 162 ? 16.776  -13.403 8.104   1.00 67.12 ? 162 GLU A CD  1 
ATOM   1062 O OE1 . GLU A 1 162 ? 15.966  -12.452 8.039   1.00 68.65 ? 162 GLU A OE1 1 
ATOM   1063 O OE2 . GLU A 1 162 ? 16.868  -14.276 7.206   1.00 67.87 ? 162 GLU A OE2 1 
ATOM   1064 N N   . ASP A 1 163 ? 19.218  -9.042  9.673   1.00 64.09 ? 163 ASP A N   1 
ATOM   1065 C CA  . ASP A 1 163 ? 18.885  -7.627  9.741   1.00 64.62 ? 163 ASP A CA  1 
ATOM   1066 C C   . ASP A 1 163 ? 19.574  -6.852  8.611   1.00 63.40 ? 163 ASP A C   1 
ATOM   1067 O O   . ASP A 1 163 ? 19.318  -5.664  8.408   1.00 63.82 ? 163 ASP A O   1 
ATOM   1068 C CB  . ASP A 1 163 ? 19.265  -7.074  11.114  1.00 67.38 ? 163 ASP A CB  1 
ATOM   1069 C CG  . ASP A 1 163 ? 18.364  -7.613  12.219  1.00 70.88 ? 163 ASP A CG  1 
ATOM   1070 O OD1 . ASP A 1 163 ? 17.178  -7.216  12.268  1.00 71.54 ? 163 ASP A OD1 1 
ATOM   1071 O OD2 . ASP A 1 163 ? 18.837  -8.442  13.029  1.00 73.06 ? 163 ASP A OD2 1 
ATOM   1072 N N   . ASP A 1 164 ? 20.448  -7.542  7.881   1.00 60.61 ? 164 ASP A N   1 
ATOM   1073 C CA  . ASP A 1 164 ? 21.143  -6.966  6.735   1.00 56.35 ? 164 ASP A CA  1 
ATOM   1074 C C   . ASP A 1 164 ? 20.224  -7.242  5.558   1.00 54.58 ? 164 ASP A C   1 
ATOM   1075 O O   . ASP A 1 164 ? 20.104  -6.434  4.638   1.00 53.87 ? 164 ASP A O   1 
ATOM   1076 C CB  . ASP A 1 164 ? 22.462  -7.685  6.474   1.00 57.30 ? 164 ASP A CB  1 
ATOM   1077 C CG  . ASP A 1 164 ? 23.560  -7.240  7.394   1.00 59.85 ? 164 ASP A CG  1 
ATOM   1078 O OD1 . ASP A 1 164 ? 23.265  -6.483  8.341   1.00 59.52 ? 164 ASP A OD1 1 
ATOM   1079 O OD2 . ASP A 1 164 ? 24.719  -7.653  7.166   1.00 61.94 ? 164 ASP A OD2 1 
ATOM   1080 N N   . ILE A 1 165 ? 19.596  -8.417  5.598   1.00 50.99 ? 165 ILE A N   1 
ATOM   1081 C CA  . ILE A 1 165 ? 18.679  -8.840  4.552   1.00 48.27 ? 165 ILE A CA  1 
ATOM   1082 C C   . ILE A 1 165 ? 17.469  -7.920  4.538   1.00 48.06 ? 165 ILE A C   1 
ATOM   1083 O O   . ILE A 1 165 ? 17.108  -7.369  3.499   1.00 46.01 ? 165 ILE A O   1 
ATOM   1084 C CB  . ILE A 1 165 ? 18.194  -10.279 4.774   1.00 45.80 ? 165 ILE A CB  1 
ATOM   1085 C CG1 . ILE A 1 165 ? 19.349  -11.160 5.242   1.00 43.88 ? 165 ILE A CG1 1 
ATOM   1086 C CG2 . ILE A 1 165 ? 17.607  -10.821 3.487   1.00 45.24 ? 165 ILE A CG2 1 
ATOM   1087 C CD1 . ILE A 1 165 ? 20.493  -11.222 4.275   1.00 43.35 ? 165 ILE A CD1 1 
ATOM   1088 N N   . THR A 1 166 ? 16.847  -7.754  5.699   1.00 46.50 ? 166 THR A N   1 
ATOM   1089 C CA  . THR A 1 166 ? 15.686  -6.888  5.816   1.00 47.09 ? 166 THR A CA  1 
ATOM   1090 C C   . THR A 1 166 ? 15.993  -5.485  5.289   1.00 44.84 ? 166 THR A C   1 
ATOM   1091 O O   . THR A 1 166 ? 15.308  -4.994  4.398   1.00 45.45 ? 166 THR A O   1 
ATOM   1092 C CB  . THR A 1 166 ? 15.218  -6.788  7.278   1.00 49.91 ? 166 THR A CB  1 
ATOM   1093 O OG1 . THR A 1 166 ? 16.257  -6.206  8.075   1.00 54.74 ? 166 THR A OG1 1 
ATOM   1094 C CG2 . THR A 1 166 ? 14.877  -8.173  7.816   1.00 50.94 ? 166 THR A CG2 1 
ATOM   1095 N N   . ALA A 1 167 ? 17.022  -4.845  5.837   1.00 41.93 ? 167 ALA A N   1 
ATOM   1096 C CA  . ALA A 1 167 ? 17.415  -3.511  5.411   1.00 37.73 ? 167 ALA A CA  1 
ATOM   1097 C C   . ALA A 1 167 ? 17.462  -3.412  3.884   1.00 36.11 ? 167 ALA A C   1 
ATOM   1098 O O   . ALA A 1 167 ? 16.968  -2.445  3.304   1.00 35.80 ? 167 ALA A O   1 
ATOM   1099 C CB  . ALA A 1 167 ? 18.767  -3.164  5.999   1.00 36.94 ? 167 ALA A CB  1 
ATOM   1100 N N   . ARG A 1 168 ? 18.062  -4.409  3.242   1.00 33.99 ? 168 ARG A N   1 
ATOM   1101 C CA  . ARG A 1 168 ? 18.169  -4.460  1.779   1.00 35.10 ? 168 ARG A CA  1 
ATOM   1102 C C   . ARG A 1 168 ? 16.772  -4.568  1.158   1.00 33.68 ? 168 ARG A C   1 
ATOM   1103 O O   . ARG A 1 168 ? 16.440  -3.903  0.164   1.00 32.97 ? 168 ARG A O   1 
ATOM   1104 C CB  . ARG A 1 168 ? 19.003  -5.677  1.360   1.00 38.06 ? 168 ARG A CB  1 
ATOM   1105 C CG  . ARG A 1 168 ? 19.928  -5.431  0.180   1.00 44.42 ? 168 ARG A CG  1 
ATOM   1106 C CD  . ARG A 1 168 ? 20.975  -6.525  0.055   1.00 46.59 ? 168 ARG A CD  1 
ATOM   1107 N NE  . ARG A 1 168 ? 21.892  -6.511  1.189   1.00 49.06 ? 168 ARG A NE  1 
ATOM   1108 C CZ  . ARG A 1 168 ? 22.481  -7.594  1.692   1.00 49.17 ? 168 ARG A CZ  1 
ATOM   1109 N NH1 . ARG A 1 168 ? 22.253  -8.789  1.162   1.00 48.46 ? 168 ARG A NH1 1 
ATOM   1110 N NH2 . ARG A 1 168 ? 23.303  -7.479  2.724   1.00 48.96 ? 168 ARG A NH2 1 
ATOM   1111 N N   . VAL A 1 169 ? 15.964  -5.429  1.758   1.00 30.19 ? 169 VAL A N   1 
ATOM   1112 C CA  . VAL A 1 169 ? 14.603  -5.640  1.317   1.00 29.93 ? 169 VAL A CA  1 
ATOM   1113 C C   . VAL A 1 169 ? 13.796  -4.356  1.530   1.00 30.44 ? 169 VAL A C   1 
ATOM   1114 O O   . VAL A 1 169 ? 13.045  -3.932  0.655   1.00 30.33 ? 169 VAL A O   1 
ATOM   1115 C CB  . VAL A 1 169 ? 13.955  -6.786  2.112   1.00 26.49 ? 169 VAL A CB  1 
ATOM   1116 C CG1 . VAL A 1 169 ? 12.455  -6.767  1.922   1.00 27.61 ? 169 VAL A CG1 1 
ATOM   1117 C CG2 . VAL A 1 169 ? 14.537  -8.114  1.660   1.00 24.06 ? 169 VAL A CG2 1 
ATOM   1118 N N   . GLN A 1 170 ? 13.965  -3.736  2.691   1.00 28.05 ? 170 GLN A N   1 
ATOM   1119 C CA  . GLN A 1 170 ? 13.240  -2.526  3.006   1.00 30.63 ? 170 GLN A CA  1 
ATOM   1120 C C   . GLN A 1 170 ? 13.636  -1.404  2.088   1.00 31.49 ? 170 GLN A C   1 
ATOM   1121 O O   . GLN A 1 170 ? 12.806  -0.576  1.718   1.00 31.70 ? 170 GLN A O   1 
ATOM   1122 C CB  . GLN A 1 170 ? 13.505  -2.109  4.440   1.00 35.39 ? 170 GLN A CB  1 
ATOM   1123 C CG  . GLN A 1 170 ? 12.487  -2.629  5.427   1.00 40.74 ? 170 GLN A CG  1 
ATOM   1124 C CD  . GLN A 1 170 ? 12.819  -2.201  6.836   1.00 47.48 ? 170 GLN A CD  1 
ATOM   1125 O OE1 . GLN A 1 170 ? 13.290  -3.006  7.650   1.00 50.28 ? 170 GLN A OE1 1 
ATOM   1126 N NE2 . GLN A 1 170 ? 12.585  -0.921  7.138   1.00 50.64 ? 170 GLN A NE2 1 
ATOM   1127 N N   . THR A 1 171 ? 14.912  -1.372  1.728   1.00 30.98 ? 171 THR A N   1 
ATOM   1128 C CA  . THR A 1 171 ? 15.411  -0.338  0.837   1.00 31.29 ? 171 THR A CA  1 
ATOM   1129 C C   . THR A 1 171 ? 14.757  -0.564  -0.513  1.00 30.24 ? 171 THR A C   1 
ATOM   1130 O O   . THR A 1 171 ? 14.366  0.386   -1.201  1.00 27.69 ? 171 THR A O   1 
ATOM   1131 C CB  . THR A 1 171 ? 16.958  -0.412  0.700   1.00 31.50 ? 171 THR A CB  1 
ATOM   1132 O OG1 . THR A 1 171 ? 17.561  0.044   1.921   1.00 33.98 ? 171 THR A OG1 1 
ATOM   1133 C CG2 . THR A 1 171 ? 17.444  0.459   -0.450  1.00 28.27 ? 171 THR A CG2 1 
ATOM   1134 N N   . GLN A 1 172 ? 14.609  -1.839  -0.865  1.00 28.40 ? 172 GLN A N   1 
ATOM   1135 C CA  . GLN A 1 172 ? 14.017  -2.208  -2.134  1.00 28.52 ? 172 GLN A CA  1 
ATOM   1136 C C   . GLN A 1 172 ? 12.541  -1.832  -2.207  1.00 26.64 ? 172 GLN A C   1 
ATOM   1137 O O   . GLN A 1 172 ? 12.060  -1.381  -3.252  1.00 27.01 ? 172 GLN A O   1 
ATOM   1138 C CB  . GLN A 1 172 ? 14.201  -3.695  -2.352  1.00 34.13 ? 172 GLN A CB  1 
ATOM   1139 C CG  . GLN A 1 172 ? 14.302  -4.092  -3.796  1.00 45.69 ? 172 GLN A CG  1 
ATOM   1140 C CD  . GLN A 1 172 ? 13.535  -5.369  -4.078  1.00 52.55 ? 172 GLN A CD  1 
ATOM   1141 O OE1 . GLN A 1 172 ? 12.303  -5.356  -4.212  1.00 58.08 ? 172 GLN A OE1 1 
ATOM   1142 N NE2 . GLN A 1 172 ? 14.255  -6.485  -4.164  1.00 53.02 ? 172 GLN A NE2 1 
ATOM   1143 N N   . GLU A 1 173 ? 11.831  -2.011  -1.093  1.00 24.46 ? 173 GLU A N   1 
ATOM   1144 C CA  . GLU A 1 173 ? 10.412  -1.666  -1.005  1.00 21.69 ? 173 GLU A CA  1 
ATOM   1145 C C   . GLU A 1 173 ? 10.198  -0.151  -1.151  1.00 21.71 ? 173 GLU A C   1 
ATOM   1146 O O   . GLU A 1 173 ? 9.270   0.291   -1.834  1.00 19.70 ? 173 GLU A O   1 
ATOM   1147 C CB  . GLU A 1 173 ? 9.838   -2.144  0.334   1.00 20.58 ? 173 GLU A CB  1 
ATOM   1148 C CG  . GLU A 1 173 ? 9.678   -3.670  0.415   1.00 22.66 ? 173 GLU A CG  1 
ATOM   1149 C CD  . GLU A 1 173 ? 8.696   -4.124  1.488   1.00 24.44 ? 173 GLU A CD  1 
ATOM   1150 O OE1 . GLU A 1 173 ? 8.364   -3.299  2.354   1.00 26.59 ? 173 GLU A OE1 1 
ATOM   1151 O OE2 . GLU A 1 173 ? 8.252   -5.299  1.471   1.00 28.39 ? 173 GLU A OE2 1 
ATOM   1152 N N   . HIS A 1 174 ? 11.060  0.639   -0.513  1.00 18.38 ? 174 HIS A N   1 
ATOM   1153 C CA  . HIS A 1 174 ? 10.965  2.092   -0.573  1.00 20.33 ? 174 HIS A CA  1 
ATOM   1154 C C   . HIS A 1 174 ? 11.232  2.586   -1.986  1.00 24.38 ? 174 HIS A C   1 
ATOM   1155 O O   . HIS A 1 174 ? 10.919  3.733   -2.333  1.00 24.25 ? 174 HIS A O   1 
ATOM   1156 C CB  . HIS A 1 174 ? 11.991  2.743   0.354   1.00 22.60 ? 174 HIS A CB  1 
ATOM   1157 C CG  . HIS A 1 174 ? 11.913  2.281   1.776   1.00 23.59 ? 174 HIS A CG  1 
ATOM   1158 N ND1 . HIS A 1 174 ? 10.812  1.632   2.293   1.00 25.11 ? 174 HIS A ND1 1 
ATOM   1159 C CD2 . HIS A 1 174 ? 12.805  2.378   2.792   1.00 23.47 ? 174 HIS A CD2 1 
ATOM   1160 C CE1 . HIS A 1 174 ? 11.028  1.349   3.566   1.00 26.40 ? 174 HIS A CE1 1 
ATOM   1161 N NE2 . HIS A 1 174 ? 12.229  1.791   3.894   1.00 28.44 ? 174 HIS A NE2 1 
ATOM   1162 N N   . ALA A 1 175 ? 11.839  1.732   -2.800  1.00 25.10 ? 175 ALA A N   1 
ATOM   1163 C CA  . ALA A 1 175 ? 12.146  2.111   -4.166  1.00 24.47 ? 175 ALA A CA  1 
ATOM   1164 C C   . ALA A 1 175 ? 11.013  1.736   -5.132  1.00 23.12 ? 175 ALA A C   1 
ATOM   1165 O O   . ALA A 1 175 ? 10.542  2.586   -5.884  1.00 23.55 ? 175 ALA A O   1 
ATOM   1166 C CB  . ALA A 1 175 ? 13.461  1.465   -4.600  1.00 24.28 ? 175 ALA A CB  1 
ATOM   1167 N N   . ILE A 1 176 ? 10.558  0.484   -5.096  1.00 20.81 ? 176 ILE A N   1 
ATOM   1168 C CA  . ILE A 1 176 ? 9.503   0.044   -6.013  1.00 20.19 ? 176 ILE A CA  1 
ATOM   1169 C C   . ILE A 1 176 ? 8.041   0.433   -5.729  1.00 19.21 ? 176 ILE A C   1 
ATOM   1170 O O   . ILE A 1 176 ? 7.243   0.580   -6.662  1.00 18.20 ? 176 ILE A O   1 
ATOM   1171 C CB  . ILE A 1 176 ? 9.559   -1.485  -6.233  1.00 20.50 ? 176 ILE A CB  1 
ATOM   1172 C CG1 . ILE A 1 176 ? 9.011   -2.227  -5.020  1.00 18.59 ? 176 ILE A CG1 1 
ATOM   1173 C CG2 . ILE A 1 176 ? 10.988  -1.902  -6.516  1.00 22.57 ? 176 ILE A CG2 1 
ATOM   1174 C CD1 . ILE A 1 176 ? 8.805   -3.705  -5.287  1.00 20.16 ? 176 ILE A CD1 1 
ATOM   1175 N N   . TYR A 1 177 ? 7.680   0.604   -4.460  1.00 19.05 ? 177 TYR A N   1 
ATOM   1176 C CA  . TYR A 1 177 ? 6.307   0.977   -4.156  1.00 16.96 ? 177 TYR A CA  1 
ATOM   1177 C C   . TYR A 1 177 ? 5.999   2.362   -4.721  1.00 16.02 ? 177 TYR A C   1 
ATOM   1178 O O   . TYR A 1 177 ? 4.993   2.535   -5.401  1.00 15.30 ? 177 TYR A O   1 
ATOM   1179 C CB  . TYR A 1 177 ? 6.041   0.944   -2.648  1.00 13.98 ? 177 TYR A CB  1 
ATOM   1180 C CG  . TYR A 1 177 ? 4.620   0.553   -2.323  1.00 16.92 ? 177 TYR A CG  1 
ATOM   1181 C CD1 . TYR A 1 177 ? 3.701   0.227   -3.346  1.00 13.02 ? 177 TYR A CD1 1 
ATOM   1182 C CD2 . TYR A 1 177 ? 4.192   0.468   -0.995  1.00 13.86 ? 177 TYR A CD2 1 
ATOM   1183 C CE1 . TYR A 1 177 ? 2.397   -0.183  -3.037  1.00 16.75 ? 177 TYR A CE1 1 
ATOM   1184 C CE2 . TYR A 1 177 ? 2.891   0.062   -0.677  1.00 13.87 ? 177 TYR A CE2 1 
ATOM   1185 C CZ  . TYR A 1 177 ? 2.007   -0.267  -1.693  1.00 14.20 ? 177 TYR A CZ  1 
ATOM   1186 O OH  . TYR A 1 177 ? 0.760   -0.728  -1.360  1.00 14.23 ? 177 TYR A OH  1 
ATOM   1187 N N   . PRO A 1 178 ? 6.844   3.371   -4.428  1.00 16.16 ? 178 PRO A N   1 
ATOM   1188 C CA  . PRO A 1 178 ? 6.580   4.713   -4.968  1.00 17.46 ? 178 PRO A CA  1 
ATOM   1189 C C   . PRO A 1 178 ? 6.593   4.746   -6.516  1.00 18.29 ? 178 PRO A C   1 
ATOM   1190 O O   . PRO A 1 178 ? 5.881   5.542   -7.146  1.00 17.25 ? 178 PRO A O   1 
ATOM   1191 C CB  . PRO A 1 178 ? 7.694   5.568   -4.348  1.00 16.08 ? 178 PRO A CB  1 
ATOM   1192 C CG  . PRO A 1 178 ? 8.090   4.814   -3.102  1.00 14.32 ? 178 PRO A CG  1 
ATOM   1193 C CD  . PRO A 1 178 ? 8.030   3.380   -3.547  1.00 15.61 ? 178 PRO A CD  1 
ATOM   1194 N N   . LEU A 1 179 ? 7.403   3.880   -7.115  1.00 18.01 ? 179 LEU A N   1 
ATOM   1195 C CA  . LEU A 1 179 ? 7.490   3.787   -8.571  1.00 18.61 ? 179 LEU A CA  1 
ATOM   1196 C C   . LEU A 1 179 ? 6.163   3.268   -9.113  1.00 16.50 ? 179 LEU A C   1 
ATOM   1197 O O   . LEU A 1 179 ? 5.575   3.860   -10.025 1.00 17.45 ? 179 LEU A O   1 
ATOM   1198 C CB  . LEU A 1 179 ? 8.615   2.827   -8.965  1.00 19.55 ? 179 LEU A CB  1 
ATOM   1199 C CG  . LEU A 1 179 ? 8.665   2.366   -10.418 1.00 21.27 ? 179 LEU A CG  1 
ATOM   1200 C CD1 . LEU A 1 179 ? 8.635   3.581   -11.359 1.00 23.13 ? 179 LEU A CD1 1 
ATOM   1201 C CD2 . LEU A 1 179 ? 9.918   1.557   -10.629 1.00 18.38 ? 179 LEU A CD2 1 
ATOM   1202 N N   . VAL A 1 180 ? 5.692   2.156   -8.553  1.00 16.94 ? 180 VAL A N   1 
ATOM   1203 C CA  . VAL A 1 180 ? 4.426   1.583   -8.986  1.00 15.88 ? 180 VAL A CA  1 
ATOM   1204 C C   . VAL A 1 180 ? 3.292   2.569   -8.742  1.00 16.00 ? 180 VAL A C   1 
ATOM   1205 O O   . VAL A 1 180 ? 2.428   2.753   -9.596  1.00 16.13 ? 180 VAL A O   1 
ATOM   1206 C CB  . VAL A 1 180 ? 4.114   0.249   -8.248  1.00 16.03 ? 180 VAL A CB  1 
ATOM   1207 C CG1 . VAL A 1 180 ? 2.660   -0.191  -8.521  1.00 15.72 ? 180 VAL A CG1 1 
ATOM   1208 C CG2 . VAL A 1 180 ? 5.084   -0.832  -8.710  1.00 16.25 ? 180 VAL A CG2 1 
ATOM   1209 N N   . ILE A 1 181 ? 3.280   3.212   -7.583  1.00 13.66 ? 181 ILE A N   1 
ATOM   1210 C CA  . ILE A 1 181 ? 2.218   4.162   -7.305  1.00 14.33 ? 181 ILE A CA  1 
ATOM   1211 C C   . ILE A 1 181 ? 2.289   5.324   -8.311  1.00 16.85 ? 181 ILE A C   1 
ATOM   1212 O O   . ILE A 1 181 ? 1.254   5.844   -8.742  1.00 16.95 ? 181 ILE A O   1 
ATOM   1213 C CB  . ILE A 1 181 ? 2.292   4.677   -5.844  1.00 11.04 ? 181 ILE A CB  1 
ATOM   1214 C CG1 . ILE A 1 181 ? 1.970   3.528   -4.880  1.00 13.99 ? 181 ILE A CG1 1 
ATOM   1215 C CG2 . ILE A 1 181 ? 1.288   5.811   -5.614  1.00 12.12 ? 181 ILE A CG2 1 
ATOM   1216 C CD1 . ILE A 1 181 ? 2.409   3.788   -3.419  1.00 14.89 ? 181 ILE A CD1 1 
ATOM   1217 N N   . SER A 1 182 ? 3.493   5.723   -8.709  1.00 17.50 ? 182 SER A N   1 
ATOM   1218 C CA  . SER A 1 182 ? 3.604   6.804   -9.690  1.00 19.83 ? 182 SER A CA  1 
ATOM   1219 C C   . SER A 1 182 ? 2.980   6.425   -11.053 1.00 20.56 ? 182 SER A C   1 
ATOM   1220 O O   . SER A 1 182 ? 2.473   7.313   -11.770 1.00 19.42 ? 182 SER A O   1 
ATOM   1221 C CB  . SER A 1 182 ? 5.070   7.221   -9.887  1.00 19.75 ? 182 SER A CB  1 
ATOM   1222 O OG  . SER A 1 182 ? 5.790   6.272   -10.660 1.00 23.75 ? 182 SER A OG  1 
ATOM   1223 N N   . TRP A 1 183 ? 3.025   5.129   -11.406 1.00 18.52 ? 183 TRP A N   1 
ATOM   1224 C CA  . TRP A 1 183 ? 2.445   4.630   -12.672 1.00 19.42 ? 183 TRP A CA  1 
ATOM   1225 C C   . TRP A 1 183 ? 0.939   4.751   -12.562 1.00 20.48 ? 183 TRP A C   1 
ATOM   1226 O O   . TRP A 1 183 ? 0.247   5.089   -13.527 1.00 17.70 ? 183 TRP A O   1 
ATOM   1227 C CB  . TRP A 1 183 ? 2.775   3.149   -12.925 1.00 15.66 ? 183 TRP A CB  1 
ATOM   1228 C CG  . TRP A 1 183 ? 4.205   2.892   -13.245 1.00 18.02 ? 183 TRP A CG  1 
ATOM   1229 C CD1 . TRP A 1 183 ? 5.129   3.810   -13.658 1.00 18.66 ? 183 TRP A CD1 1 
ATOM   1230 C CD2 . TRP A 1 183 ? 4.899   1.636   -13.160 1.00 17.28 ? 183 TRP A CD2 1 
ATOM   1231 N NE1 . TRP A 1 183 ? 6.357   3.205   -13.835 1.00 19.89 ? 183 TRP A NE1 1 
ATOM   1232 C CE2 . TRP A 1 183 ? 6.241   1.872   -13.535 1.00 19.94 ? 183 TRP A CE2 1 
ATOM   1233 C CE3 . TRP A 1 183 ? 4.518   0.342   -12.803 1.00 16.89 ? 183 TRP A CE3 1 
ATOM   1234 C CZ2 . TRP A 1 183 ? 7.203   0.850   -13.563 1.00 17.72 ? 183 TRP A CZ2 1 
ATOM   1235 C CZ3 . TRP A 1 183 ? 5.480   -0.677  -12.832 1.00 17.53 ? 183 TRP A CZ3 1 
ATOM   1236 C CH2 . TRP A 1 183 ? 6.801   -0.413  -13.212 1.00 17.76 ? 183 TRP A CH2 1 
ATOM   1237 N N   . PHE A 1 184 ? 0.428   4.478   -11.365 1.00 18.35 ? 184 PHE A N   1 
ATOM   1238 C CA  . PHE A 1 184 ? -1.004  4.548   -11.152 1.00 17.97 ? 184 PHE A CA  1 
ATOM   1239 C C   . PHE A 1 184 ? -1.480  5.987   -11.174 1.00 18.16 ? 184 PHE A C   1 
ATOM   1240 O O   . PHE A 1 184 ? -2.479  6.307   -11.830 1.00 18.78 ? 184 PHE A O   1 
ATOM   1241 C CB  . PHE A 1 184 ? -1.410  3.898   -9.824  1.00 14.98 ? 184 PHE A CB  1 
ATOM   1242 C CG  . PHE A 1 184 ? -2.880  3.638   -9.730  1.00 17.70 ? 184 PHE A CG  1 
ATOM   1243 C CD1 . PHE A 1 184 ? -3.419  2.448   -10.212 1.00 16.22 ? 184 PHE A CD1 1 
ATOM   1244 C CD2 . PHE A 1 184 ? -3.737  4.611   -9.220  1.00 16.54 ? 184 PHE A CD2 1 
ATOM   1245 C CE1 . PHE A 1 184 ? -4.788  2.234   -10.192 1.00 16.87 ? 184 PHE A CE1 1 
ATOM   1246 C CE2 . PHE A 1 184 ? -5.112  4.407   -9.193  1.00 14.48 ? 184 PHE A CE2 1 
ATOM   1247 C CZ  . PHE A 1 184 ? -5.641  3.227   -9.676  1.00 17.04 ? 184 PHE A CZ  1 
ATOM   1248 N N   . ALA A 1 185 ? -0.756  6.843   -10.457 1.00 16.15 ? 185 ALA A N   1 
ATOM   1249 C CA  . ALA A 1 185 ? -1.085  8.263   -10.366 1.00 17.50 ? 185 ALA A CA  1 
ATOM   1250 C C   . ALA A 1 185 ? -1.098  8.898   -11.755 1.00 18.07 ? 185 ALA A C   1 
ATOM   1251 O O   . ALA A 1 185 ? -1.789  9.882   -11.979 1.00 20.37 ? 185 ALA A O   1 
ATOM   1252 C CB  . ALA A 1 185 ? -0.067  8.971   -9.475  1.00 15.33 ? 185 ALA A CB  1 
ATOM   1253 N N   . ASP A 1 186 ? -0.338  8.299   -12.671 1.00 18.43 ? 186 ASP A N   1 
ATOM   1254 C CA  . ASP A 1 186 ? -0.191  8.732   -14.071 1.00 22.34 ? 186 ASP A CA  1 
ATOM   1255 C C   . ASP A 1 186 ? -1.242  8.200   -15.046 1.00 18.64 ? 186 ASP A C   1 
ATOM   1256 O O   . ASP A 1 186 ? -1.240  8.577   -16.214 1.00 19.76 ? 186 ASP A O   1 
ATOM   1257 C CB  . ASP A 1 186 ? 1.158   8.268   -14.606 1.00 25.45 ? 186 ASP A CB  1 
ATOM   1258 C CG  . ASP A 1 186 ? 2.219   9.280   -14.422 1.00 32.31 ? 186 ASP A CG  1 
ATOM   1259 O OD1 . ASP A 1 186 ? 1.901   10.376  -13.912 1.00 36.23 ? 186 ASP A OD1 1 
ATOM   1260 O OD2 . ASP A 1 186 ? 3.373   8.977   -14.787 1.00 35.53 ? 186 ASP A OD2 1 
ATOM   1261 N N   . GLY A 1 187 ? -2.102  7.301   -14.595 1.00 17.35 ? 187 GLY A N   1 
ATOM   1262 C CA  . GLY A 1 187 ? -3.102  6.743   -15.484 1.00 14.66 ? 187 GLY A CA  1 
ATOM   1263 C C   . GLY A 1 187 ? -2.532  5.631   -16.340 1.00 15.45 ? 187 GLY A C   1 
ATOM   1264 O O   . GLY A 1 187 ? -3.226  5.061   -17.164 1.00 17.83 ? 187 GLY A O   1 
ATOM   1265 N N   . ARG A 1 188 ? -1.258  5.304   -16.138 1.00 15.82 ? 188 ARG A N   1 
ATOM   1266 C CA  . ARG A 1 188 ? -0.602  4.259   -16.926 1.00 16.42 ? 188 ARG A CA  1 
ATOM   1267 C C   . ARG A 1 188 ? -0.890  2.827   -16.491 1.00 16.72 ? 188 ARG A C   1 
ATOM   1268 O O   . ARG A 1 188 ? -0.776  1.905   -17.284 1.00 16.61 ? 188 ARG A O   1 
ATOM   1269 C CB  . ARG A 1 188 ? 0.914   4.459   -16.901 1.00 16.86 ? 188 ARG A CB  1 
ATOM   1270 C CG  . ARG A 1 188 ? 1.354   5.867   -17.225 1.00 18.07 ? 188 ARG A CG  1 
ATOM   1271 C CD  . ARG A 1 188 ? 2.851   5.993   -17.171 1.00 20.05 ? 188 ARG A CD  1 
ATOM   1272 N NE  . ARG A 1 188 ? 3.541   4.878   -17.817 1.00 22.95 ? 188 ARG A NE  1 
ATOM   1273 C CZ  . ARG A 1 188 ? 4.827   4.586   -17.620 1.00 22.67 ? 188 ARG A CZ  1 
ATOM   1274 N NH1 . ARG A 1 188 ? 5.551   5.332   -16.795 1.00 24.19 ? 188 ARG A NH1 1 
ATOM   1275 N NH2 . ARG A 1 188 ? 5.397   3.564   -18.259 1.00 22.74 ? 188 ARG A NH2 1 
ATOM   1276 N N   . LEU A 1 189 ? -1.273  2.648   -15.230 1.00 18.31 ? 189 LEU A N   1 
ATOM   1277 C CA  . LEU A 1 189 ? -1.508  1.313   -14.675 1.00 15.24 ? 189 LEU A CA  1 
ATOM   1278 C C   . LEU A 1 189 ? -2.967  1.029   -14.315 1.00 14.91 ? 189 LEU A C   1 
ATOM   1279 O O   . LEU A 1 189 ? -3.590  1.806   -13.593 1.00 18.12 ? 189 LEU A O   1 
ATOM   1280 C CB  . LEU A 1 189 ? -0.610  1.160   -13.446 1.00 14.44 ? 189 LEU A CB  1 
ATOM   1281 C CG  . LEU A 1 189 ? -0.643  -0.134  -12.654 1.00 12.79 ? 189 LEU A CG  1 
ATOM   1282 C CD1 . LEU A 1 189 ? 0.067   -1.226  -13.451 1.00 11.59 ? 189 LEU A CD1 1 
ATOM   1283 C CD2 . LEU A 1 189 ? 0.015   0.108   -11.280 1.00 11.94 ? 189 LEU A CD2 1 
ATOM   1284 N N   . LYS A 1 190 ? -3.509  -0.080  -14.817 1.00 13.93 ? 190 LYS A N   1 
ATOM   1285 C CA  . LYS A 1 190 ? -4.896  -0.453  -14.549 1.00 14.77 ? 190 LYS A CA  1 
ATOM   1286 C C   . LYS A 1 190 ? -5.070  -1.930  -14.281 1.00 17.29 ? 190 LYS A C   1 
ATOM   1287 O O   . LYS A 1 190 ? -4.231  -2.746  -14.644 1.00 18.07 ? 190 LYS A O   1 
ATOM   1288 C CB  . LYS A 1 190 ? -5.803  -0.098  -15.727 1.00 16.36 ? 190 LYS A CB  1 
ATOM   1289 C CG  . LYS A 1 190 ? -5.638  1.316   -16.246 1.00 18.56 ? 190 LYS A CG  1 
ATOM   1290 C CD  . LYS A 1 190 ? -6.671  2.242   -15.646 1.00 22.02 ? 190 LYS A CD  1 
ATOM   1291 C CE  . LYS A 1 190 ? -6.624  3.595   -16.335 1.00 27.28 ? 190 LYS A CE  1 
ATOM   1292 N NZ  . LYS A 1 190 ? -6.425  4.708   -15.373 1.00 31.56 ? 190 LYS A NZ  1 
ATOM   1293 N N   . MET A 1 191 ? -6.197  -2.266  -13.668 1.00 16.25 ? 191 MET A N   1 
ATOM   1294 C CA  . MET A 1 191 ? -6.496  -3.643  -13.351 1.00 16.05 ? 191 MET A CA  1 
ATOM   1295 C C   . MET A 1 191 ? -7.761  -4.092  -14.084 1.00 15.82 ? 191 MET A C   1 
ATOM   1296 O O   . MET A 1 191 ? -8.818  -3.513  -13.901 1.00 16.12 ? 191 MET A O   1 
ATOM   1297 C CB  . MET A 1 191 ? -6.674  -3.782  -11.835 1.00 18.18 ? 191 MET A CB  1 
ATOM   1298 C CG  . MET A 1 191 ? -6.418  -5.172  -11.324 1.00 20.97 ? 191 MET A CG  1 
ATOM   1299 S SD  . MET A 1 191 ? -7.889  -6.156  -11.502 1.00 28.30 ? 191 MET A SD  1 
ATOM   1300 C CE  . MET A 1 191 ? -8.654  -5.762  -9.896  1.00 26.35 ? 191 MET A CE  1 
ATOM   1301 N N   . HIS A 1 192 ? -7.641  -5.117  -14.924 1.00 16.76 ? 192 HIS A N   1 
ATOM   1302 C CA  . HIS A 1 192 ? -8.777  -5.661  -15.678 1.00 18.76 ? 192 HIS A CA  1 
ATOM   1303 C C   . HIS A 1 192 ? -8.575  -7.159  -15.749 1.00 17.63 ? 192 HIS A C   1 
ATOM   1304 O O   . HIS A 1 192 ? -7.439  -7.620  -15.925 1.00 18.50 ? 192 HIS A O   1 
ATOM   1305 C CB  . HIS A 1 192 ? -8.817  -5.166  -17.132 1.00 17.94 ? 192 HIS A CB  1 
ATOM   1306 C CG  . HIS A 1 192 ? -8.821  -3.681  -17.291 1.00 16.67 ? 192 HIS A CG  1 
ATOM   1307 N ND1 . HIS A 1 192 ? -9.962  -2.922  -17.151 1.00 21.38 ? 192 HIS A ND1 1 
ATOM   1308 C CD2 . HIS A 1 192 ? -7.839  -2.825  -17.656 1.00 16.41 ? 192 HIS A CD2 1 
ATOM   1309 C CE1 . HIS A 1 192 ? -9.681  -1.659  -17.425 1.00 19.53 ? 192 HIS A CE1 1 
ATOM   1310 N NE2 . HIS A 1 192 ? -8.400  -1.574  -17.733 1.00 20.22 ? 192 HIS A NE2 1 
ATOM   1311 N N   . GLU A 1 193 ? -9.672  -7.908  -15.643 1.00 19.32 ? 193 GLU A N   1 
ATOM   1312 C CA  . GLU A 1 193 ? -9.610  -9.367  -15.695 1.00 22.13 ? 193 GLU A CA  1 
ATOM   1313 C C   . GLU A 1 193 ? -8.581  -9.928  -14.717 1.00 23.33 ? 193 GLU A C   1 
ATOM   1314 O O   . GLU A 1 193 ? -7.773  -10.805 -15.069 1.00 23.92 ? 193 GLU A O   1 
ATOM   1315 C CB  . GLU A 1 193 ? -9.263  -9.847  -17.110 1.00 22.18 ? 193 GLU A CB  1 
ATOM   1316 C CG  . GLU A 1 193 ? -10.115 -9.252  -18.190 1.00 21.17 ? 193 GLU A CG  1 
ATOM   1317 C CD  . GLU A 1 193 ? -9.807  -9.852  -19.536 1.00 20.26 ? 193 GLU A CD  1 
ATOM   1318 O OE1 . GLU A 1 193 ? -8.689  -9.645  -20.056 1.00 19.67 ? 193 GLU A OE1 1 
ATOM   1319 O OE2 . GLU A 1 193 ? -10.688 -10.541 -20.073 1.00 20.64 ? 193 GLU A OE2 1 
ATOM   1320 N N   . ASN A 1 194 ? -8.625  -9.430  -13.483 1.00 23.84 ? 194 ASN A N   1 
ATOM   1321 C CA  . ASN A 1 194 ? -7.694  -9.860  -12.443 1.00 25.25 ? 194 ASN A CA  1 
ATOM   1322 C C   . ASN A 1 194 ? -6.266  -9.872  -12.968 1.00 24.22 ? 194 ASN A C   1 
ATOM   1323 O O   . ASN A 1 194 ? -5.495  -10.796 -12.698 1.00 24.12 ? 194 ASN A O   1 
ATOM   1324 C CB  . ASN A 1 194 ? -8.057  -11.254 -11.900 1.00 27.87 ? 194 ASN A CB  1 
ATOM   1325 C CG  . ASN A 1 194 ? -7.269  -11.612 -10.624 1.00 32.19 ? 194 ASN A CG  1 
ATOM   1326 O OD1 . ASN A 1 194 ? -6.703  -12.707 -10.508 1.00 35.06 ? 194 ASN A OD1 1 
ATOM   1327 N ND2 . ASN A 1 194 ? -7.226  -10.680 -9.672  1.00 31.26 ? 194 ASN A ND2 1 
ATOM   1328 N N   . ALA A 1 195 ? -5.924  -8.849  -13.741 1.00 19.80 ? 195 ALA A N   1 
ATOM   1329 C CA  . ALA A 1 195 ? -4.577  -8.740  -14.261 1.00 17.64 ? 195 ALA A CA  1 
ATOM   1330 C C   . ALA A 1 195 ? -4.196  -7.264  -14.196 1.00 16.55 ? 195 ALA A C   1 
ATOM   1331 O O   . ALA A 1 195 ? -5.060  -6.395  -14.059 1.00 16.46 ? 195 ALA A O   1 
ATOM   1332 C CB  . ALA A 1 195 ? -4.505  -9.274  -15.725 1.00 15.24 ? 195 ALA A CB  1 
ATOM   1333 N N   . ALA A 1 196 ? -2.895  -7.003  -14.254 1.00 15.86 ? 196 ALA A N   1 
ATOM   1334 C CA  . ALA A 1 196 ? -2.354  -5.655  -14.227 1.00 17.71 ? 196 ALA A CA  1 
ATOM   1335 C C   . ALA A 1 196 ? -1.999  -5.298  -15.668 1.00 16.63 ? 196 ALA A C   1 
ATOM   1336 O O   . ALA A 1 196 ? -1.446  -6.131  -16.390 1.00 18.55 ? 196 ALA A O   1 
ATOM   1337 C CB  . ALA A 1 196 ? -1.092  -5.611  -13.361 1.00 15.58 ? 196 ALA A CB  1 
ATOM   1338 N N   . TRP A 1 197 ? -2.306  -4.066  -16.066 1.00 16.51 ? 197 TRP A N   1 
ATOM   1339 C CA  . TRP A 1 197 ? -2.027  -3.569  -17.420 1.00 15.87 ? 197 TRP A CA  1 
ATOM   1340 C C   . TRP A 1 197 ? -1.229  -2.259  -17.321 1.00 14.66 ? 197 TRP A C   1 
ATOM   1341 O O   . TRP A 1 197 ? -1.679  -1.294  -16.702 1.00 15.82 ? 197 TRP A O   1 
ATOM   1342 C CB  . TRP A 1 197 ? -3.355  -3.321  -18.186 1.00 14.29 ? 197 TRP A CB  1 
ATOM   1343 C CG  . TRP A 1 197 ? -4.276  -4.537  -18.297 1.00 13.45 ? 197 TRP A CG  1 
ATOM   1344 C CD1 . TRP A 1 197 ? -4.847  -5.244  -17.265 1.00 15.45 ? 197 TRP A CD1 1 
ATOM   1345 C CD2 . TRP A 1 197 ? -4.704  -5.185  -19.506 1.00 12.94 ? 197 TRP A CD2 1 
ATOM   1346 N NE1 . TRP A 1 197 ? -5.596  -6.294  -17.760 1.00 14.64 ? 197 TRP A NE1 1 
ATOM   1347 C CE2 . TRP A 1 197 ? -5.526  -6.278  -19.132 1.00 14.74 ? 197 TRP A CE2 1 
ATOM   1348 C CE3 . TRP A 1 197 ? -4.472  -4.950  -20.875 1.00 12.80 ? 197 TRP A CE3 1 
ATOM   1349 C CZ2 . TRP A 1 197 ? -6.114  -7.135  -20.074 1.00 15.56 ? 197 TRP A CZ2 1 
ATOM   1350 C CZ3 . TRP A 1 197 ? -5.056  -5.796  -21.807 1.00 13.83 ? 197 TRP A CZ3 1 
ATOM   1351 C CH2 . TRP A 1 197 ? -5.865  -6.879  -21.402 1.00 15.32 ? 197 TRP A CH2 1 
ATOM   1352 N N   . LEU A 1 198 ? -0.048  -2.233  -17.925 1.00 13.36 ? 198 LEU A N   1 
ATOM   1353 C CA  . LEU A 1 198 ? 0.803   -1.054  -17.892 1.00 14.49 ? 198 LEU A CA  1 
ATOM   1354 C C   . LEU A 1 198 ? 0.842   -0.513  -19.310 1.00 14.27 ? 198 LEU A C   1 
ATOM   1355 O O   . LEU A 1 198 ? 1.189   -1.247  -20.233 1.00 17.06 ? 198 LEU A O   1 
ATOM   1356 C CB  . LEU A 1 198 ? 2.220   -1.441  -17.462 1.00 14.59 ? 198 LEU A CB  1 
ATOM   1357 C CG  . LEU A 1 198 ? 3.134   -0.475  -16.702 1.00 16.97 ? 198 LEU A CG  1 
ATOM   1358 C CD1 . LEU A 1 198 ? 4.535   -0.662  -17.213 1.00 14.90 ? 198 LEU A CD1 1 
ATOM   1359 C CD2 . LEU A 1 198 ? 2.687   0.968   -16.826 1.00 17.92 ? 198 LEU A CD2 1 
ATOM   1360 N N   . ASP A 1 199 ? 0.487   0.760   -19.472 1.00 14.36 ? 199 ASP A N   1 
ATOM   1361 C CA  . ASP A 1 199 ? 0.466   1.402   -20.779 1.00 14.64 ? 199 ASP A CA  1 
ATOM   1362 C C   . ASP A 1 199 ? -0.327  0.554   -21.762 1.00 14.63 ? 199 ASP A C   1 
ATOM   1363 O O   . ASP A 1 199 ? 0.085   0.366   -22.902 1.00 18.69 ? 199 ASP A O   1 
ATOM   1364 C CB  . ASP A 1 199 ? 1.894   1.583   -21.299 1.00 16.18 ? 199 ASP A CB  1 
ATOM   1365 C CG  . ASP A 1 199 ? 2.759   2.432   -20.376 1.00 19.72 ? 199 ASP A CG  1 
ATOM   1366 O OD1 . ASP A 1 199 ? 2.236   3.386   -19.761 1.00 17.73 ? 199 ASP A OD1 1 
ATOM   1367 O OD2 . ASP A 1 199 ? 3.972   2.148   -20.269 1.00 22.11 ? 199 ASP A OD2 1 
ATOM   1368 N N   . GLY A 1 200 ? -1.455  0.016   -21.314 1.00 13.37 ? 200 GLY A N   1 
ATOM   1369 C CA  . GLY A 1 200 ? -2.284  -0.792  -22.185 1.00 12.79 ? 200 GLY A CA  1 
ATOM   1370 C C   . GLY A 1 200 ? -1.793  -2.187  -22.515 1.00 14.84 ? 200 GLY A C   1 
ATOM   1371 O O   . GLY A 1 200 ? -2.403  -2.868  -23.340 1.00 16.96 ? 200 GLY A O   1 
ATOM   1372 N N   . GLN A 1 201 ? -0.694  -2.622  -21.907 1.00 15.00 ? 201 GLN A N   1 
ATOM   1373 C CA  . GLN A 1 201 ? -0.177  -3.971  -22.149 1.00 16.01 ? 201 GLN A CA  1 
ATOM   1374 C C   . GLN A 1 201 ? -0.459  -4.809  -20.904 1.00 17.35 ? 201 GLN A C   1 
ATOM   1375 O O   . GLN A 1 201 ? -0.093  -4.406  -19.793 1.00 18.18 ? 201 GLN A O   1 
ATOM   1376 C CB  . GLN A 1 201 ? 1.341   -3.959  -22.392 1.00 17.62 ? 201 GLN A CB  1 
ATOM   1377 C CG  . GLN A 1 201 ? 1.832   -2.887  -23.355 1.00 17.36 ? 201 GLN A CG  1 
ATOM   1378 C CD  . GLN A 1 201 ? 1.357   -3.148  -24.765 1.00 19.95 ? 201 GLN A CD  1 
ATOM   1379 O OE1 . GLN A 1 201 ? 1.055   -2.222  -25.507 1.00 25.99 ? 201 GLN A OE1 1 
ATOM   1380 N NE2 . GLN A 1 201 ? 1.271   -4.417  -25.136 1.00 18.69 ? 201 GLN A NE2 1 
ATOM   1381 N N   . ARG A 1 202 ? -1.099  -5.963  -21.094 1.00 15.32 ? 202 ARG A N   1 
ATOM   1382 C CA  . ARG A 1 202 ? -1.432  -6.878  -20.000 1.00 16.67 ? 202 ARG A CA  1 
ATOM   1383 C C   . ARG A 1 202 ? -0.142  -7.484  -19.490 1.00 19.76 ? 202 ARG A C   1 
ATOM   1384 O O   . ARG A 1 202 ? 0.573   -8.137  -20.251 1.00 21.12 ? 202 ARG A O   1 
ATOM   1385 C CB  . ARG A 1 202 ? -2.337  -7.992  -20.506 1.00 16.68 ? 202 ARG A CB  1 
ATOM   1386 C CG  . ARG A 1 202 ? -2.936  -8.846  -19.420 1.00 18.25 ? 202 ARG A CG  1 
ATOM   1387 C CD  . ARG A 1 202 ? -3.781  -9.963  -20.017 1.00 18.67 ? 202 ARG A CD  1 
ATOM   1388 N NE  . ARG A 1 202 ? -4.111  -10.957 -19.002 1.00 19.35 ? 202 ARG A NE  1 
ATOM   1389 C CZ  . ARG A 1 202 ? -5.319  -11.476 -18.828 1.00 22.35 ? 202 ARG A CZ  1 
ATOM   1390 N NH1 . ARG A 1 202 ? -6.322  -11.097 -19.604 1.00 20.94 ? 202 ARG A NH1 1 
ATOM   1391 N NH2 . ARG A 1 202 ? -5.535  -12.355 -17.857 1.00 23.59 ? 202 ARG A NH2 1 
ATOM   1392 N N   . LEU A 1 203 ? 0.168   -7.293  -18.213 1.00 20.40 ? 203 LEU A N   1 
ATOM   1393 C CA  . LEU A 1 203 ? 1.425   -7.824  -17.683 1.00 20.61 ? 203 LEU A CA  1 
ATOM   1394 C C   . LEU A 1 203 ? 1.337   -9.324  -17.371 1.00 21.17 ? 203 LEU A C   1 
ATOM   1395 O O   . LEU A 1 203 ? 0.248   -9.855  -17.102 1.00 18.52 ? 203 LEU A O   1 
ATOM   1396 C CB  . LEU A 1 203 ? 1.870   -7.022  -16.433 1.00 18.29 ? 203 LEU A CB  1 
ATOM   1397 C CG  . LEU A 1 203 ? 2.105   -5.512  -16.605 1.00 16.43 ? 203 LEU A CG  1 
ATOM   1398 C CD1 . LEU A 1 203 ? 2.458   -4.897  -15.258 1.00 13.02 ? 203 LEU A CD1 1 
ATOM   1399 C CD2 . LEU A 1 203 ? 3.217   -5.247  -17.614 1.00 15.86 ? 203 LEU A CD2 1 
ATOM   1400 N N   . PRO A 1 204 ? 2.489   -10.032 -17.434 1.00 23.18 ? 204 PRO A N   1 
ATOM   1401 C CA  . PRO A 1 204 ? 2.539   -11.474 -17.155 1.00 24.62 ? 204 PRO A CA  1 
ATOM   1402 C C   . PRO A 1 204 ? 2.486   -11.712 -15.658 1.00 24.96 ? 204 PRO A C   1 
ATOM   1403 O O   . PRO A 1 204 ? 2.758   -10.801 -14.872 1.00 24.86 ? 204 PRO A O   1 
ATOM   1404 C CB  . PRO A 1 204 ? 3.860   -11.918 -17.768 1.00 21.31 ? 204 PRO A CB  1 
ATOM   1405 C CG  . PRO A 1 204 ? 4.718   -10.734 -17.688 1.00 24.47 ? 204 PRO A CG  1 
ATOM   1406 C CD  . PRO A 1 204 ? 3.821   -9.504  -17.771 1.00 24.55 ? 204 PRO A CD  1 
ATOM   1407 N N   . PRO A 1 205 ? 2.158   -12.948 -15.240 1.00 28.02 ? 205 PRO A N   1 
ATOM   1408 C CA  . PRO A 1 205 ? 2.073   -13.260 -13.811 1.00 27.87 ? 205 PRO A CA  1 
ATOM   1409 C C   . PRO A 1 205 ? 3.199   -12.727 -12.939 1.00 28.43 ? 205 PRO A C   1 
ATOM   1410 O O   . PRO A 1 205 ? 2.988   -12.469 -11.762 1.00 31.61 ? 205 PRO A O   1 
ATOM   1411 C CB  . PRO A 1 205 ? 1.973   -14.779 -13.793 1.00 27.06 ? 205 PRO A CB  1 
ATOM   1412 C CG  . PRO A 1 205 ? 1.259   -15.086 -15.097 1.00 23.96 ? 205 PRO A CG  1 
ATOM   1413 C CD  . PRO A 1 205 ? 1.875   -14.136 -16.070 1.00 24.42 ? 205 PRO A CD  1 
ATOM   1414 N N   . GLN A 1 206 ? 4.384   -12.534 -13.499 1.00 30.26 ? 206 GLN A N   1 
ATOM   1415 C CA  . GLN A 1 206 ? 5.497   -12.035 -12.700 1.00 31.12 ? 206 GLN A CA  1 
ATOM   1416 C C   . GLN A 1 206 ? 5.601   -10.514 -12.704 1.00 29.60 ? 206 GLN A C   1 
ATOM   1417 O O   . GLN A 1 206 ? 6.538   -9.954  -12.131 1.00 29.37 ? 206 GLN A O   1 
ATOM   1418 C CB  . GLN A 1 206 ? 6.828   -12.624 -13.184 1.00 37.27 ? 206 GLN A CB  1 
ATOM   1419 C CG  . GLN A 1 206 ? 6.703   -13.825 -14.113 1.00 46.69 ? 206 GLN A CG  1 
ATOM   1420 C CD  . GLN A 1 206 ? 6.763   -15.171 -13.380 1.00 52.56 ? 206 GLN A CD  1 
ATOM   1421 O OE1 . GLN A 1 206 ? 6.264   -16.195 -13.876 1.00 54.47 ? 206 GLN A OE1 1 
ATOM   1422 N NE2 . GLN A 1 206 ? 7.375   -15.173 -12.197 1.00 55.62 ? 206 GLN A NE2 1 
ATOM   1423 N N   . GLY A 1 207 ? 4.651   -9.838  -13.345 1.00 27.53 ? 207 GLY A N   1 
ATOM   1424 C CA  . GLY A 1 207 ? 4.709   -8.391  -13.372 1.00 25.41 ? 207 GLY A CA  1 
ATOM   1425 C C   . GLY A 1 207 ? 5.552   -7.830  -14.500 1.00 26.24 ? 207 GLY A C   1 
ATOM   1426 O O   . GLY A 1 207 ? 6.001   -8.563  -15.372 1.00 27.04 ? 207 GLY A O   1 
ATOM   1427 N N   . TYR A 1 208 ? 5.779   -6.523  -14.465 1.00 25.57 ? 208 TYR A N   1 
ATOM   1428 C CA  . TYR A 1 208 ? 6.533   -5.835  -15.495 1.00 29.23 ? 208 TYR A CA  1 
ATOM   1429 C C   . TYR A 1 208 ? 8.008   -6.191  -15.568 1.00 32.95 ? 208 TYR A C   1 
ATOM   1430 O O   . TYR A 1 208 ? 8.733   -6.092  -14.583 1.00 33.28 ? 208 TYR A O   1 
ATOM   1431 C CB  . TYR A 1 208 ? 6.397   -4.336  -15.309 1.00 28.58 ? 208 TYR A CB  1 
ATOM   1432 C CG  . TYR A 1 208 ? 7.210   -3.564  -16.300 1.00 32.65 ? 208 TYR A CG  1 
ATOM   1433 C CD1 . TYR A 1 208 ? 6.750   -3.355  -17.596 1.00 33.41 ? 208 TYR A CD1 1 
ATOM   1434 C CD2 . TYR A 1 208 ? 8.456   -3.064  -15.954 1.00 34.91 ? 208 TYR A CD2 1 
ATOM   1435 C CE1 . TYR A 1 208 ? 7.519   -2.669  -18.523 1.00 35.09 ? 208 TYR A CE1 1 
ATOM   1436 C CE2 . TYR A 1 208 ? 9.230   -2.378  -16.872 1.00 36.67 ? 208 TYR A CE2 1 
ATOM   1437 C CZ  . TYR A 1 208 ? 8.758   -2.186  -18.152 1.00 35.37 ? 208 TYR A CZ  1 
ATOM   1438 O OH  . TYR A 1 208 ? 9.545   -1.524  -19.057 1.00 37.23 ? 208 TYR A OH  1 
ATOM   1439 N N   . ALA A 1 209 ? 8.463   -6.570  -16.754 1.00 37.10 ? 209 ALA A N   1 
ATOM   1440 C CA  . ALA A 1 209 ? 9.862   -6.939  -16.924 1.00 41.82 ? 209 ALA A CA  1 
ATOM   1441 C C   . ALA A 1 209 ? 10.545  -6.131  -18.031 1.00 44.88 ? 209 ALA A C   1 
ATOM   1442 O O   . ALA A 1 209 ? 11.581  -5.482  -17.736 1.00 47.21 ? 209 ALA A O   1 
ATOM   1443 C CB  . ALA A 1 209 ? 9.970   -8.442  -17.208 1.00 40.88 ? 209 ALA A CB  1 
HETATM 1444 P P   . PO4 B 2 .   ? 6.695   -0.336  7.572   1.00 21.86 ? 221 PO4 A P   1 
HETATM 1445 O O1  . PO4 B 2 .   ? 6.328   0.312   6.255   1.00 22.14 ? 221 PO4 A O1  1 
HETATM 1446 O O2  . PO4 B 2 .   ? 6.610   -1.825  7.330   1.00 25.11 ? 221 PO4 A O2  1 
HETATM 1447 O O3  . PO4 B 2 .   ? 5.442   -0.097  8.384   1.00 23.41 ? 221 PO4 A O3  1 
HETATM 1448 O O4  . PO4 B 2 .   ? 7.905   0.368   8.143   1.00 22.04 ? 221 PO4 A O4  1 
HETATM 1449 O O   . HOH C 3 .   ? 0.590   -12.132 -10.629 1.00 20.32 ? 501 HOH A O   1 
HETATM 1450 O O   . HOH C 3 .   ? -2.805  0.222   -18.727 1.00 13.37 ? 502 HOH A O   1 
HETATM 1451 O O   . HOH C 3 .   ? 4.124   2.061   5.798   1.00 19.67 ? 503 HOH A O   1 
HETATM 1452 O O   . HOH C 3 .   ? 2.745   0.006   8.722   1.00 13.16 ? 504 HOH A O   1 
HETATM 1453 O O   . HOH C 3 .   ? -7.558  -0.150  -12.172 1.00 19.32 ? 505 HOH A O   1 
HETATM 1454 O O   . HOH C 3 .   ? -4.972  -2.618  -24.330 1.00 13.43 ? 506 HOH A O   1 
HETATM 1455 O O   . HOH C 3 .   ? -3.966  4.499   -13.460 1.00 15.03 ? 507 HOH A O   1 
HETATM 1456 O O   . HOH C 3 .   ? -12.744 -6.078  13.796  1.00 16.94 ? 508 HOH A O   1 
HETATM 1457 O O   . HOH C 3 .   ? -1.973  -6.959  -23.732 1.00 17.43 ? 509 HOH A O   1 
HETATM 1458 O O   . HOH C 3 .   ? 2.878   9.949   -11.064 1.00 21.48 ? 510 HOH A O   1 
HETATM 1459 O O   . HOH C 3 .   ? -3.569  2.770   -18.894 1.00 16.10 ? 511 HOH A O   1 
HETATM 1460 O O   . HOH C 3 .   ? -15.234 8.738   -1.993  1.00 17.01 ? 512 HOH A O   1 
HETATM 1461 O O   . HOH C 3 .   ? -7.268  -3.675  -6.677  1.00 17.09 ? 513 HOH A O   1 
HETATM 1462 O O   . HOH C 3 .   ? 1.354   14.372  -0.093  1.00 22.82 ? 514 HOH A O   1 
HETATM 1463 O O   . HOH C 3 .   ? -4.453  -6.030  5.021   1.00 20.03 ? 515 HOH A O   1 
HETATM 1464 O O   . HOH C 3 .   ? -18.166 8.239   3.284   1.00 27.82 ? 516 HOH A O   1 
HETATM 1465 O O   . HOH C 3 .   ? 10.615  8.124   -1.647  1.00 24.72 ? 517 HOH A O   1 
HETATM 1466 O O   . HOH C 3 .   ? -7.210  -8.934  11.637  1.00 30.71 ? 518 HOH A O   1 
HETATM 1467 O O   . HOH C 3 .   ? -12.898 0.831   -6.992  1.00 20.09 ? 519 HOH A O   1 
HETATM 1468 O O   . HOH C 3 .   ? -1.006  -9.284  -14.739 1.00 21.63 ? 520 HOH A O   1 
HETATM 1469 O O   . HOH C 3 .   ? -14.245 -5.139  15.811  1.00 19.02 ? 521 HOH A O   1 
HETATM 1470 O O   . HOH C 3 .   ? 3.970   -2.373  -20.256 1.00 22.52 ? 522 HOH A O   1 
HETATM 1471 O O   . HOH C 3 .   ? 0.779   -9.988  -12.915 1.00 23.67 ? 523 HOH A O   1 
HETATM 1472 O O   . HOH C 3 .   ? -19.514 -0.985  16.672  1.00 23.06 ? 524 HOH A O   1 
HETATM 1473 O O   . HOH C 3 .   ? 6.861   7.513   -12.919 1.00 21.92 ? 525 HOH A O   1 
HETATM 1474 O O   . HOH C 3 .   ? -10.897 15.810  -3.238  1.00 23.84 ? 526 HOH A O   1 
HETATM 1475 O O   . HOH C 3 .   ? 0.224   -8.485  -2.173  1.00 22.35 ? 527 HOH A O   1 
HETATM 1476 O O   . HOH C 3 .   ? -0.320  -4.511  3.897   1.00 18.33 ? 528 HOH A O   1 
HETATM 1477 O O   . HOH C 3 .   ? 2.076   0.336   -24.631 1.00 23.08 ? 529 HOH A O   1 
HETATM 1478 O O   . HOH C 3 .   ? -9.137  5.096   -9.143  1.00 16.37 ? 530 HOH A O   1 
HETATM 1479 O O   . HOH C 3 .   ? -19.623 1.875   4.956   1.00 20.16 ? 531 HOH A O   1 
HETATM 1480 O O   . HOH C 3 .   ? 7.219   2.767   -0.168  1.00 15.71 ? 532 HOH A O   1 
HETATM 1481 O O   . HOH C 3 .   ? -18.915 5.198   1.391   1.00 21.84 ? 533 HOH A O   1 
HETATM 1482 O O   . HOH C 3 .   ? 0.343   5.007   -21.031 1.00 29.64 ? 534 HOH A O   1 
HETATM 1483 O O   . HOH C 3 .   ? -7.495  -3.056  15.454  1.00 22.69 ? 535 HOH A O   1 
HETATM 1484 O O   . HOH C 3 .   ? 5.678   -1.992  10.646  1.00 25.65 ? 536 HOH A O   1 
HETATM 1485 O O   . HOH C 3 .   ? -8.129  -4.225  18.935  1.00 30.33 ? 537 HOH A O   1 
HETATM 1486 O O   . HOH C 3 .   ? -11.285 -4.894  5.691   1.00 32.09 ? 538 HOH A O   1 
HETATM 1487 O O   . HOH C 3 .   ? 7.892   -6.830  -11.955 1.00 44.03 ? 539 HOH A O   1 
HETATM 1488 O O   . HOH C 3 .   ? -7.707  -4.975  13.078  1.00 20.94 ? 540 HOH A O   1 
HETATM 1489 O O   . HOH C 3 .   ? -17.477 10.043  -2.327  1.00 18.59 ? 541 HOH A O   1 
HETATM 1490 O O   . HOH C 3 .   ? -10.059 2.836   -10.434 1.00 24.96 ? 542 HOH A O   1 
HETATM 1491 O O   . HOH C 3 .   ? -1.327  -13.111 -12.349 1.00 21.60 ? 543 HOH A O   1 
HETATM 1492 O O   . HOH C 3 .   ? 3.164   -3.360  10.025  1.00 21.74 ? 544 HOH A O   1 
HETATM 1493 O O   . HOH C 3 .   ? 5.187   7.304   -14.884 1.00 26.53 ? 545 HOH A O   1 
HETATM 1494 O O   . HOH C 3 .   ? 0.374   -7.605  -25.037 1.00 23.71 ? 546 HOH A O   1 
HETATM 1495 O O   . HOH C 3 .   ? -11.175 6.904   -8.535  1.00 27.78 ? 547 HOH A O   1 
HETATM 1496 O O   . HOH C 3 .   ? -1.629  -11.970 -14.624 1.00 33.76 ? 548 HOH A O   1 
HETATM 1497 O O   . HOH C 3 .   ? -8.384  8.905   15.095  1.00 24.74 ? 549 HOH A O   1 
HETATM 1498 O O   . HOH C 3 .   ? -8.155  1.019   -19.148 1.00 27.53 ? 550 HOH A O   1 
HETATM 1499 O O   . HOH C 3 .   ? 4.637   -0.520  -23.863 1.00 24.03 ? 551 HOH A O   1 
HETATM 1500 O O   . HOH C 3 .   ? -10.482 -9.227  -10.168 1.00 23.47 ? 552 HOH A O   1 
HETATM 1501 O O   . HOH C 3 .   ? -9.627  14.143  -0.553  1.00 21.15 ? 553 HOH A O   1 
HETATM 1502 O O   . HOH C 3 .   ? -4.353  15.829  4.950   1.00 26.52 ? 554 HOH A O   1 
HETATM 1503 O O   . HOH C 3 .   ? -18.786 -1.423  -3.006  1.00 30.12 ? 555 HOH A O   1 
HETATM 1504 O O   . HOH C 3 .   ? -3.993  -0.396  19.350  1.00 29.44 ? 556 HOH A O   1 
HETATM 1505 O O   . HOH C 3 .   ? -6.611  4.686   -12.940 1.00 31.72 ? 557 HOH A O   1 
HETATM 1506 O O   . HOH C 3 .   ? 5.278   10.948  -12.706 1.00 34.40 ? 558 HOH A O   1 
HETATM 1507 O O   . HOH C 3 .   ? -5.047  8.813   14.744  1.00 28.93 ? 559 HOH A O   1 
HETATM 1508 O O   . HOH C 3 .   ? 4.926   -1.454  4.432   1.00 33.66 ? 561 HOH A O   1 
HETATM 1509 O O   . HOH C 3 .   ? -9.341  15.789  7.418   1.00 32.89 ? 562 HOH A O   1 
HETATM 1510 O O   . HOH C 3 .   ? -7.124  6.753   -11.171 1.00 40.40 ? 563 HOH A O   1 
HETATM 1511 O O   . HOH C 3 .   ? -11.357 3.119   17.256  1.00 26.05 ? 564 HOH A O   1 
HETATM 1512 O O   . HOH C 3 .   ? 18.038  -3.097  -1.695  1.00 27.69 ? 565 HOH A O   1 
HETATM 1513 O O   . HOH C 3 .   ? -19.894 0.882   11.745  1.00 22.51 ? 566 HOH A O   1 
HETATM 1514 O O   . HOH C 3 .   ? 4.903   -5.103  -20.635 1.00 33.84 ? 567 HOH A O   1 
HETATM 1515 O O   . HOH C 3 .   ? 28.215  -14.995 -0.540  1.00 37.59 ? 568 HOH A O   1 
HETATM 1516 O O   . HOH C 3 .   ? -1.570  -11.743 -17.466 1.00 28.10 ? 569 HOH A O   1 
HETATM 1517 O O   . HOH C 3 .   ? -8.315  2.573   -12.302 1.00 29.92 ? 570 HOH A O   1 
HETATM 1518 O O   . HOH C 3 .   ? -17.956 -6.174  6.125   1.00 33.64 ? 571 HOH A O   1 
HETATM 1519 O O   . HOH C 3 .   ? 5.442   -13.826 -16.304 1.00 39.51 ? 572 HOH A O   1 
HETATM 1520 O O   . HOH C 3 .   ? 3.790   -2.840  17.462  1.00 40.61 ? 573 HOH A O   1 
HETATM 1521 O O   . HOH C 3 .   ? 5.246   -0.036  -21.124 1.00 34.17 ? 574 HOH A O   1 
HETATM 1522 O O   . HOH C 3 .   ? 2.208   7.753   16.967  1.00 36.83 ? 575 HOH A O   1 
HETATM 1523 O O   . HOH C 3 .   ? 15.174  3.079   -2.035  1.00 33.87 ? 576 HOH A O   1 
HETATM 1524 O O   . HOH C 3 .   ? -10.035 10.587  14.491  1.00 39.47 ? 577 HOH A O   1 
HETATM 1525 O O   . HOH C 3 .   ? -0.409  3.103   22.785  1.00 42.71 ? 578 HOH A O   1 
HETATM 1526 O O   . HOH C 3 .   ? 6.965   12.801  7.853   1.00 28.34 ? 579 HOH A O   1 
HETATM 1527 O O   . HOH C 3 .   ? -0.117  4.159   -24.137 1.00 35.56 ? 580 HOH A O   1 
HETATM 1528 O O   . HOH C 3 .   ? -16.028 14.496  2.262   1.00 40.25 ? 581 HOH A O   1 
HETATM 1529 O O   . HOH C 3 .   ? -2.800  15.600  -6.873  1.00 36.96 ? 582 HOH A O   1 
HETATM 1530 O O   . HOH C 3 .   ? -11.982 -9.259  -6.092  1.00 34.97 ? 583 HOH A O   1 
HETATM 1531 O O   . HOH C 3 .   ? -12.508 -6.704  -15.739 1.00 36.89 ? 585 HOH A O   1 
HETATM 1532 O O   . HOH C 3 .   ? 11.495  5.302   4.323   1.00 34.25 ? 586 HOH A O   1 
HETATM 1533 O O   . HOH C 3 .   ? 1.298   -8.425  -22.874 1.00 42.90 ? 587 HOH A O   1 
HETATM 1534 O O   . HOH C 3 .   ? -14.226 -8.367  -5.388  1.00 40.01 ? 588 HOH A O   1 
HETATM 1535 O O   . HOH C 3 .   ? -11.037 -7.256  -7.742  1.00 37.56 ? 589 HOH A O   1 
HETATM 1536 O O   . HOH C 3 .   ? 6.599   -6.983  -18.743 1.00 35.70 ? 590 HOH A O   1 
HETATM 1537 O O   . HOH C 3 .   ? 4.415   16.280  2.565   1.00 29.34 ? 591 HOH A O   1 
HETATM 1538 O O   . HOH C 3 .   ? 16.579  -0.038  5.343   1.00 28.89 ? 592 HOH A O   1 
HETATM 1539 O O   . HOH C 3 .   ? -11.597 0.975   -9.861  1.00 26.80 ? 593 HOH A O   1 
HETATM 1540 O O   . HOH C 3 .   ? -3.288  6.331   17.545  1.00 29.47 ? 594 HOH A O   1 
HETATM 1541 O O   . HOH C 3 .   ? -14.533 -8.416  16.103  1.00 32.45 ? 595 HOH A O   1 
HETATM 1542 O O   . HOH C 3 .   ? -19.004 -9.163  11.452  1.00 19.48 ? 596 HOH A O   1 
HETATM 1543 O O   . HOH C 3 .   ? -7.024  -2.929  21.856  1.00 40.57 ? 597 HOH A O   1 
HETATM 1544 O O   . HOH C 3 .   ? -6.235  2.495   -19.853 1.00 34.52 ? 598 HOH A O   1 
HETATM 1545 O O   . HOH C 3 .   ? -2.306  3.745   -21.249 1.00 26.55 ? 599 HOH A O   1 
HETATM 1546 O O   . HOH C 3 .   ? 12.258  8.479   0.816   1.00 35.29 ? 600 HOH A O   1 
HETATM 1547 O O   . HOH C 3 .   ? -0.491  15.826  1.710   1.00 38.65 ? 601 HOH A O   1 
HETATM 1548 O O   . HOH C 3 .   ? 11.888  10.318  -2.647  1.00 43.56 ? 602 HOH A O   1 
HETATM 1549 O O   . HOH C 3 .   ? 11.656  6.014   -3.180  1.00 47.27 ? 603 HOH A O   1 
HETATM 1550 O O   . HOH C 3 .   ? 17.325  -14.108 -2.548  1.00 40.30 ? 604 HOH A O   1 
HETATM 1551 O O   . HOH C 3 .   ? -1.832  12.998  -11.391 1.00 42.56 ? 605 HOH A O   1 
HETATM 1552 O O   . HOH C 3 .   ? -22.505 -0.506  12.150  1.00 39.44 ? 606 HOH A O   1 
HETATM 1553 O O   . HOH C 3 .   ? -14.375 -9.167  -2.955  1.00 32.64 ? 608 HOH A O   1 
HETATM 1554 O O   . HOH C 3 .   ? 5.802   7.898   19.131  1.00 38.74 ? 609 HOH A O   1 
HETATM 1555 O O   . HOH C 3 .   ? -11.337 7.590   13.345  1.00 42.89 ? 610 HOH A O   1 
HETATM 1556 O O   . HOH C 3 .   ? 19.318  -5.294  -3.219  1.00 36.90 ? 611 HOH A O   1 
HETATM 1557 O O   . HOH C 3 .   ? 5.297   -4.086  5.090   1.00 45.07 ? 612 HOH A O   1 
HETATM 1558 O O   . HOH C 3 .   ? 13.086  12.275  -1.676  1.00 41.73 ? 613 HOH A O   1 
HETATM 1559 O O   . HOH C 3 .   ? -4.505  18.055  8.461   1.00 40.09 ? 614 HOH A O   1 
HETATM 1560 O O   . HOH C 3 .   ? 11.359  5.090   -6.813  1.00 47.53 ? 615 HOH A O   1 
HETATM 1561 O O   . HOH C 3 .   ? 8.718   -8.785  -12.402 1.00 55.03 ? 616 HOH A O   1 
HETATM 1562 O O   . HOH C 3 .   ? 8.179   2.168   -18.391 1.00 43.08 ? 617 HOH A O   1 
HETATM 1563 O O   . HOH C 3 .   ? -11.037 -7.970  -12.346 1.00 37.67 ? 618 HOH A O   1 
HETATM 1564 O O   . HOH C 3 .   ? 10.666  -11.413 -5.601  1.00 38.28 ? 619 HOH A O   1 
HETATM 1565 O O   . HOH C 3 .   ? -1.181  -12.668 -4.956  1.00 52.66 ? 620 HOH A O   1 
HETATM 1566 O O   . HOH C 3 .   ? -19.863 4.194   3.333   1.00 41.42 ? 621 HOH A O   1 
HETATM 1567 O O   . HOH C 3 .   ? 3.916   14.524  0.581   1.00 33.02 ? 622 HOH A O   1 
HETATM 1568 O O   . HOH C 3 .   ? -2.531  16.022  3.010   1.00 44.21 ? 624 HOH A O   1 
HETATM 1569 O O   . HOH C 3 .   ? -18.388 -4.018  -1.217  1.00 43.49 ? 625 HOH A O   1 
HETATM 1570 O O   . HOH C 3 .   ? -2.483  14.967  11.349  1.00 33.88 ? 626 HOH A O   1 
HETATM 1571 O O   . HOH C 3 .   ? -1.636  -15.679 -12.341 1.00 41.86 ? 627 HOH A O   1 
HETATM 1572 O O   . HOH C 3 .   ? -3.759  -13.055 -10.697 1.00 52.27 ? 628 HOH A O   1 
# 
